data_4IDL
# 
_entry.id   4IDL 
# 
_audit_conform.dict_name       mmcif_pdbx.dic 
_audit_conform.dict_version    5.397 
_audit_conform.dict_location   http://mmcif.pdb.org/dictionaries/ascii/mmcif_pdbx.dic 
# 
loop_
_database_2.database_id 
_database_2.database_code 
_database_2.pdbx_database_accession 
_database_2.pdbx_DOI 
PDB   4IDL         pdb_00004idl 10.2210/pdb4idl/pdb 
RCSB  RCSB076618   ?            ?                   
WWPDB D_1000076618 ?            ?                   
# 
loop_
_pdbx_audit_revision_history.ordinal 
_pdbx_audit_revision_history.data_content_type 
_pdbx_audit_revision_history.major_revision 
_pdbx_audit_revision_history.minor_revision 
_pdbx_audit_revision_history.revision_date 
1 'Structure model' 1 0 2013-02-13 
2 'Structure model' 1 1 2013-02-20 
3 'Structure model' 1 2 2023-09-20 
4 'Structure model' 1 3 2024-10-09 
# 
_pdbx_audit_revision_details.ordinal             1 
_pdbx_audit_revision_details.revision_ordinal    1 
_pdbx_audit_revision_details.data_content_type   'Structure model' 
_pdbx_audit_revision_details.provider            repository 
_pdbx_audit_revision_details.type                'Initial release' 
_pdbx_audit_revision_details.description         ? 
_pdbx_audit_revision_details.details             ? 
# 
loop_
_pdbx_audit_revision_group.ordinal 
_pdbx_audit_revision_group.revision_ordinal 
_pdbx_audit_revision_group.data_content_type 
_pdbx_audit_revision_group.group 
1 2 'Structure model' 'Database references'    
2 3 'Structure model' 'Data collection'        
3 3 'Structure model' 'Database references'    
4 3 'Structure model' 'Refinement description' 
5 4 'Structure model' 'Structure summary'      
# 
loop_
_pdbx_audit_revision_category.ordinal 
_pdbx_audit_revision_category.revision_ordinal 
_pdbx_audit_revision_category.data_content_type 
_pdbx_audit_revision_category.category 
1 3 'Structure model' chem_comp_atom                
2 3 'Structure model' chem_comp_bond                
3 3 'Structure model' database_2                    
4 3 'Structure model' pdbx_initial_refinement_model 
5 4 'Structure model' pdbx_entry_details            
6 4 'Structure model' pdbx_modification_feature     
# 
loop_
_pdbx_audit_revision_item.ordinal 
_pdbx_audit_revision_item.revision_ordinal 
_pdbx_audit_revision_item.data_content_type 
_pdbx_audit_revision_item.item 
1 3 'Structure model' '_database_2.pdbx_DOI'                
2 3 'Structure model' '_database_2.pdbx_database_accession' 
# 
_pdbx_database_status.status_code                     REL 
_pdbx_database_status.entry_id                        4IDL 
_pdbx_database_status.recvd_initial_deposition_date   2012-12-12 
_pdbx_database_status.deposit_site                    RCSB 
_pdbx_database_status.process_site                    RCSB 
_pdbx_database_status.status_code_sf                  REL 
_pdbx_database_status.status_code_mr                  ? 
_pdbx_database_status.SG_entry                        ? 
_pdbx_database_status.status_code_cs                  ? 
_pdbx_database_status.methods_development_category    ? 
_pdbx_database_status.pdb_format_compatible           Y 
_pdbx_database_status.status_code_nmr_data            ? 
# 
loop_
_audit_author.name 
_audit_author.pdbx_ordinal 
'Legler, P.M.' 1 
'Lam, A.'      2 
'Hol, W.G.J.'  3 
# 
_citation.id                        primary 
_citation.title                     'Structure of a low-melting-temperature anti-cholera toxin: llama V(H)H domain.' 
_citation.journal_abbrev            'Acta Crystallogr.,Sect.F' 
_citation.journal_volume            69 
_citation.page_first                90 
_citation.page_last                 93 
_citation.year                      2013 
_citation.journal_id_ASTM           ? 
_citation.country                   DK 
_citation.journal_id_ISSN           1744-3091 
_citation.journal_id_CSD            ? 
_citation.book_publisher            ? 
_citation.pdbx_database_id_PubMed   23385744 
_citation.pdbx_database_id_DOI      10.1107/S1744309112050750 
# 
loop_
_citation_author.citation_id 
_citation_author.name 
_citation_author.ordinal 
_citation_author.identifier_ORCID 
primary 'Legler, P.M.'   1 ? 
primary 'Zabetakis, D.'  2 ? 
primary 'Anderson, G.P.' 3 ? 
primary 'Lam, A.'        4 ? 
primary 'Hol, W.G.'      5 ? 
primary 'Goldman, E.R.'  6 ? 
# 
loop_
_entity.id 
_entity.type 
_entity.src_method 
_entity.pdbx_description 
_entity.formula_weight 
_entity.pdbx_number_of_molecules 
_entity.pdbx_ec 
_entity.pdbx_mutation 
_entity.pdbx_fragment 
_entity.details 
1 polymer man 'Single Domain Antibody VHH A9' 14895.435 1  ? ? ? ? 
2 water   nat water                           18.015    59 ? ? ? ? 
# 
_entity_poly.entity_id                      1 
_entity_poly.type                           'polypeptide(L)' 
_entity_poly.nstd_linkage                   no 
_entity_poly.nstd_monomer                   no 
_entity_poly.pdbx_seq_one_letter_code       
;MAKVQLQQSGGGAVQTGGSLKLTCLASGNTASIRAMGWYRRAPGKQREWVASLTTTGTADYGDFVKGRFTISRDNANNAA
TLQMDSLKPEDTAVYYCNADGRRFDGARWREYESWGQGTQVTISSAAALEHHHHHH
;
_entity_poly.pdbx_seq_one_letter_code_can   
;MAKVQLQQSGGGAVQTGGSLKLTCLASGNTASIRAMGWYRRAPGKQREWVASLTTTGTADYGDFVKGRFTISRDNANNAA
TLQMDSLKPEDTAVYYCNADGRRFDGARWREYESWGQGTQVTISSAAALEHHHHHH
;
_entity_poly.pdbx_strand_id                 A 
_entity_poly.pdbx_target_identifier         ? 
# 
_pdbx_entity_nonpoly.entity_id   2 
_pdbx_entity_nonpoly.name        water 
_pdbx_entity_nonpoly.comp_id     HOH 
# 
loop_
_entity_poly_seq.entity_id 
_entity_poly_seq.num 
_entity_poly_seq.mon_id 
_entity_poly_seq.hetero 
1 1   MET n 
1 2   ALA n 
1 3   LYS n 
1 4   VAL n 
1 5   GLN n 
1 6   LEU n 
1 7   GLN n 
1 8   GLN n 
1 9   SER n 
1 10  GLY n 
1 11  GLY n 
1 12  GLY n 
1 13  ALA n 
1 14  VAL n 
1 15  GLN n 
1 16  THR n 
1 17  GLY n 
1 18  GLY n 
1 19  SER n 
1 20  LEU n 
1 21  LYS n 
1 22  LEU n 
1 23  THR n 
1 24  CYS n 
1 25  LEU n 
1 26  ALA n 
1 27  SER n 
1 28  GLY n 
1 29  ASN n 
1 30  THR n 
1 31  ALA n 
1 32  SER n 
1 33  ILE n 
1 34  ARG n 
1 35  ALA n 
1 36  MET n 
1 37  GLY n 
1 38  TRP n 
1 39  TYR n 
1 40  ARG n 
1 41  ARG n 
1 42  ALA n 
1 43  PRO n 
1 44  GLY n 
1 45  LYS n 
1 46  GLN n 
1 47  ARG n 
1 48  GLU n 
1 49  TRP n 
1 50  VAL n 
1 51  ALA n 
1 52  SER n 
1 53  LEU n 
1 54  THR n 
1 55  THR n 
1 56  THR n 
1 57  GLY n 
1 58  THR n 
1 59  ALA n 
1 60  ASP n 
1 61  TYR n 
1 62  GLY n 
1 63  ASP n 
1 64  PHE n 
1 65  VAL n 
1 66  LYS n 
1 67  GLY n 
1 68  ARG n 
1 69  PHE n 
1 70  THR n 
1 71  ILE n 
1 72  SER n 
1 73  ARG n 
1 74  ASP n 
1 75  ASN n 
1 76  ALA n 
1 77  ASN n 
1 78  ASN n 
1 79  ALA n 
1 80  ALA n 
1 81  THR n 
1 82  LEU n 
1 83  GLN n 
1 84  MET n 
1 85  ASP n 
1 86  SER n 
1 87  LEU n 
1 88  LYS n 
1 89  PRO n 
1 90  GLU n 
1 91  ASP n 
1 92  THR n 
1 93  ALA n 
1 94  VAL n 
1 95  TYR n 
1 96  TYR n 
1 97  CYS n 
1 98  ASN n 
1 99  ALA n 
1 100 ASP n 
1 101 GLY n 
1 102 ARG n 
1 103 ARG n 
1 104 PHE n 
1 105 ASP n 
1 106 GLY n 
1 107 ALA n 
1 108 ARG n 
1 109 TRP n 
1 110 ARG n 
1 111 GLU n 
1 112 TYR n 
1 113 GLU n 
1 114 SER n 
1 115 TRP n 
1 116 GLY n 
1 117 GLN n 
1 118 GLY n 
1 119 THR n 
1 120 GLN n 
1 121 VAL n 
1 122 THR n 
1 123 ILE n 
1 124 SER n 
1 125 SER n 
1 126 ALA n 
1 127 ALA n 
1 128 ALA n 
1 129 LEU n 
1 130 GLU n 
1 131 HIS n 
1 132 HIS n 
1 133 HIS n 
1 134 HIS n 
1 135 HIS n 
1 136 HIS n 
# 
_entity_src_gen.entity_id                          1 
_entity_src_gen.pdbx_src_id                        1 
_entity_src_gen.pdbx_alt_source_flag               sample 
_entity_src_gen.pdbx_seq_type                      ? 
_entity_src_gen.pdbx_beg_seq_num                   ? 
_entity_src_gen.pdbx_end_seq_num                   ? 
_entity_src_gen.gene_src_common_name               ? 
_entity_src_gen.gene_src_genus                     ? 
_entity_src_gen.pdbx_gene_src_gene                 ? 
_entity_src_gen.gene_src_species                   ? 
_entity_src_gen.gene_src_strain                    ? 
_entity_src_gen.gene_src_tissue                    ? 
_entity_src_gen.gene_src_tissue_fraction           ? 
_entity_src_gen.gene_src_details                   'VHH domain from Naive Semi-synthetic (Llama) Library, Periplasmic Expression' 
_entity_src_gen.pdbx_gene_src_fragment             ? 
_entity_src_gen.pdbx_gene_src_scientific_name      'Lama glama' 
_entity_src_gen.pdbx_gene_src_ncbi_taxonomy_id     9844 
_entity_src_gen.pdbx_gene_src_variant              ? 
_entity_src_gen.pdbx_gene_src_cell_line            ? 
_entity_src_gen.pdbx_gene_src_atcc                 ? 
_entity_src_gen.pdbx_gene_src_organ                ? 
_entity_src_gen.pdbx_gene_src_organelle            ? 
_entity_src_gen.pdbx_gene_src_cell                 ? 
_entity_src_gen.pdbx_gene_src_cellular_location    ? 
_entity_src_gen.host_org_common_name               ? 
_entity_src_gen.pdbx_host_org_scientific_name      'Escherichia coli' 
_entity_src_gen.pdbx_host_org_ncbi_taxonomy_id     562 
_entity_src_gen.host_org_genus                     ? 
_entity_src_gen.pdbx_host_org_gene                 ? 
_entity_src_gen.pdbx_host_org_organ                ? 
_entity_src_gen.host_org_species                   ? 
_entity_src_gen.pdbx_host_org_tissue               ? 
_entity_src_gen.pdbx_host_org_tissue_fraction      ? 
_entity_src_gen.pdbx_host_org_strain               'BL21(DE3)' 
_entity_src_gen.pdbx_host_org_variant              ? 
_entity_src_gen.pdbx_host_org_cell_line            ? 
_entity_src_gen.pdbx_host_org_atcc                 ? 
_entity_src_gen.pdbx_host_org_culture_collection   ? 
_entity_src_gen.pdbx_host_org_cell                 ? 
_entity_src_gen.pdbx_host_org_organelle            ? 
_entity_src_gen.pdbx_host_org_cellular_location    ? 
_entity_src_gen.pdbx_host_org_vector_type          plasmid 
_entity_src_gen.pdbx_host_org_vector               ? 
_entity_src_gen.host_org_details                   ? 
_entity_src_gen.expression_system_id               ? 
_entity_src_gen.plasmid_name                       pET22 
_entity_src_gen.plasmid_details                    ? 
_entity_src_gen.pdbx_description                   ? 
# 
loop_
_chem_comp.id 
_chem_comp.type 
_chem_comp.mon_nstd_flag 
_chem_comp.name 
_chem_comp.pdbx_synonyms 
_chem_comp.formula 
_chem_comp.formula_weight 
ALA 'L-peptide linking' y ALANINE         ? 'C3 H7 N O2'     89.093  
ARG 'L-peptide linking' y ARGININE        ? 'C6 H15 N4 O2 1' 175.209 
ASN 'L-peptide linking' y ASPARAGINE      ? 'C4 H8 N2 O3'    132.118 
ASP 'L-peptide linking' y 'ASPARTIC ACID' ? 'C4 H7 N O4'     133.103 
CYS 'L-peptide linking' y CYSTEINE        ? 'C3 H7 N O2 S'   121.158 
GLN 'L-peptide linking' y GLUTAMINE       ? 'C5 H10 N2 O3'   146.144 
GLU 'L-peptide linking' y 'GLUTAMIC ACID' ? 'C5 H9 N O4'     147.129 
GLY 'peptide linking'   y GLYCINE         ? 'C2 H5 N O2'     75.067  
HIS 'L-peptide linking' y HISTIDINE       ? 'C6 H10 N3 O2 1' 156.162 
HOH non-polymer         . WATER           ? 'H2 O'           18.015  
ILE 'L-peptide linking' y ISOLEUCINE      ? 'C6 H13 N O2'    131.173 
LEU 'L-peptide linking' y LEUCINE         ? 'C6 H13 N O2'    131.173 
LYS 'L-peptide linking' y LYSINE          ? 'C6 H15 N2 O2 1' 147.195 
MET 'L-peptide linking' y METHIONINE      ? 'C5 H11 N O2 S'  149.211 
PHE 'L-peptide linking' y PHENYLALANINE   ? 'C9 H11 N O2'    165.189 
PRO 'L-peptide linking' y PROLINE         ? 'C5 H9 N O2'     115.130 
SER 'L-peptide linking' y SERINE          ? 'C3 H7 N O3'     105.093 
THR 'L-peptide linking' y THREONINE       ? 'C4 H9 N O3'     119.119 
TRP 'L-peptide linking' y TRYPTOPHAN      ? 'C11 H12 N2 O2'  204.225 
TYR 'L-peptide linking' y TYROSINE        ? 'C9 H11 N O3'    181.189 
VAL 'L-peptide linking' y VALINE          ? 'C5 H11 N O2'    117.146 
# 
loop_
_pdbx_poly_seq_scheme.asym_id 
_pdbx_poly_seq_scheme.entity_id 
_pdbx_poly_seq_scheme.seq_id 
_pdbx_poly_seq_scheme.mon_id 
_pdbx_poly_seq_scheme.ndb_seq_num 
_pdbx_poly_seq_scheme.pdb_seq_num 
_pdbx_poly_seq_scheme.auth_seq_num 
_pdbx_poly_seq_scheme.pdb_mon_id 
_pdbx_poly_seq_scheme.auth_mon_id 
_pdbx_poly_seq_scheme.pdb_strand_id 
_pdbx_poly_seq_scheme.pdb_ins_code 
_pdbx_poly_seq_scheme.hetero 
A 1 1   MET 1   -1  ?   ?   ?   A . n 
A 1 2   ALA 2   0   ?   ?   ?   A . n 
A 1 3   LYS 3   1   1   LYS LYS A . n 
A 1 4   VAL 4   2   2   VAL VAL A . n 
A 1 5   GLN 5   3   3   GLN GLN A . n 
A 1 6   LEU 6   4   4   LEU LEU A . n 
A 1 7   GLN 7   5   5   GLN GLN A . n 
A 1 8   GLN 8   6   6   GLN GLN A . n 
A 1 9   SER 9   7   7   SER SER A . n 
A 1 10  GLY 10  8   8   GLY GLY A . n 
A 1 11  GLY 11  9   9   GLY GLY A . n 
A 1 12  GLY 12  10  10  GLY GLY A . n 
A 1 13  ALA 13  11  11  ALA ALA A . n 
A 1 14  VAL 14  12  12  VAL VAL A . n 
A 1 15  GLN 15  13  13  GLN GLN A . n 
A 1 16  THR 16  14  14  THR THR A . n 
A 1 17  GLY 17  15  15  GLY GLY A . n 
A 1 18  GLY 18  16  16  GLY GLY A . n 
A 1 19  SER 19  17  17  SER SER A . n 
A 1 20  LEU 20  18  18  LEU LEU A . n 
A 1 21  LYS 21  19  19  LYS LYS A . n 
A 1 22  LEU 22  20  20  LEU LEU A . n 
A 1 23  THR 23  21  21  THR THR A . n 
A 1 24  CYS 24  22  22  CYS CYS A . n 
A 1 25  LEU 25  23  23  LEU LEU A . n 
A 1 26  ALA 26  24  24  ALA ALA A . n 
A 1 27  SER 27  25  25  SER SER A . n 
A 1 28  GLY 28  26  26  GLY GLY A . n 
A 1 29  ASN 29  27  27  ASN ASN A . n 
A 1 30  THR 30  28  28  THR THR A . n 
A 1 31  ALA 31  29  29  ALA ALA A . n 
A 1 32  SER 32  30  30  SER SER A . n 
A 1 33  ILE 33  31  31  ILE ILE A . n 
A 1 34  ARG 34  32  32  ARG ARG A . n 
A 1 35  ALA 35  33  33  ALA ALA A . n 
A 1 36  MET 36  34  34  MET MET A . n 
A 1 37  GLY 37  35  35  GLY GLY A . n 
A 1 38  TRP 38  36  36  TRP TRP A . n 
A 1 39  TYR 39  37  37  TYR TYR A . n 
A 1 40  ARG 40  38  38  ARG ARG A . n 
A 1 41  ARG 41  39  39  ARG ARG A . n 
A 1 42  ALA 42  40  40  ALA ALA A . n 
A 1 43  PRO 43  41  41  PRO PRO A . n 
A 1 44  GLY 44  42  42  GLY GLY A . n 
A 1 45  LYS 45  43  43  LYS LYS A . n 
A 1 46  GLN 46  44  44  GLN GLN A . n 
A 1 47  ARG 47  45  45  ARG ARG A . n 
A 1 48  GLU 48  46  46  GLU GLU A . n 
A 1 49  TRP 49  47  47  TRP TRP A . n 
A 1 50  VAL 50  48  48  VAL VAL A . n 
A 1 51  ALA 51  49  49  ALA ALA A . n 
A 1 52  SER 52  50  50  SER SER A . n 
A 1 53  LEU 53  51  51  LEU LEU A . n 
A 1 54  THR 54  52  52  THR THR A . n 
A 1 55  THR 55  53  53  THR THR A . n 
A 1 56  THR 56  54  54  THR THR A . n 
A 1 57  GLY 57  55  55  GLY GLY A . n 
A 1 58  THR 58  56  56  THR THR A . n 
A 1 59  ALA 59  57  57  ALA ALA A . n 
A 1 60  ASP 60  58  58  ASP ASP A . n 
A 1 61  TYR 61  59  59  TYR TYR A . n 
A 1 62  GLY 62  60  60  GLY GLY A . n 
A 1 63  ASP 63  61  61  ASP ASP A . n 
A 1 64  PHE 64  62  62  PHE PHE A . n 
A 1 65  VAL 65  63  63  VAL VAL A . n 
A 1 66  LYS 66  64  64  LYS LYS A . n 
A 1 67  GLY 67  65  65  GLY GLY A . n 
A 1 68  ARG 68  66  66  ARG ARG A . n 
A 1 69  PHE 69  67  67  PHE PHE A . n 
A 1 70  THR 70  68  68  THR THR A . n 
A 1 71  ILE 71  69  69  ILE ILE A . n 
A 1 72  SER 72  70  70  SER SER A . n 
A 1 73  ARG 73  71  71  ARG ARG A . n 
A 1 74  ASP 74  72  72  ASP ASP A . n 
A 1 75  ASN 75  73  73  ASN ASN A . n 
A 1 76  ALA 76  74  74  ALA ALA A . n 
A 1 77  ASN 77  75  75  ASN ASN A . n 
A 1 78  ASN 78  76  76  ASN ASN A . n 
A 1 79  ALA 79  77  77  ALA ALA A . n 
A 1 80  ALA 80  78  78  ALA ALA A . n 
A 1 81  THR 81  79  79  THR THR A . n 
A 1 82  LEU 82  80  80  LEU LEU A . n 
A 1 83  GLN 83  81  81  GLN GLN A . n 
A 1 84  MET 84  82  82  MET MET A . n 
A 1 85  ASP 85  83  83  ASP ASP A . n 
A 1 86  SER 86  84  84  SER SER A . n 
A 1 87  LEU 87  85  85  LEU LEU A . n 
A 1 88  LYS 88  86  86  LYS LYS A . n 
A 1 89  PRO 89  87  87  PRO PRO A . n 
A 1 90  GLU 90  88  88  GLU GLU A . n 
A 1 91  ASP 91  89  89  ASP ASP A . n 
A 1 92  THR 92  90  90  THR THR A . n 
A 1 93  ALA 93  91  91  ALA ALA A . n 
A 1 94  VAL 94  92  92  VAL VAL A . n 
A 1 95  TYR 95  93  93  TYR TYR A . n 
A 1 96  TYR 96  94  94  TYR TYR A . n 
A 1 97  CYS 97  95  95  CYS CYS A . n 
A 1 98  ASN 98  96  96  ASN ASN A . n 
A 1 99  ALA 99  97  97  ALA ALA A . n 
A 1 100 ASP 100 98  98  ASP ASP A . n 
A 1 101 GLY 101 99  99  GLY GLY A . n 
A 1 102 ARG 102 100 100 ARG ARG A . n 
A 1 103 ARG 103 101 101 ARG ARG A . n 
A 1 104 PHE 104 102 102 PHE PHE A . n 
A 1 105 ASP 105 103 103 ASP ASP A . n 
A 1 106 GLY 106 104 104 GLY GLY A . n 
A 1 107 ALA 107 105 105 ALA ALA A . n 
A 1 108 ARG 108 106 106 ARG ARG A . n 
A 1 109 TRP 109 107 107 TRP TRP A . n 
A 1 110 ARG 110 108 108 ARG ARG A . n 
A 1 111 GLU 111 109 109 GLU GLU A . n 
A 1 112 TYR 112 110 110 TYR TYR A . n 
A 1 113 GLU 113 111 111 GLU GLU A . n 
A 1 114 SER 114 112 112 SER SER A . n 
A 1 115 TRP 115 113 113 TRP TRP A . n 
A 1 116 GLY 116 114 114 GLY GLY A . n 
A 1 117 GLN 117 115 115 GLN GLN A . n 
A 1 118 GLY 118 116 116 GLY GLY A . n 
A 1 119 THR 119 117 117 THR THR A . n 
A 1 120 GLN 120 118 118 GLN GLN A . n 
A 1 121 VAL 121 119 119 VAL VAL A . n 
A 1 122 THR 122 120 120 THR THR A . n 
A 1 123 ILE 123 121 121 ILE ILE A . n 
A 1 124 SER 124 122 122 SER SER A . n 
A 1 125 SER 125 123 123 SER SER A . n 
A 1 126 ALA 126 124 ?   ?   ?   A . n 
A 1 127 ALA 127 125 ?   ?   ?   A . n 
A 1 128 ALA 128 126 ?   ?   ?   A . n 
A 1 129 LEU 129 127 ?   ?   ?   A . n 
A 1 130 GLU 130 128 ?   ?   ?   A . n 
A 1 131 HIS 131 129 ?   ?   ?   A . n 
A 1 132 HIS 132 130 ?   ?   ?   A . n 
A 1 133 HIS 133 131 ?   ?   ?   A . n 
A 1 134 HIS 134 132 ?   ?   ?   A . n 
A 1 135 HIS 135 133 ?   ?   ?   A . n 
A 1 136 HIS 136 134 ?   ?   ?   A . n 
# 
loop_
_pdbx_nonpoly_scheme.asym_id 
_pdbx_nonpoly_scheme.entity_id 
_pdbx_nonpoly_scheme.mon_id 
_pdbx_nonpoly_scheme.ndb_seq_num 
_pdbx_nonpoly_scheme.pdb_seq_num 
_pdbx_nonpoly_scheme.auth_seq_num 
_pdbx_nonpoly_scheme.pdb_mon_id 
_pdbx_nonpoly_scheme.auth_mon_id 
_pdbx_nonpoly_scheme.pdb_strand_id 
_pdbx_nonpoly_scheme.pdb_ins_code 
B 2 HOH 1  201 1  HOH HOH A . 
B 2 HOH 2  202 2  HOH HOH A . 
B 2 HOH 3  203 3  HOH HOH A . 
B 2 HOH 4  204 4  HOH HOH A . 
B 2 HOH 5  205 5  HOH HOH A . 
B 2 HOH 6  206 6  HOH HOH A . 
B 2 HOH 7  207 7  HOH HOH A . 
B 2 HOH 8  208 8  HOH HOH A . 
B 2 HOH 9  209 9  HOH HOH A . 
B 2 HOH 10 210 10 HOH HOH A . 
B 2 HOH 11 211 11 HOH HOH A . 
B 2 HOH 12 212 12 HOH HOH A . 
B 2 HOH 13 213 13 HOH HOH A . 
B 2 HOH 14 214 14 HOH HOH A . 
B 2 HOH 15 215 16 HOH HOH A . 
B 2 HOH 16 216 17 HOH HOH A . 
B 2 HOH 17 217 18 HOH HOH A . 
B 2 HOH 18 218 19 HOH HOH A . 
B 2 HOH 19 219 20 HOH HOH A . 
B 2 HOH 20 220 21 HOH HOH A . 
B 2 HOH 21 221 22 HOH HOH A . 
B 2 HOH 22 222 23 HOH HOH A . 
B 2 HOH 23 223 24 HOH HOH A . 
B 2 HOH 24 224 25 HOH HOH A . 
B 2 HOH 25 225 26 HOH HOH A . 
B 2 HOH 26 226 27 HOH HOH A . 
B 2 HOH 27 227 28 HOH HOH A . 
B 2 HOH 28 228 29 HOH HOH A . 
B 2 HOH 29 229 30 HOH HOH A . 
B 2 HOH 30 230 31 HOH HOH A . 
B 2 HOH 31 231 32 HOH HOH A . 
B 2 HOH 32 232 34 HOH HOH A . 
B 2 HOH 33 233 35 HOH HOH A . 
B 2 HOH 34 234 36 HOH HOH A . 
B 2 HOH 35 235 37 HOH HOH A . 
B 2 HOH 36 236 38 HOH HOH A . 
B 2 HOH 37 237 39 HOH HOH A . 
B 2 HOH 38 238 40 HOH HOH A . 
B 2 HOH 39 239 41 HOH HOH A . 
B 2 HOH 40 240 42 HOH HOH A . 
B 2 HOH 41 241 43 HOH HOH A . 
B 2 HOH 42 242 44 HOH HOH A . 
B 2 HOH 43 243 45 HOH HOH A . 
B 2 HOH 44 244 46 HOH HOH A . 
B 2 HOH 45 245 47 HOH HOH A . 
B 2 HOH 46 246 48 HOH HOH A . 
B 2 HOH 47 247 49 HOH HOH A . 
B 2 HOH 48 248 50 HOH HOH A . 
B 2 HOH 49 249 51 HOH HOH A . 
B 2 HOH 50 250 52 HOH HOH A . 
B 2 HOH 51 251 53 HOH HOH A . 
B 2 HOH 52 252 54 HOH HOH A . 
B 2 HOH 53 253 55 HOH HOH A . 
B 2 HOH 54 254 56 HOH HOH A . 
B 2 HOH 55 255 57 HOH HOH A . 
B 2 HOH 56 256 58 HOH HOH A . 
B 2 HOH 57 257 59 HOH HOH A . 
B 2 HOH 58 258 60 HOH HOH A . 
B 2 HOH 59 259 61 HOH HOH A . 
# 
loop_
_software.name 
_software.classification 
_software.version 
_software.citation_id 
_software.pdbx_ordinal 
CrystalClear 'data collection' .        ? 1 
AMoRE        phasing           .        ? 2 
REFMAC       refinement        5.6.0117 ? 3 
HKL-2000     'data reduction'  .        ? 4 
SCALEPACK    'data scaling'    .        ? 5 
# 
_cell.entry_id           4IDL 
_cell.length_a           56.444 
_cell.length_b           51.863 
_cell.length_c           46.481 
_cell.angle_alpha        90.00 
_cell.angle_beta         107.81 
_cell.angle_gamma        90.00 
_cell.Z_PDB              4 
_cell.pdbx_unique_axis   ? 
_cell.length_a_esd       ? 
_cell.length_b_esd       ? 
_cell.length_c_esd       ? 
_cell.angle_alpha_esd    ? 
_cell.angle_beta_esd     ? 
_cell.angle_gamma_esd    ? 
# 
_symmetry.entry_id                         4IDL 
_symmetry.space_group_name_H-M             'C 1 2 1' 
_symmetry.pdbx_full_space_group_name_H-M   ? 
_symmetry.cell_setting                     ? 
_symmetry.Int_Tables_number                5 
_symmetry.space_group_name_Hall            ? 
# 
_exptl.entry_id          4IDL 
_exptl.method            'X-RAY DIFFRACTION' 
_exptl.crystals_number   1 
# 
_exptl_crystal.id                    1 
_exptl_crystal.density_meas          ? 
_exptl_crystal.density_Matthews      2.42 
_exptl_crystal.density_percent_sol   49.07 
_exptl_crystal.description           ? 
_exptl_crystal.F_000                 ? 
_exptl_crystal.preparation           ? 
# 
_exptl_crystal_grow.crystal_id      1 
_exptl_crystal_grow.method          'VAPOR DIFFUSION, SITTING DROP' 
_exptl_crystal_grow.temp            ? 
_exptl_crystal_grow.temp_details    ? 
_exptl_crystal_grow.pH              4.5 
_exptl_crystal_grow.pdbx_details    
'Hampton Research Index 8 (0.1 M Sodium Acetate Trihydrate pH 4.5, 3.0 M NaCl), VAPOR DIFFUSION, SITTING DROP' 
_exptl_crystal_grow.pdbx_pH_range   ? 
# 
_diffrn.id                     1 
_diffrn.ambient_temp           100 
_diffrn.ambient_temp_details   ? 
_diffrn.crystal_id             1 
# 
_diffrn_detector.diffrn_id              1 
_diffrn_detector.detector               CCD 
_diffrn_detector.type                   'RIGAKU SATURN 944' 
_diffrn_detector.pdbx_collection_date   2007-11-16 
_diffrn_detector.details                ? 
# 
_diffrn_radiation.diffrn_id                        1 
_diffrn_radiation.wavelength_id                    1 
_diffrn_radiation.pdbx_monochromatic_or_laue_m_l   M 
_diffrn_radiation.monochromator                    'VariMax HF (Osmic) Monochromator' 
_diffrn_radiation.pdbx_diffrn_protocol             'SINGLE WAVELENGTH' 
_diffrn_radiation.pdbx_scattering_type             x-ray 
# 
_diffrn_radiation_wavelength.id           1 
_diffrn_radiation_wavelength.wavelength   1.54 
_diffrn_radiation_wavelength.wt           1.0 
# 
_diffrn_source.diffrn_id                   1 
_diffrn_source.source                      'ROTATING ANODE' 
_diffrn_source.type                        'RIGAKU MICROMAX-007 HF' 
_diffrn_source.pdbx_synchrotron_site       ? 
_diffrn_source.pdbx_synchrotron_beamline   ? 
_diffrn_source.pdbx_wavelength             ? 
_diffrn_source.pdbx_wavelength_list        1.54 
# 
_reflns.entry_id                     4IDL 
_reflns.observed_criterion_sigma_I   -3.0 
_reflns.observed_criterion_sigma_F   0.0 
_reflns.d_resolution_low             26.87 
_reflns.d_resolution_high            2.09 
_reflns.number_obs                   7586 
_reflns.number_all                   7796 
_reflns.percent_possible_obs         98.7 
_reflns.pdbx_Rmerge_I_obs            .065 
_reflns.pdbx_Rsym_value              .065 
_reflns.pdbx_netI_over_sigmaI        20.8 
_reflns.B_iso_Wilson_estimate        ? 
_reflns.pdbx_redundancy              3.6 
_reflns.R_free_details               ? 
_reflns.limit_h_max                  ? 
_reflns.limit_h_min                  ? 
_reflns.limit_k_max                  ? 
_reflns.limit_k_min                  ? 
_reflns.limit_l_max                  ? 
_reflns.limit_l_min                  ? 
_reflns.observed_criterion_F_max     ? 
_reflns.observed_criterion_F_min     ? 
_reflns.pdbx_chi_squared             ? 
_reflns.pdbx_scaling_rejects         ? 
_reflns.pdbx_ordinal                 1 
_reflns.pdbx_diffrn_id               1 
# 
_reflns_shell.d_res_high             2.09 
_reflns_shell.d_res_low              2.16 
_reflns_shell.percent_possible_all   87.0 
_reflns_shell.Rmerge_I_obs           .185 
_reflns_shell.pdbx_Rsym_value        .185 
_reflns_shell.meanI_over_sigI_obs    5.92 
_reflns_shell.pdbx_redundancy        3.2 
_reflns_shell.percent_possible_obs   ? 
_reflns_shell.number_unique_all      696 
_reflns_shell.number_measured_all    ? 
_reflns_shell.number_measured_obs    ? 
_reflns_shell.number_unique_obs      ? 
_reflns_shell.pdbx_chi_squared       ? 
_reflns_shell.pdbx_ordinal           1 
_reflns_shell.pdbx_diffrn_id         1 
# 
_refine.entry_id                                 4IDL 
_refine.ls_number_reflns_obs                     7235 
_refine.ls_number_reflns_all                     ? 
_refine.pdbx_ls_sigma_I                          ? 
_refine.pdbx_ls_sigma_F                          . 
_refine.pdbx_data_cutoff_high_absF               ? 
_refine.pdbx_data_cutoff_low_absF                ? 
_refine.pdbx_data_cutoff_high_rms_absF           ? 
_refine.ls_d_res_low                             26.87 
_refine.ls_d_res_high                            2.09 
_refine.ls_percent_reflns_obs                    98.92 
_refine.ls_R_factor_obs                          0.20668 
_refine.ls_R_factor_all                          ? 
_refine.ls_R_factor_R_work                       0.20591 
_refine.ls_R_factor_R_free                       0.22180 
_refine.ls_R_factor_R_free_error                 ? 
_refine.ls_R_factor_R_free_error_details         ? 
_refine.ls_percent_reflns_R_free                 4.6 
_refine.ls_number_reflns_R_free                  349 
_refine.ls_number_parameters                     ? 
_refine.ls_number_restraints                     ? 
_refine.occupancy_min                            ? 
_refine.occupancy_max                            ? 
_refine.correlation_coeff_Fo_to_Fc               0.930 
_refine.correlation_coeff_Fo_to_Fc_free          0.937 
_refine.B_iso_mean                               18.895 
_refine.aniso_B[1][1]                            0.05 
_refine.aniso_B[2][2]                            0.10 
_refine.aniso_B[3][3]                            -0.17 
_refine.aniso_B[1][2]                            0.00 
_refine.aniso_B[1][3]                            -0.03 
_refine.aniso_B[2][3]                            0.00 
_refine.solvent_model_details                    MASK 
_refine.solvent_model_param_ksol                 ? 
_refine.solvent_model_param_bsol                 ? 
_refine.pdbx_solvent_vdw_probe_radii             1.20 
_refine.pdbx_solvent_ion_probe_radii             0.80 
_refine.pdbx_solvent_shrinkage_radii             0.80 
_refine.pdbx_ls_cross_valid_method               THROUGHOUT 
_refine.details                                  'HYDROGENS HAVE BEEN USED IF PRESENT IN THE INPUT' 
_refine.pdbx_starting_model                      'PDB ENTRY 3CFI' 
_refine.pdbx_method_to_determine_struct          'MOLECULAR REPLACEMENT' 
_refine.pdbx_isotropic_thermal_model             ? 
_refine.pdbx_stereochemistry_target_values       'MAXIMUM LIKELIHOOD' 
_refine.pdbx_stereochem_target_val_spec_case     ? 
_refine.pdbx_R_Free_selection_details            RANDOM 
_refine.pdbx_overall_ESU_R                       0.244 
_refine.pdbx_overall_ESU_R_Free                  0.176 
_refine.overall_SU_ML                            ? 
_refine.pdbx_overall_phase_error                 ? 
_refine.overall_SU_B                             ? 
_refine.overall_SU_R_Cruickshank_DPI             ? 
_refine.ls_redundancy_reflns_obs                 ? 
_refine.B_iso_min                                ? 
_refine.B_iso_max                                ? 
_refine.overall_SU_R_free                        ? 
_refine.ls_wR_factor_R_free                      ? 
_refine.ls_wR_factor_R_work                      ? 
_refine.overall_FOM_free_R_set                   ? 
_refine.overall_FOM_work_R_set                   ? 
_refine.pdbx_diffrn_id                           1 
_refine.pdbx_refine_id                           'X-RAY DIFFRACTION' 
_refine.pdbx_TLS_residual_ADP_flag               ? 
_refine.pdbx_overall_SU_R_free_Cruickshank_DPI   ? 
_refine.pdbx_overall_SU_R_Blow_DPI               ? 
_refine.pdbx_overall_SU_R_free_Blow_DPI          ? 
# 
_refine_hist.pdbx_refine_id                   'X-RAY DIFFRACTION' 
_refine_hist.cycle_id                         LAST 
_refine_hist.pdbx_number_atoms_protein        941 
_refine_hist.pdbx_number_atoms_nucleic_acid   0 
_refine_hist.pdbx_number_atoms_ligand         0 
_refine_hist.number_atoms_solvent             59 
_refine_hist.number_atoms_total               1000 
_refine_hist.d_res_high                       2.09 
_refine_hist.d_res_low                        26.87 
# 
loop_
_refine_ls_restr.type 
_refine_ls_restr.dev_ideal 
_refine_ls_restr.dev_ideal_target 
_refine_ls_restr.weight 
_refine_ls_restr.number 
_refine_ls_restr.pdbx_restraint_function 
_refine_ls_restr.pdbx_refine_id 
r_bond_refined_d             0.010  0.019  ? 959  ? 'X-RAY DIFFRACTION' 
r_bond_other_d               ?      ?      ? ?    ? 'X-RAY DIFFRACTION' 
r_angle_refined_deg          1.092  1.919  ? 1296 ? 'X-RAY DIFFRACTION' 
r_angle_other_deg            ?      ?      ? ?    ? 'X-RAY DIFFRACTION' 
r_dihedral_angle_1_deg       5.273  5.000  ? 122  ? 'X-RAY DIFFRACTION' 
r_dihedral_angle_2_deg       38.291 23.043 ? 46   ? 'X-RAY DIFFRACTION' 
r_dihedral_angle_3_deg       12.327 15.000 ? 154  ? 'X-RAY DIFFRACTION' 
r_dihedral_angle_4_deg       23.817 15.000 ? 10   ? 'X-RAY DIFFRACTION' 
r_chiral_restr               0.064  0.200  ? 136  ? 'X-RAY DIFFRACTION' 
r_gen_planes_refined         0.004  0.020  ? 743  ? 'X-RAY DIFFRACTION' 
r_gen_planes_other           ?      ?      ? ?    ? 'X-RAY DIFFRACTION' 
r_nbd_refined                ?      ?      ? ?    ? 'X-RAY DIFFRACTION' 
r_nbd_other                  ?      ?      ? ?    ? 'X-RAY DIFFRACTION' 
r_nbtor_refined              ?      ?      ? ?    ? 'X-RAY DIFFRACTION' 
r_nbtor_other                ?      ?      ? ?    ? 'X-RAY DIFFRACTION' 
r_xyhbond_nbd_refined        ?      ?      ? ?    ? 'X-RAY DIFFRACTION' 
r_xyhbond_nbd_other          ?      ?      ? ?    ? 'X-RAY DIFFRACTION' 
r_metal_ion_refined          ?      ?      ? ?    ? 'X-RAY DIFFRACTION' 
r_metal_ion_other            ?      ?      ? ?    ? 'X-RAY DIFFRACTION' 
r_symmetry_vdw_refined       ?      ?      ? ?    ? 'X-RAY DIFFRACTION' 
r_symmetry_vdw_other         ?      ?      ? ?    ? 'X-RAY DIFFRACTION' 
r_symmetry_hbond_refined     ?      ?      ? ?    ? 'X-RAY DIFFRACTION' 
r_symmetry_hbond_other       ?      ?      ? ?    ? 'X-RAY DIFFRACTION' 
r_symmetry_metal_ion_refined ?      ?      ? ?    ? 'X-RAY DIFFRACTION' 
r_symmetry_metal_ion_other   ?      ?      ? ?    ? 'X-RAY DIFFRACTION' 
r_mcbond_it                  ?      ?      ? ?    ? 'X-RAY DIFFRACTION' 
r_mcbond_other               ?      ?      ? ?    ? 'X-RAY DIFFRACTION' 
r_mcangle_it                 ?      ?      ? ?    ? 'X-RAY DIFFRACTION' 
r_scbond_it                  ?      ?      ? ?    ? 'X-RAY DIFFRACTION' 
r_scangle_it                 ?      ?      ? ?    ? 'X-RAY DIFFRACTION' 
r_rigid_bond_restr           ?      ?      ? ?    ? 'X-RAY DIFFRACTION' 
r_sphericity_free            ?      ?      ? ?    ? 'X-RAY DIFFRACTION' 
r_sphericity_bonded          ?      ?      ? ?    ? 'X-RAY DIFFRACTION' 
# 
_refine_ls_shell.pdbx_total_number_of_bins_used   20 
_refine_ls_shell.d_res_high                       2.090 
_refine_ls_shell.d_res_low                        2.144 
_refine_ls_shell.number_reflns_R_work             482 
_refine_ls_shell.R_factor_R_work                  0.223 
_refine_ls_shell.percent_reflns_obs               86.72 
_refine_ls_shell.R_factor_R_free                  0.293 
_refine_ls_shell.R_factor_R_free_error            ? 
_refine_ls_shell.percent_reflns_R_free            ? 
_refine_ls_shell.number_reflns_R_free             21 
_refine_ls_shell.number_reflns_all                ? 
_refine_ls_shell.R_factor_all                     ? 
_refine_ls_shell.number_reflns_obs                ? 
_refine_ls_shell.redundancy_reflns_obs            ? 
_refine_ls_shell.pdbx_refine_id                   'X-RAY DIFFRACTION' 
# 
_struct.entry_id                  4IDL 
_struct.title                     'Low melting temperature Anti-Cholera Toxin Llama VHH domain' 
_struct.pdbx_model_details        ? 
_struct.pdbx_CASP_flag            ? 
_struct.pdbx_model_type_details   ? 
# 
_struct_keywords.entry_id        4IDL 
_struct_keywords.pdbx_keywords   'IMMUNE SYSTEM' 
_struct_keywords.text            'v-type immunoglobin fold, Antibody, Cholera Toxin, IMMUNE SYSTEM, Single domain Antibody' 
# 
loop_
_struct_asym.id 
_struct_asym.pdbx_blank_PDB_chainid_flag 
_struct_asym.pdbx_modified 
_struct_asym.entity_id 
_struct_asym.details 
A N N 1 ? 
B N N 2 ? 
# 
_struct_ref.id                         1 
_struct_ref.db_name                    PDB 
_struct_ref.db_code                    4IDL 
_struct_ref.pdbx_db_accession          4IDL 
_struct_ref.entity_id                  1 
_struct_ref.pdbx_align_begin           ? 
_struct_ref.pdbx_seq_one_letter_code   
;MAKVQLQQSGGGAVQTGGSLKLTCLASGNTASIRAMGWYRRAPGKQREWVASLTTTGTADYGDFVKGRFTISRDNANNAA
TLQMDSLKPEDTAVYYCNADGRRFDGARWREYESWGQGTQVTISSAAALEHHHHHH
;
_struct_ref.pdbx_db_isoform            ? 
# 
_struct_ref_seq.align_id                      1 
_struct_ref_seq.ref_id                        1 
_struct_ref_seq.pdbx_PDB_id_code              4IDL 
_struct_ref_seq.pdbx_strand_id                A 
_struct_ref_seq.seq_align_beg                 1 
_struct_ref_seq.pdbx_seq_align_beg_ins_code   ? 
_struct_ref_seq.seq_align_end                 136 
_struct_ref_seq.pdbx_seq_align_end_ins_code   ? 
_struct_ref_seq.pdbx_db_accession             4IDL 
_struct_ref_seq.db_align_beg                  -1 
_struct_ref_seq.pdbx_db_align_beg_ins_code    ? 
_struct_ref_seq.db_align_end                  134 
_struct_ref_seq.pdbx_db_align_end_ins_code    ? 
_struct_ref_seq.pdbx_auth_seq_align_beg       -1 
_struct_ref_seq.pdbx_auth_seq_align_end       134 
# 
_pdbx_struct_assembly.id                   1 
_pdbx_struct_assembly.details              author_and_software_defined_assembly 
_pdbx_struct_assembly.method_details       PISA 
_pdbx_struct_assembly.oligomeric_details   monomeric 
_pdbx_struct_assembly.oligomeric_count     1 
# 
_pdbx_struct_assembly_gen.assembly_id       1 
_pdbx_struct_assembly_gen.oper_expression   1 
_pdbx_struct_assembly_gen.asym_id_list      A,B 
# 
_pdbx_struct_oper_list.id                   1 
_pdbx_struct_oper_list.type                 'identity operation' 
_pdbx_struct_oper_list.name                 1_555 
_pdbx_struct_oper_list.symmetry_operation   x,y,z 
_pdbx_struct_oper_list.matrix[1][1]         1.0000000000 
_pdbx_struct_oper_list.matrix[1][2]         0.0000000000 
_pdbx_struct_oper_list.matrix[1][3]         0.0000000000 
_pdbx_struct_oper_list.vector[1]            0.0000000000 
_pdbx_struct_oper_list.matrix[2][1]         0.0000000000 
_pdbx_struct_oper_list.matrix[2][2]         1.0000000000 
_pdbx_struct_oper_list.matrix[2][3]         0.0000000000 
_pdbx_struct_oper_list.vector[2]            0.0000000000 
_pdbx_struct_oper_list.matrix[3][1]         0.0000000000 
_pdbx_struct_oper_list.matrix[3][2]         0.0000000000 
_pdbx_struct_oper_list.matrix[3][3]         1.0000000000 
_pdbx_struct_oper_list.vector[3]            0.0000000000 
# 
_struct_biol.id        1 
_struct_biol.details   ? 
# 
_struct_conf.conf_type_id            HELX_P 
_struct_conf.id                      HELX_P1 
_struct_conf.pdbx_PDB_helix_id       1 
_struct_conf.beg_label_comp_id       LYS 
_struct_conf.beg_label_asym_id       A 
_struct_conf.beg_label_seq_id        88 
_struct_conf.pdbx_beg_PDB_ins_code   ? 
_struct_conf.end_label_comp_id       THR 
_struct_conf.end_label_asym_id       A 
_struct_conf.end_label_seq_id        92 
_struct_conf.pdbx_end_PDB_ins_code   ? 
_struct_conf.beg_auth_comp_id        LYS 
_struct_conf.beg_auth_asym_id        A 
_struct_conf.beg_auth_seq_id         86 
_struct_conf.end_auth_comp_id        THR 
_struct_conf.end_auth_asym_id        A 
_struct_conf.end_auth_seq_id         90 
_struct_conf.pdbx_PDB_helix_class    5 
_struct_conf.details                 ? 
_struct_conf.pdbx_PDB_helix_length   5 
# 
_struct_conf_type.id          HELX_P 
_struct_conf_type.criteria    ? 
_struct_conf_type.reference   ? 
# 
_struct_conn.id                            disulf1 
_struct_conn.conn_type_id                  disulf 
_struct_conn.pdbx_leaving_atom_flag        ? 
_struct_conn.pdbx_PDB_id                   ? 
_struct_conn.ptnr1_label_asym_id           A 
_struct_conn.ptnr1_label_comp_id           CYS 
_struct_conn.ptnr1_label_seq_id            24 
_struct_conn.ptnr1_label_atom_id           SG 
_struct_conn.pdbx_ptnr1_label_alt_id       ? 
_struct_conn.pdbx_ptnr1_PDB_ins_code       ? 
_struct_conn.pdbx_ptnr1_standard_comp_id   ? 
_struct_conn.ptnr1_symmetry                1_555 
_struct_conn.ptnr2_label_asym_id           A 
_struct_conn.ptnr2_label_comp_id           CYS 
_struct_conn.ptnr2_label_seq_id            97 
_struct_conn.ptnr2_label_atom_id           SG 
_struct_conn.pdbx_ptnr2_label_alt_id       ? 
_struct_conn.pdbx_ptnr2_PDB_ins_code       ? 
_struct_conn.ptnr1_auth_asym_id            A 
_struct_conn.ptnr1_auth_comp_id            CYS 
_struct_conn.ptnr1_auth_seq_id             22 
_struct_conn.ptnr2_auth_asym_id            A 
_struct_conn.ptnr2_auth_comp_id            CYS 
_struct_conn.ptnr2_auth_seq_id             95 
_struct_conn.ptnr2_symmetry                1_555 
_struct_conn.pdbx_ptnr3_label_atom_id      ? 
_struct_conn.pdbx_ptnr3_label_seq_id       ? 
_struct_conn.pdbx_ptnr3_label_comp_id      ? 
_struct_conn.pdbx_ptnr3_label_asym_id      ? 
_struct_conn.pdbx_ptnr3_label_alt_id       ? 
_struct_conn.pdbx_ptnr3_PDB_ins_code       ? 
_struct_conn.details                       ? 
_struct_conn.pdbx_dist_value               2.000 
_struct_conn.pdbx_value_order              ? 
_struct_conn.pdbx_role                     ? 
# 
_struct_conn_type.id          disulf 
_struct_conn_type.criteria    ? 
_struct_conn_type.reference   ? 
# 
_pdbx_modification_feature.ordinal                            1 
_pdbx_modification_feature.label_comp_id                      CYS 
_pdbx_modification_feature.label_asym_id                      A 
_pdbx_modification_feature.label_seq_id                       24 
_pdbx_modification_feature.label_alt_id                       ? 
_pdbx_modification_feature.modified_residue_label_comp_id     CYS 
_pdbx_modification_feature.modified_residue_label_asym_id     A 
_pdbx_modification_feature.modified_residue_label_seq_id      97 
_pdbx_modification_feature.modified_residue_label_alt_id      ? 
_pdbx_modification_feature.auth_comp_id                       CYS 
_pdbx_modification_feature.auth_asym_id                       A 
_pdbx_modification_feature.auth_seq_id                        22 
_pdbx_modification_feature.PDB_ins_code                       ? 
_pdbx_modification_feature.symmetry                           1_555 
_pdbx_modification_feature.modified_residue_auth_comp_id      CYS 
_pdbx_modification_feature.modified_residue_auth_asym_id      A 
_pdbx_modification_feature.modified_residue_auth_seq_id       95 
_pdbx_modification_feature.modified_residue_PDB_ins_code      ? 
_pdbx_modification_feature.modified_residue_symmetry          1_555 
_pdbx_modification_feature.comp_id_linking_atom               SG 
_pdbx_modification_feature.modified_residue_id_linking_atom   SG 
_pdbx_modification_feature.modified_residue_id                . 
_pdbx_modification_feature.ref_pcm_id                         . 
_pdbx_modification_feature.ref_comp_id                        . 
_pdbx_modification_feature.type                               None 
_pdbx_modification_feature.category                           'Disulfide bridge' 
# 
loop_
_struct_sheet.id 
_struct_sheet.type 
_struct_sheet.number_strands 
_struct_sheet.details 
A ? 4 ? 
B ? 6 ? 
C ? 4 ? 
# 
loop_
_struct_sheet_order.sheet_id 
_struct_sheet_order.range_id_1 
_struct_sheet_order.range_id_2 
_struct_sheet_order.offset 
_struct_sheet_order.sense 
A 1 2 ? anti-parallel 
A 2 3 ? anti-parallel 
A 3 4 ? anti-parallel 
B 1 2 ? parallel      
B 2 3 ? anti-parallel 
B 3 4 ? anti-parallel 
B 4 5 ? anti-parallel 
B 5 6 ? anti-parallel 
C 1 2 ? parallel      
C 2 3 ? anti-parallel 
C 3 4 ? anti-parallel 
# 
loop_
_struct_sheet_range.sheet_id 
_struct_sheet_range.id 
_struct_sheet_range.beg_label_comp_id 
_struct_sheet_range.beg_label_asym_id 
_struct_sheet_range.beg_label_seq_id 
_struct_sheet_range.pdbx_beg_PDB_ins_code 
_struct_sheet_range.end_label_comp_id 
_struct_sheet_range.end_label_asym_id 
_struct_sheet_range.end_label_seq_id 
_struct_sheet_range.pdbx_end_PDB_ins_code 
_struct_sheet_range.beg_auth_comp_id 
_struct_sheet_range.beg_auth_asym_id 
_struct_sheet_range.beg_auth_seq_id 
_struct_sheet_range.end_auth_comp_id 
_struct_sheet_range.end_auth_asym_id 
_struct_sheet_range.end_auth_seq_id 
A 1 VAL A 4   ? SER A 9   ? VAL A 2   SER A 7   
A 2 LEU A 20  ? GLY A 28  ? LEU A 18  GLY A 26  
A 3 ALA A 79  ? MET A 84  ? ALA A 77  MET A 82  
A 4 PHE A 69  ? ASP A 74  ? PHE A 67  ASP A 72  
B 1 GLY A 12  ? GLN A 15  ? GLY A 10  GLN A 13  
B 2 THR A 119 ? SER A 124 ? THR A 117 SER A 122 
B 3 ALA A 93  ? PHE A 104 ? ALA A 91  PHE A 102 
B 4 ILE A 33  ? ARG A 41  ? ILE A 31  ARG A 39  
B 5 GLU A 48  ? THR A 54  ? GLU A 46  THR A 52  
B 6 ALA A 59  ? TYR A 61  ? ALA A 57  TYR A 59  
C 1 GLY A 12  ? GLN A 15  ? GLY A 10  GLN A 13  
C 2 THR A 119 ? SER A 124 ? THR A 117 SER A 122 
C 3 ALA A 93  ? PHE A 104 ? ALA A 91  PHE A 102 
C 4 TRP A 109 ? TRP A 115 ? TRP A 107 TRP A 113 
# 
loop_
_pdbx_struct_sheet_hbond.sheet_id 
_pdbx_struct_sheet_hbond.range_id_1 
_pdbx_struct_sheet_hbond.range_id_2 
_pdbx_struct_sheet_hbond.range_1_label_atom_id 
_pdbx_struct_sheet_hbond.range_1_label_comp_id 
_pdbx_struct_sheet_hbond.range_1_label_asym_id 
_pdbx_struct_sheet_hbond.range_1_label_seq_id 
_pdbx_struct_sheet_hbond.range_1_PDB_ins_code 
_pdbx_struct_sheet_hbond.range_1_auth_atom_id 
_pdbx_struct_sheet_hbond.range_1_auth_comp_id 
_pdbx_struct_sheet_hbond.range_1_auth_asym_id 
_pdbx_struct_sheet_hbond.range_1_auth_seq_id 
_pdbx_struct_sheet_hbond.range_2_label_atom_id 
_pdbx_struct_sheet_hbond.range_2_label_comp_id 
_pdbx_struct_sheet_hbond.range_2_label_asym_id 
_pdbx_struct_sheet_hbond.range_2_label_seq_id 
_pdbx_struct_sheet_hbond.range_2_PDB_ins_code 
_pdbx_struct_sheet_hbond.range_2_auth_atom_id 
_pdbx_struct_sheet_hbond.range_2_auth_comp_id 
_pdbx_struct_sheet_hbond.range_2_auth_asym_id 
_pdbx_struct_sheet_hbond.range_2_auth_seq_id 
A 1 2 N GLN A 7   ? N GLN A 5   O LEU A 25  ? O LEU A 23  
A 2 3 N LEU A 20  ? N LEU A 18  O MET A 84  ? O MET A 82  
A 3 4 O GLN A 83  ? O GLN A 81  N THR A 70  ? N THR A 68  
B 1 2 N VAL A 14  ? N VAL A 12  O THR A 122 ? O THR A 120 
B 2 3 O THR A 119 ? O THR A 117 N TYR A 95  ? N TYR A 93  
B 3 4 O ASP A 100 ? O ASP A 98  N ARG A 34  ? N ARG A 32  
B 4 5 N ARG A 40  ? N ARG A 38  O GLU A 48  ? O GLU A 46  
B 5 6 N SER A 52  ? N SER A 50  O ASP A 60  ? O ASP A 58  
C 1 2 N VAL A 14  ? N VAL A 12  O THR A 122 ? O THR A 120 
C 2 3 O THR A 119 ? O THR A 117 N TYR A 95  ? N TYR A 93  
C 3 4 N ARG A 103 ? N ARG A 101 O ARG A 110 ? O ARG A 108 
# 
_pdbx_entry_details.entry_id                   4IDL 
_pdbx_entry_details.compound_details           ? 
_pdbx_entry_details.source_details             ? 
_pdbx_entry_details.nonpolymer_details         ? 
_pdbx_entry_details.sequence_details           ? 
_pdbx_entry_details.has_ligand_of_interest     ? 
_pdbx_entry_details.has_protein_modification   Y 
# 
loop_
_pdbx_validate_torsion.id 
_pdbx_validate_torsion.PDB_model_num 
_pdbx_validate_torsion.auth_comp_id 
_pdbx_validate_torsion.auth_asym_id 
_pdbx_validate_torsion.auth_seq_id 
_pdbx_validate_torsion.PDB_ins_code 
_pdbx_validate_torsion.label_alt_id 
_pdbx_validate_torsion.phi 
_pdbx_validate_torsion.psi 
1 1 ASN A 76  ? ? 38.65   57.65  
2 1 ALA A 105 ? ? -131.55 -38.85 
# 
loop_
_pdbx_unobs_or_zero_occ_residues.id 
_pdbx_unobs_or_zero_occ_residues.PDB_model_num 
_pdbx_unobs_or_zero_occ_residues.polymer_flag 
_pdbx_unobs_or_zero_occ_residues.occupancy_flag 
_pdbx_unobs_or_zero_occ_residues.auth_asym_id 
_pdbx_unobs_or_zero_occ_residues.auth_comp_id 
_pdbx_unobs_or_zero_occ_residues.auth_seq_id 
_pdbx_unobs_or_zero_occ_residues.PDB_ins_code 
_pdbx_unobs_or_zero_occ_residues.label_asym_id 
_pdbx_unobs_or_zero_occ_residues.label_comp_id 
_pdbx_unobs_or_zero_occ_residues.label_seq_id 
1  1 Y 1 A MET -1  ? A MET 1   
2  1 Y 1 A ALA 0   ? A ALA 2   
3  1 Y 1 A ALA 124 ? A ALA 126 
4  1 Y 1 A ALA 125 ? A ALA 127 
5  1 Y 1 A ALA 126 ? A ALA 128 
6  1 Y 1 A LEU 127 ? A LEU 129 
7  1 Y 1 A GLU 128 ? A GLU 130 
8  1 Y 1 A HIS 129 ? A HIS 131 
9  1 Y 1 A HIS 130 ? A HIS 132 
10 1 Y 1 A HIS 131 ? A HIS 133 
11 1 Y 1 A HIS 132 ? A HIS 134 
12 1 Y 1 A HIS 133 ? A HIS 135 
13 1 Y 1 A HIS 134 ? A HIS 136 
# 
loop_
_chem_comp_atom.comp_id 
_chem_comp_atom.atom_id 
_chem_comp_atom.type_symbol 
_chem_comp_atom.pdbx_aromatic_flag 
_chem_comp_atom.pdbx_stereo_config 
_chem_comp_atom.pdbx_ordinal 
ALA N    N N N 1   
ALA CA   C N S 2   
ALA C    C N N 3   
ALA O    O N N 4   
ALA CB   C N N 5   
ALA OXT  O N N 6   
ALA H    H N N 7   
ALA H2   H N N 8   
ALA HA   H N N 9   
ALA HB1  H N N 10  
ALA HB2  H N N 11  
ALA HB3  H N N 12  
ALA HXT  H N N 13  
ARG N    N N N 14  
ARG CA   C N S 15  
ARG C    C N N 16  
ARG O    O N N 17  
ARG CB   C N N 18  
ARG CG   C N N 19  
ARG CD   C N N 20  
ARG NE   N N N 21  
ARG CZ   C N N 22  
ARG NH1  N N N 23  
ARG NH2  N N N 24  
ARG OXT  O N N 25  
ARG H    H N N 26  
ARG H2   H N N 27  
ARG HA   H N N 28  
ARG HB2  H N N 29  
ARG HB3  H N N 30  
ARG HG2  H N N 31  
ARG HG3  H N N 32  
ARG HD2  H N N 33  
ARG HD3  H N N 34  
ARG HE   H N N 35  
ARG HH11 H N N 36  
ARG HH12 H N N 37  
ARG HH21 H N N 38  
ARG HH22 H N N 39  
ARG HXT  H N N 40  
ASN N    N N N 41  
ASN CA   C N S 42  
ASN C    C N N 43  
ASN O    O N N 44  
ASN CB   C N N 45  
ASN CG   C N N 46  
ASN OD1  O N N 47  
ASN ND2  N N N 48  
ASN OXT  O N N 49  
ASN H    H N N 50  
ASN H2   H N N 51  
ASN HA   H N N 52  
ASN HB2  H N N 53  
ASN HB3  H N N 54  
ASN HD21 H N N 55  
ASN HD22 H N N 56  
ASN HXT  H N N 57  
ASP N    N N N 58  
ASP CA   C N S 59  
ASP C    C N N 60  
ASP O    O N N 61  
ASP CB   C N N 62  
ASP CG   C N N 63  
ASP OD1  O N N 64  
ASP OD2  O N N 65  
ASP OXT  O N N 66  
ASP H    H N N 67  
ASP H2   H N N 68  
ASP HA   H N N 69  
ASP HB2  H N N 70  
ASP HB3  H N N 71  
ASP HD2  H N N 72  
ASP HXT  H N N 73  
CYS N    N N N 74  
CYS CA   C N R 75  
CYS C    C N N 76  
CYS O    O N N 77  
CYS CB   C N N 78  
CYS SG   S N N 79  
CYS OXT  O N N 80  
CYS H    H N N 81  
CYS H2   H N N 82  
CYS HA   H N N 83  
CYS HB2  H N N 84  
CYS HB3  H N N 85  
CYS HG   H N N 86  
CYS HXT  H N N 87  
GLN N    N N N 88  
GLN CA   C N S 89  
GLN C    C N N 90  
GLN O    O N N 91  
GLN CB   C N N 92  
GLN CG   C N N 93  
GLN CD   C N N 94  
GLN OE1  O N N 95  
GLN NE2  N N N 96  
GLN OXT  O N N 97  
GLN H    H N N 98  
GLN H2   H N N 99  
GLN HA   H N N 100 
GLN HB2  H N N 101 
GLN HB3  H N N 102 
GLN HG2  H N N 103 
GLN HG3  H N N 104 
GLN HE21 H N N 105 
GLN HE22 H N N 106 
GLN HXT  H N N 107 
GLU N    N N N 108 
GLU CA   C N S 109 
GLU C    C N N 110 
GLU O    O N N 111 
GLU CB   C N N 112 
GLU CG   C N N 113 
GLU CD   C N N 114 
GLU OE1  O N N 115 
GLU OE2  O N N 116 
GLU OXT  O N N 117 
GLU H    H N N 118 
GLU H2   H N N 119 
GLU HA   H N N 120 
GLU HB2  H N N 121 
GLU HB3  H N N 122 
GLU HG2  H N N 123 
GLU HG3  H N N 124 
GLU HE2  H N N 125 
GLU HXT  H N N 126 
GLY N    N N N 127 
GLY CA   C N N 128 
GLY C    C N N 129 
GLY O    O N N 130 
GLY OXT  O N N 131 
GLY H    H N N 132 
GLY H2   H N N 133 
GLY HA2  H N N 134 
GLY HA3  H N N 135 
GLY HXT  H N N 136 
HIS N    N N N 137 
HIS CA   C N S 138 
HIS C    C N N 139 
HIS O    O N N 140 
HIS CB   C N N 141 
HIS CG   C Y N 142 
HIS ND1  N Y N 143 
HIS CD2  C Y N 144 
HIS CE1  C Y N 145 
HIS NE2  N Y N 146 
HIS OXT  O N N 147 
HIS H    H N N 148 
HIS H2   H N N 149 
HIS HA   H N N 150 
HIS HB2  H N N 151 
HIS HB3  H N N 152 
HIS HD1  H N N 153 
HIS HD2  H N N 154 
HIS HE1  H N N 155 
HIS HE2  H N N 156 
HIS HXT  H N N 157 
HOH O    O N N 158 
HOH H1   H N N 159 
HOH H2   H N N 160 
ILE N    N N N 161 
ILE CA   C N S 162 
ILE C    C N N 163 
ILE O    O N N 164 
ILE CB   C N S 165 
ILE CG1  C N N 166 
ILE CG2  C N N 167 
ILE CD1  C N N 168 
ILE OXT  O N N 169 
ILE H    H N N 170 
ILE H2   H N N 171 
ILE HA   H N N 172 
ILE HB   H N N 173 
ILE HG12 H N N 174 
ILE HG13 H N N 175 
ILE HG21 H N N 176 
ILE HG22 H N N 177 
ILE HG23 H N N 178 
ILE HD11 H N N 179 
ILE HD12 H N N 180 
ILE HD13 H N N 181 
ILE HXT  H N N 182 
LEU N    N N N 183 
LEU CA   C N S 184 
LEU C    C N N 185 
LEU O    O N N 186 
LEU CB   C N N 187 
LEU CG   C N N 188 
LEU CD1  C N N 189 
LEU CD2  C N N 190 
LEU OXT  O N N 191 
LEU H    H N N 192 
LEU H2   H N N 193 
LEU HA   H N N 194 
LEU HB2  H N N 195 
LEU HB3  H N N 196 
LEU HG   H N N 197 
LEU HD11 H N N 198 
LEU HD12 H N N 199 
LEU HD13 H N N 200 
LEU HD21 H N N 201 
LEU HD22 H N N 202 
LEU HD23 H N N 203 
LEU HXT  H N N 204 
LYS N    N N N 205 
LYS CA   C N S 206 
LYS C    C N N 207 
LYS O    O N N 208 
LYS CB   C N N 209 
LYS CG   C N N 210 
LYS CD   C N N 211 
LYS CE   C N N 212 
LYS NZ   N N N 213 
LYS OXT  O N N 214 
LYS H    H N N 215 
LYS H2   H N N 216 
LYS HA   H N N 217 
LYS HB2  H N N 218 
LYS HB3  H N N 219 
LYS HG2  H N N 220 
LYS HG3  H N N 221 
LYS HD2  H N N 222 
LYS HD3  H N N 223 
LYS HE2  H N N 224 
LYS HE3  H N N 225 
LYS HZ1  H N N 226 
LYS HZ2  H N N 227 
LYS HZ3  H N N 228 
LYS HXT  H N N 229 
MET N    N N N 230 
MET CA   C N S 231 
MET C    C N N 232 
MET O    O N N 233 
MET CB   C N N 234 
MET CG   C N N 235 
MET SD   S N N 236 
MET CE   C N N 237 
MET OXT  O N N 238 
MET H    H N N 239 
MET H2   H N N 240 
MET HA   H N N 241 
MET HB2  H N N 242 
MET HB3  H N N 243 
MET HG2  H N N 244 
MET HG3  H N N 245 
MET HE1  H N N 246 
MET HE2  H N N 247 
MET HE3  H N N 248 
MET HXT  H N N 249 
PHE N    N N N 250 
PHE CA   C N S 251 
PHE C    C N N 252 
PHE O    O N N 253 
PHE CB   C N N 254 
PHE CG   C Y N 255 
PHE CD1  C Y N 256 
PHE CD2  C Y N 257 
PHE CE1  C Y N 258 
PHE CE2  C Y N 259 
PHE CZ   C Y N 260 
PHE OXT  O N N 261 
PHE H    H N N 262 
PHE H2   H N N 263 
PHE HA   H N N 264 
PHE HB2  H N N 265 
PHE HB3  H N N 266 
PHE HD1  H N N 267 
PHE HD2  H N N 268 
PHE HE1  H N N 269 
PHE HE2  H N N 270 
PHE HZ   H N N 271 
PHE HXT  H N N 272 
PRO N    N N N 273 
PRO CA   C N S 274 
PRO C    C N N 275 
PRO O    O N N 276 
PRO CB   C N N 277 
PRO CG   C N N 278 
PRO CD   C N N 279 
PRO OXT  O N N 280 
PRO H    H N N 281 
PRO HA   H N N 282 
PRO HB2  H N N 283 
PRO HB3  H N N 284 
PRO HG2  H N N 285 
PRO HG3  H N N 286 
PRO HD2  H N N 287 
PRO HD3  H N N 288 
PRO HXT  H N N 289 
SER N    N N N 290 
SER CA   C N S 291 
SER C    C N N 292 
SER O    O N N 293 
SER CB   C N N 294 
SER OG   O N N 295 
SER OXT  O N N 296 
SER H    H N N 297 
SER H2   H N N 298 
SER HA   H N N 299 
SER HB2  H N N 300 
SER HB3  H N N 301 
SER HG   H N N 302 
SER HXT  H N N 303 
THR N    N N N 304 
THR CA   C N S 305 
THR C    C N N 306 
THR O    O N N 307 
THR CB   C N R 308 
THR OG1  O N N 309 
THR CG2  C N N 310 
THR OXT  O N N 311 
THR H    H N N 312 
THR H2   H N N 313 
THR HA   H N N 314 
THR HB   H N N 315 
THR HG1  H N N 316 
THR HG21 H N N 317 
THR HG22 H N N 318 
THR HG23 H N N 319 
THR HXT  H N N 320 
TRP N    N N N 321 
TRP CA   C N S 322 
TRP C    C N N 323 
TRP O    O N N 324 
TRP CB   C N N 325 
TRP CG   C Y N 326 
TRP CD1  C Y N 327 
TRP CD2  C Y N 328 
TRP NE1  N Y N 329 
TRP CE2  C Y N 330 
TRP CE3  C Y N 331 
TRP CZ2  C Y N 332 
TRP CZ3  C Y N 333 
TRP CH2  C Y N 334 
TRP OXT  O N N 335 
TRP H    H N N 336 
TRP H2   H N N 337 
TRP HA   H N N 338 
TRP HB2  H N N 339 
TRP HB3  H N N 340 
TRP HD1  H N N 341 
TRP HE1  H N N 342 
TRP HE3  H N N 343 
TRP HZ2  H N N 344 
TRP HZ3  H N N 345 
TRP HH2  H N N 346 
TRP HXT  H N N 347 
TYR N    N N N 348 
TYR CA   C N S 349 
TYR C    C N N 350 
TYR O    O N N 351 
TYR CB   C N N 352 
TYR CG   C Y N 353 
TYR CD1  C Y N 354 
TYR CD2  C Y N 355 
TYR CE1  C Y N 356 
TYR CE2  C Y N 357 
TYR CZ   C Y N 358 
TYR OH   O N N 359 
TYR OXT  O N N 360 
TYR H    H N N 361 
TYR H2   H N N 362 
TYR HA   H N N 363 
TYR HB2  H N N 364 
TYR HB3  H N N 365 
TYR HD1  H N N 366 
TYR HD2  H N N 367 
TYR HE1  H N N 368 
TYR HE2  H N N 369 
TYR HH   H N N 370 
TYR HXT  H N N 371 
VAL N    N N N 372 
VAL CA   C N S 373 
VAL C    C N N 374 
VAL O    O N N 375 
VAL CB   C N N 376 
VAL CG1  C N N 377 
VAL CG2  C N N 378 
VAL OXT  O N N 379 
VAL H    H N N 380 
VAL H2   H N N 381 
VAL HA   H N N 382 
VAL HB   H N N 383 
VAL HG11 H N N 384 
VAL HG12 H N N 385 
VAL HG13 H N N 386 
VAL HG21 H N N 387 
VAL HG22 H N N 388 
VAL HG23 H N N 389 
VAL HXT  H N N 390 
# 
loop_
_chem_comp_bond.comp_id 
_chem_comp_bond.atom_id_1 
_chem_comp_bond.atom_id_2 
_chem_comp_bond.value_order 
_chem_comp_bond.pdbx_aromatic_flag 
_chem_comp_bond.pdbx_stereo_config 
_chem_comp_bond.pdbx_ordinal 
ALA N   CA   sing N N 1   
ALA N   H    sing N N 2   
ALA N   H2   sing N N 3   
ALA CA  C    sing N N 4   
ALA CA  CB   sing N N 5   
ALA CA  HA   sing N N 6   
ALA C   O    doub N N 7   
ALA C   OXT  sing N N 8   
ALA CB  HB1  sing N N 9   
ALA CB  HB2  sing N N 10  
ALA CB  HB3  sing N N 11  
ALA OXT HXT  sing N N 12  
ARG N   CA   sing N N 13  
ARG N   H    sing N N 14  
ARG N   H2   sing N N 15  
ARG CA  C    sing N N 16  
ARG CA  CB   sing N N 17  
ARG CA  HA   sing N N 18  
ARG C   O    doub N N 19  
ARG C   OXT  sing N N 20  
ARG CB  CG   sing N N 21  
ARG CB  HB2  sing N N 22  
ARG CB  HB3  sing N N 23  
ARG CG  CD   sing N N 24  
ARG CG  HG2  sing N N 25  
ARG CG  HG3  sing N N 26  
ARG CD  NE   sing N N 27  
ARG CD  HD2  sing N N 28  
ARG CD  HD3  sing N N 29  
ARG NE  CZ   sing N N 30  
ARG NE  HE   sing N N 31  
ARG CZ  NH1  sing N N 32  
ARG CZ  NH2  doub N N 33  
ARG NH1 HH11 sing N N 34  
ARG NH1 HH12 sing N N 35  
ARG NH2 HH21 sing N N 36  
ARG NH2 HH22 sing N N 37  
ARG OXT HXT  sing N N 38  
ASN N   CA   sing N N 39  
ASN N   H    sing N N 40  
ASN N   H2   sing N N 41  
ASN CA  C    sing N N 42  
ASN CA  CB   sing N N 43  
ASN CA  HA   sing N N 44  
ASN C   O    doub N N 45  
ASN C   OXT  sing N N 46  
ASN CB  CG   sing N N 47  
ASN CB  HB2  sing N N 48  
ASN CB  HB3  sing N N 49  
ASN CG  OD1  doub N N 50  
ASN CG  ND2  sing N N 51  
ASN ND2 HD21 sing N N 52  
ASN ND2 HD22 sing N N 53  
ASN OXT HXT  sing N N 54  
ASP N   CA   sing N N 55  
ASP N   H    sing N N 56  
ASP N   H2   sing N N 57  
ASP CA  C    sing N N 58  
ASP CA  CB   sing N N 59  
ASP CA  HA   sing N N 60  
ASP C   O    doub N N 61  
ASP C   OXT  sing N N 62  
ASP CB  CG   sing N N 63  
ASP CB  HB2  sing N N 64  
ASP CB  HB3  sing N N 65  
ASP CG  OD1  doub N N 66  
ASP CG  OD2  sing N N 67  
ASP OD2 HD2  sing N N 68  
ASP OXT HXT  sing N N 69  
CYS N   CA   sing N N 70  
CYS N   H    sing N N 71  
CYS N   H2   sing N N 72  
CYS CA  C    sing N N 73  
CYS CA  CB   sing N N 74  
CYS CA  HA   sing N N 75  
CYS C   O    doub N N 76  
CYS C   OXT  sing N N 77  
CYS CB  SG   sing N N 78  
CYS CB  HB2  sing N N 79  
CYS CB  HB3  sing N N 80  
CYS SG  HG   sing N N 81  
CYS OXT HXT  sing N N 82  
GLN N   CA   sing N N 83  
GLN N   H    sing N N 84  
GLN N   H2   sing N N 85  
GLN CA  C    sing N N 86  
GLN CA  CB   sing N N 87  
GLN CA  HA   sing N N 88  
GLN C   O    doub N N 89  
GLN C   OXT  sing N N 90  
GLN CB  CG   sing N N 91  
GLN CB  HB2  sing N N 92  
GLN CB  HB3  sing N N 93  
GLN CG  CD   sing N N 94  
GLN CG  HG2  sing N N 95  
GLN CG  HG3  sing N N 96  
GLN CD  OE1  doub N N 97  
GLN CD  NE2  sing N N 98  
GLN NE2 HE21 sing N N 99  
GLN NE2 HE22 sing N N 100 
GLN OXT HXT  sing N N 101 
GLU N   CA   sing N N 102 
GLU N   H    sing N N 103 
GLU N   H2   sing N N 104 
GLU CA  C    sing N N 105 
GLU CA  CB   sing N N 106 
GLU CA  HA   sing N N 107 
GLU C   O    doub N N 108 
GLU C   OXT  sing N N 109 
GLU CB  CG   sing N N 110 
GLU CB  HB2  sing N N 111 
GLU CB  HB3  sing N N 112 
GLU CG  CD   sing N N 113 
GLU CG  HG2  sing N N 114 
GLU CG  HG3  sing N N 115 
GLU CD  OE1  doub N N 116 
GLU CD  OE2  sing N N 117 
GLU OE2 HE2  sing N N 118 
GLU OXT HXT  sing N N 119 
GLY N   CA   sing N N 120 
GLY N   H    sing N N 121 
GLY N   H2   sing N N 122 
GLY CA  C    sing N N 123 
GLY CA  HA2  sing N N 124 
GLY CA  HA3  sing N N 125 
GLY C   O    doub N N 126 
GLY C   OXT  sing N N 127 
GLY OXT HXT  sing N N 128 
HIS N   CA   sing N N 129 
HIS N   H    sing N N 130 
HIS N   H2   sing N N 131 
HIS CA  C    sing N N 132 
HIS CA  CB   sing N N 133 
HIS CA  HA   sing N N 134 
HIS C   O    doub N N 135 
HIS C   OXT  sing N N 136 
HIS CB  CG   sing N N 137 
HIS CB  HB2  sing N N 138 
HIS CB  HB3  sing N N 139 
HIS CG  ND1  sing Y N 140 
HIS CG  CD2  doub Y N 141 
HIS ND1 CE1  doub Y N 142 
HIS ND1 HD1  sing N N 143 
HIS CD2 NE2  sing Y N 144 
HIS CD2 HD2  sing N N 145 
HIS CE1 NE2  sing Y N 146 
HIS CE1 HE1  sing N N 147 
HIS NE2 HE2  sing N N 148 
HIS OXT HXT  sing N N 149 
HOH O   H1   sing N N 150 
HOH O   H2   sing N N 151 
ILE N   CA   sing N N 152 
ILE N   H    sing N N 153 
ILE N   H2   sing N N 154 
ILE CA  C    sing N N 155 
ILE CA  CB   sing N N 156 
ILE CA  HA   sing N N 157 
ILE C   O    doub N N 158 
ILE C   OXT  sing N N 159 
ILE CB  CG1  sing N N 160 
ILE CB  CG2  sing N N 161 
ILE CB  HB   sing N N 162 
ILE CG1 CD1  sing N N 163 
ILE CG1 HG12 sing N N 164 
ILE CG1 HG13 sing N N 165 
ILE CG2 HG21 sing N N 166 
ILE CG2 HG22 sing N N 167 
ILE CG2 HG23 sing N N 168 
ILE CD1 HD11 sing N N 169 
ILE CD1 HD12 sing N N 170 
ILE CD1 HD13 sing N N 171 
ILE OXT HXT  sing N N 172 
LEU N   CA   sing N N 173 
LEU N   H    sing N N 174 
LEU N   H2   sing N N 175 
LEU CA  C    sing N N 176 
LEU CA  CB   sing N N 177 
LEU CA  HA   sing N N 178 
LEU C   O    doub N N 179 
LEU C   OXT  sing N N 180 
LEU CB  CG   sing N N 181 
LEU CB  HB2  sing N N 182 
LEU CB  HB3  sing N N 183 
LEU CG  CD1  sing N N 184 
LEU CG  CD2  sing N N 185 
LEU CG  HG   sing N N 186 
LEU CD1 HD11 sing N N 187 
LEU CD1 HD12 sing N N 188 
LEU CD1 HD13 sing N N 189 
LEU CD2 HD21 sing N N 190 
LEU CD2 HD22 sing N N 191 
LEU CD2 HD23 sing N N 192 
LEU OXT HXT  sing N N 193 
LYS N   CA   sing N N 194 
LYS N   H    sing N N 195 
LYS N   H2   sing N N 196 
LYS CA  C    sing N N 197 
LYS CA  CB   sing N N 198 
LYS CA  HA   sing N N 199 
LYS C   O    doub N N 200 
LYS C   OXT  sing N N 201 
LYS CB  CG   sing N N 202 
LYS CB  HB2  sing N N 203 
LYS CB  HB3  sing N N 204 
LYS CG  CD   sing N N 205 
LYS CG  HG2  sing N N 206 
LYS CG  HG3  sing N N 207 
LYS CD  CE   sing N N 208 
LYS CD  HD2  sing N N 209 
LYS CD  HD3  sing N N 210 
LYS CE  NZ   sing N N 211 
LYS CE  HE2  sing N N 212 
LYS CE  HE3  sing N N 213 
LYS NZ  HZ1  sing N N 214 
LYS NZ  HZ2  sing N N 215 
LYS NZ  HZ3  sing N N 216 
LYS OXT HXT  sing N N 217 
MET N   CA   sing N N 218 
MET N   H    sing N N 219 
MET N   H2   sing N N 220 
MET CA  C    sing N N 221 
MET CA  CB   sing N N 222 
MET CA  HA   sing N N 223 
MET C   O    doub N N 224 
MET C   OXT  sing N N 225 
MET CB  CG   sing N N 226 
MET CB  HB2  sing N N 227 
MET CB  HB3  sing N N 228 
MET CG  SD   sing N N 229 
MET CG  HG2  sing N N 230 
MET CG  HG3  sing N N 231 
MET SD  CE   sing N N 232 
MET CE  HE1  sing N N 233 
MET CE  HE2  sing N N 234 
MET CE  HE3  sing N N 235 
MET OXT HXT  sing N N 236 
PHE N   CA   sing N N 237 
PHE N   H    sing N N 238 
PHE N   H2   sing N N 239 
PHE CA  C    sing N N 240 
PHE CA  CB   sing N N 241 
PHE CA  HA   sing N N 242 
PHE C   O    doub N N 243 
PHE C   OXT  sing N N 244 
PHE CB  CG   sing N N 245 
PHE CB  HB2  sing N N 246 
PHE CB  HB3  sing N N 247 
PHE CG  CD1  doub Y N 248 
PHE CG  CD2  sing Y N 249 
PHE CD1 CE1  sing Y N 250 
PHE CD1 HD1  sing N N 251 
PHE CD2 CE2  doub Y N 252 
PHE CD2 HD2  sing N N 253 
PHE CE1 CZ   doub Y N 254 
PHE CE1 HE1  sing N N 255 
PHE CE2 CZ   sing Y N 256 
PHE CE2 HE2  sing N N 257 
PHE CZ  HZ   sing N N 258 
PHE OXT HXT  sing N N 259 
PRO N   CA   sing N N 260 
PRO N   CD   sing N N 261 
PRO N   H    sing N N 262 
PRO CA  C    sing N N 263 
PRO CA  CB   sing N N 264 
PRO CA  HA   sing N N 265 
PRO C   O    doub N N 266 
PRO C   OXT  sing N N 267 
PRO CB  CG   sing N N 268 
PRO CB  HB2  sing N N 269 
PRO CB  HB3  sing N N 270 
PRO CG  CD   sing N N 271 
PRO CG  HG2  sing N N 272 
PRO CG  HG3  sing N N 273 
PRO CD  HD2  sing N N 274 
PRO CD  HD3  sing N N 275 
PRO OXT HXT  sing N N 276 
SER N   CA   sing N N 277 
SER N   H    sing N N 278 
SER N   H2   sing N N 279 
SER CA  C    sing N N 280 
SER CA  CB   sing N N 281 
SER CA  HA   sing N N 282 
SER C   O    doub N N 283 
SER C   OXT  sing N N 284 
SER CB  OG   sing N N 285 
SER CB  HB2  sing N N 286 
SER CB  HB3  sing N N 287 
SER OG  HG   sing N N 288 
SER OXT HXT  sing N N 289 
THR N   CA   sing N N 290 
THR N   H    sing N N 291 
THR N   H2   sing N N 292 
THR CA  C    sing N N 293 
THR CA  CB   sing N N 294 
THR CA  HA   sing N N 295 
THR C   O    doub N N 296 
THR C   OXT  sing N N 297 
THR CB  OG1  sing N N 298 
THR CB  CG2  sing N N 299 
THR CB  HB   sing N N 300 
THR OG1 HG1  sing N N 301 
THR CG2 HG21 sing N N 302 
THR CG2 HG22 sing N N 303 
THR CG2 HG23 sing N N 304 
THR OXT HXT  sing N N 305 
TRP N   CA   sing N N 306 
TRP N   H    sing N N 307 
TRP N   H2   sing N N 308 
TRP CA  C    sing N N 309 
TRP CA  CB   sing N N 310 
TRP CA  HA   sing N N 311 
TRP C   O    doub N N 312 
TRP C   OXT  sing N N 313 
TRP CB  CG   sing N N 314 
TRP CB  HB2  sing N N 315 
TRP CB  HB3  sing N N 316 
TRP CG  CD1  doub Y N 317 
TRP CG  CD2  sing Y N 318 
TRP CD1 NE1  sing Y N 319 
TRP CD1 HD1  sing N N 320 
TRP CD2 CE2  doub Y N 321 
TRP CD2 CE3  sing Y N 322 
TRP NE1 CE2  sing Y N 323 
TRP NE1 HE1  sing N N 324 
TRP CE2 CZ2  sing Y N 325 
TRP CE3 CZ3  doub Y N 326 
TRP CE3 HE3  sing N N 327 
TRP CZ2 CH2  doub Y N 328 
TRP CZ2 HZ2  sing N N 329 
TRP CZ3 CH2  sing Y N 330 
TRP CZ3 HZ3  sing N N 331 
TRP CH2 HH2  sing N N 332 
TRP OXT HXT  sing N N 333 
TYR N   CA   sing N N 334 
TYR N   H    sing N N 335 
TYR N   H2   sing N N 336 
TYR CA  C    sing N N 337 
TYR CA  CB   sing N N 338 
TYR CA  HA   sing N N 339 
TYR C   O    doub N N 340 
TYR C   OXT  sing N N 341 
TYR CB  CG   sing N N 342 
TYR CB  HB2  sing N N 343 
TYR CB  HB3  sing N N 344 
TYR CG  CD1  doub Y N 345 
TYR CG  CD2  sing Y N 346 
TYR CD1 CE1  sing Y N 347 
TYR CD1 HD1  sing N N 348 
TYR CD2 CE2  doub Y N 349 
TYR CD2 HD2  sing N N 350 
TYR CE1 CZ   doub Y N 351 
TYR CE1 HE1  sing N N 352 
TYR CE2 CZ   sing Y N 353 
TYR CE2 HE2  sing N N 354 
TYR CZ  OH   sing N N 355 
TYR OH  HH   sing N N 356 
TYR OXT HXT  sing N N 357 
VAL N   CA   sing N N 358 
VAL N   H    sing N N 359 
VAL N   H2   sing N N 360 
VAL CA  C    sing N N 361 
VAL CA  CB   sing N N 362 
VAL CA  HA   sing N N 363 
VAL C   O    doub N N 364 
VAL C   OXT  sing N N 365 
VAL CB  CG1  sing N N 366 
VAL CB  CG2  sing N N 367 
VAL CB  HB   sing N N 368 
VAL CG1 HG11 sing N N 369 
VAL CG1 HG12 sing N N 370 
VAL CG1 HG13 sing N N 371 
VAL CG2 HG21 sing N N 372 
VAL CG2 HG22 sing N N 373 
VAL CG2 HG23 sing N N 374 
VAL OXT HXT  sing N N 375 
# 
_pdbx_initial_refinement_model.id               1 
_pdbx_initial_refinement_model.entity_id_list   ? 
_pdbx_initial_refinement_model.type             'experimental model' 
_pdbx_initial_refinement_model.source_name      PDB 
_pdbx_initial_refinement_model.accession_code   3CFI 
_pdbx_initial_refinement_model.details          'PDB ENTRY 3CFI' 
# 
_atom_sites.entry_id                    4IDL 
_atom_sites.fract_transf_matrix[1][1]   -0.00268669 
_atom_sites.fract_transf_matrix[1][2]   0.00998873 
_atom_sites.fract_transf_matrix[1][3]   0.01546926 
_atom_sites.fract_transf_matrix[2][1]   0.00980287 
_atom_sites.fract_transf_matrix[2][2]   -0.01312121 
_atom_sites.fract_transf_matrix[2][3]   0.01017512 
_atom_sites.fract_transf_matrix[3][1]   0.01726604 
_atom_sites.fract_transf_matrix[3][2]   0.01444142 
_atom_sites.fract_transf_matrix[3][3]   0.00198840 
_atom_sites.fract_transf_vector[1]      0.187754 
_atom_sites.fract_transf_vector[2]      0.009045 
_atom_sites.fract_transf_vector[3]      0.312520 
# 
loop_
_atom_type.symbol 
C 
N 
O 
S 
# 
loop_
_atom_site.group_PDB 
_atom_site.id 
_atom_site.type_symbol 
_atom_site.label_atom_id 
_atom_site.label_alt_id 
_atom_site.label_comp_id 
_atom_site.label_asym_id 
_atom_site.label_entity_id 
_atom_site.label_seq_id 
_atom_site.pdbx_PDB_ins_code 
_atom_site.Cartn_x 
_atom_site.Cartn_y 
_atom_site.Cartn_z 
_atom_site.occupancy 
_atom_site.B_iso_or_equiv 
_atom_site.pdbx_formal_charge 
_atom_site.auth_seq_id 
_atom_site.auth_comp_id 
_atom_site.auth_asym_id 
_atom_site.auth_atom_id 
_atom_site.pdbx_PDB_model_num 
ATOM   1    N N   . LYS A 1 3   ? 16.250  8.468   -5.430  1.00 28.86 ? 1   LYS A N   1 
ATOM   2    C CA  . LYS A 1 3   ? 16.198  7.750   -4.124  1.00 27.20 ? 1   LYS A CA  1 
ATOM   3    C C   . LYS A 1 3   ? 15.415  6.427   -4.215  1.00 26.12 ? 1   LYS A C   1 
ATOM   4    O O   . LYS A 1 3   ? 15.972  5.408   -4.634  1.00 23.79 ? 1   LYS A O   1 
ATOM   5    C CB  . LYS A 1 3   ? 15.622  8.662   -3.018  1.00 28.32 ? 1   LYS A CB  1 
ATOM   6    C CG  . LYS A 1 3   ? 14.208  9.189   -3.268  1.00 30.06 ? 1   LYS A CG  1 
ATOM   7    C CD  . LYS A 1 3   ? 13.465  9.327   -1.953  1.00 30.64 ? 1   LYS A CD  1 
ATOM   8    C CE  . LYS A 1 3   ? 12.007  9.633   -2.205  1.00 30.84 ? 1   LYS A CE  1 
ATOM   9    N NZ  . LYS A 1 3   ? 11.391  10.140  -0.951  1.00 30.55 ? 1   LYS A NZ  1 
ATOM   10   N N   . VAL A 1 4   ? 14.143  6.462   -3.792  1.00 24.24 ? 2   VAL A N   1 
ATOM   11   C CA  . VAL A 1 4   ? 13.225  5.316   -3.826  1.00 22.64 ? 2   VAL A CA  1 
ATOM   12   C C   . VAL A 1 4   ? 11.937  5.751   -4.542  1.00 22.30 ? 2   VAL A C   1 
ATOM   13   O O   . VAL A 1 4   ? 11.248  6.678   -4.094  1.00 20.94 ? 2   VAL A O   1 
ATOM   14   C CB  . VAL A 1 4   ? 12.857  4.783   -2.412  1.00 22.15 ? 2   VAL A CB  1 
ATOM   15   C CG1 . VAL A 1 4   ? 11.748  3.738   -2.496  1.00 21.47 ? 2   VAL A CG1 1 
ATOM   16   C CG2 . VAL A 1 4   ? 14.056  4.180   -1.705  1.00 21.87 ? 2   VAL A CG2 1 
ATOM   17   N N   . GLN A 1 5   ? 11.624  5.065   -5.635  1.00 21.43 ? 3   GLN A N   1 
ATOM   18   C CA  . GLN A 1 5   ? 10.449  5.369   -6.447  1.00 21.23 ? 3   GLN A CA  1 
ATOM   19   C C   . GLN A 1 5   ? 9.473   4.213   -6.357  1.00 18.54 ? 3   GLN A C   1 
ATOM   20   O O   . GLN A 1 5   ? 9.888   3.054   -6.223  1.00 17.16 ? 3   GLN A O   1 
ATOM   21   C CB  . GLN A 1 5   ? 10.847  5.555   -7.918  1.00 24.82 ? 3   GLN A CB  1 
ATOM   22   C CG  . GLN A 1 5   ? 11.955  6.567   -8.188  1.00 30.07 ? 3   GLN A CG  1 
ATOM   23   C CD  . GLN A 1 5   ? 11.509  7.995   -7.955  1.00 35.11 ? 3   GLN A CD  1 
ATOM   24   O OE1 . GLN A 1 5   ? 11.654  8.534   -6.848  1.00 39.20 ? 3   GLN A OE1 1 
ATOM   25   N NE2 . GLN A 1 5   ? 10.969  8.625   -8.999  1.00 37.60 ? 3   GLN A NE2 1 
ATOM   26   N N   . LEU A 1 6   ? 8.183   4.531   -6.448  1.00 16.25 ? 4   LEU A N   1 
ATOM   27   C CA  . LEU A 1 6   ? 7.112   3.537   -6.378  1.00 15.46 ? 4   LEU A CA  1 
ATOM   28   C C   . LEU A 1 6   ? 6.190   3.642   -7.587  1.00 15.87 ? 4   LEU A C   1 
ATOM   29   O O   . LEU A 1 6   ? 5.856   4.752   -8.019  1.00 15.25 ? 4   LEU A O   1 
ATOM   30   C CB  . LEU A 1 6   ? 6.296   3.707   -5.087  1.00 14.13 ? 4   LEU A CB  1 
ATOM   31   C CG  . LEU A 1 6   ? 7.056   3.694   -3.753  1.00 13.79 ? 4   LEU A CG  1 
ATOM   32   C CD1 . LEU A 1 6   ? 6.141   4.036   -2.582  1.00 13.04 ? 4   LEU A CD1 1 
ATOM   33   C CD2 . LEU A 1 6   ? 7.733   2.343   -3.559  1.00 12.85 ? 4   LEU A CD2 1 
ATOM   34   N N   . GLN A 1 7   ? 5.779   2.486   -8.112  1.00 16.43 ? 5   GLN A N   1 
ATOM   35   C CA  . GLN A 1 7   ? 4.817   2.410   -9.210  1.00 17.77 ? 5   GLN A CA  1 
ATOM   36   C C   . GLN A 1 7   ? 3.718   1.443   -8.795  1.00 16.35 ? 5   GLN A C   1 
ATOM   37   O O   . GLN A 1 7   ? 4.004   0.352   -8.303  1.00 15.67 ? 5   GLN A O   1 
ATOM   38   C CB  . GLN A 1 7   ? 5.482   1.898   -10.505 1.00 21.13 ? 5   GLN A CB  1 
ATOM   39   C CG  . GLN A 1 7   ? 6.402   2.906   -11.179 1.00 25.44 ? 5   GLN A CG  1 
ATOM   40   C CD  . GLN A 1 7   ? 5.641   3.923   -12.030 1.00 30.10 ? 5   GLN A CD  1 
ATOM   41   O OE1 . GLN A 1 7   ? 4.547   3.640   -12.535 1.00 31.50 ? 5   GLN A OE1 1 
ATOM   42   N NE2 . GLN A 1 7   ? 6.217   5.118   -12.184 1.00 31.60 ? 5   GLN A NE2 1 
ATOM   43   N N   . GLN A 1 8   ? 2.487   1.869   -8.943  1.00 14.77 ? 6   GLN A N   1 
ATOM   44   C CA  . GLN A 1 8   ? 1.303   1.140   -8.561  1.00 14.16 ? 6   GLN A CA  1 
ATOM   45   C C   . GLN A 1 8   ? 0.428   0.624   -9.741  1.00 13.39 ? 6   GLN A C   1 
ATOM   46   O O   . GLN A 1 8   ? 0.320   1.270   -10.725 1.00 12.94 ? 6   GLN A O   1 
ATOM   47   C CB  . GLN A 1 8   ? 0.420   2.035   -7.731  1.00 20.00 ? 6   GLN A CB  1 
ATOM   48   C CG  . GLN A 1 8   ? 0.942   2.473   -6.434  1.00 20.00 ? 6   GLN A CG  1 
ATOM   49   C CD  . GLN A 1 8   ? -0.074  3.245   -5.653  1.00 20.00 ? 6   GLN A CD  1 
ATOM   50   O OE1 . GLN A 1 8   ? 0.243   4.145   -4.920  1.00 20.00 ? 6   GLN A OE1 1 
ATOM   51   N NE2 . GLN A 1 8   ? -1.244  2.865   -5.786  1.00 20.00 ? 6   GLN A NE2 1 
ATOM   52   N N   . SER A 1 9   ? -0.230  -0.494  -9.543  1.00 13.01 ? 7   SER A N   1 
ATOM   53   C CA  . SER A 1 9   ? -1.166  -1.052  -10.522 1.00 13.28 ? 7   SER A CA  1 
ATOM   54   C C   . SER A 1 9   ? -2.169  -1.968  -9.821  1.00 13.07 ? 7   SER A C   1 
ATOM   55   O O   . SER A 1 9   ? -2.001  -2.292  -8.643  1.00 13.14 ? 7   SER A O   1 
ATOM   56   C CB  . SER A 1 9   ? -0.407  -1.842  -11.594 1.00 13.14 ? 7   SER A CB  1 
ATOM   57   O OG  . SER A 1 9   ? 0.368   -2.875  -10.999 1.00 12.67 ? 7   SER A OG  1 
ATOM   58   N N   . GLY A 1 10  ? -3.214  -2.373  -10.535 1.00 13.47 ? 8   GLY A N   1 
ATOM   59   C CA  . GLY A 1 10  ? -4.132  -3.397  -10.020 1.00 15.01 ? 8   GLY A CA  1 
ATOM   60   C C   . GLY A 1 10  ? -5.500  -2.854  -9.652  1.00 16.42 ? 8   GLY A C   1 
ATOM   61   O O   . GLY A 1 10  ? -6.269  -3.498  -8.922  1.00 17.29 ? 8   GLY A O   1 
ATOM   62   N N   . GLY A 1 11  ? -5.815  -1.673  -10.166 1.00 16.18 ? 9   GLY A N   1 
ATOM   63   C CA  . GLY A 1 11  ? -7.093  -1.032  -9.854  1.00 18.70 ? 9   GLY A CA  1 
ATOM   64   C C   . GLY A 1 11  ? -8.252  -1.683  -10.584 1.00 19.55 ? 9   GLY A C   1 
ATOM   65   O O   . GLY A 1 11  ? -8.041  -2.383  -11.582 1.00 21.98 ? 9   GLY A O   1 
ATOM   66   N N   . GLY A 1 12  ? -9.470  -1.460  -10.098 1.00 18.20 ? 10  GLY A N   1 
ATOM   67   C CA  . GLY A 1 12  ? -10.640 -1.968  -10.791 1.00 17.94 ? 10  GLY A CA  1 
ATOM   68   C C   . GLY A 1 12  ? -11.976 -1.600  -10.180 1.00 17.46 ? 10  GLY A C   1 
ATOM   69   O O   . GLY A 1 12  ? -12.043 -0.880  -9.183  1.00 17.08 ? 10  GLY A O   1 
ATOM   70   N N   . ALA A 1 13  ? -13.042 -2.079  -10.812 1.00 17.10 ? 11  ALA A N   1 
ATOM   71   C CA  . ALA A 1 13  ? -14.392 -1.972  -10.266 1.00 16.89 ? 11  ALA A CA  1 
ATOM   72   C C   . ALA A 1 13  ? -14.967 -3.380  -10.126 1.00 16.93 ? 11  ALA A C   1 
ATOM   73   O O   . ALA A 1 13  ? -14.931 -4.168  -11.078 1.00 16.23 ? 11  ALA A O   1 
ATOM   74   C CB  . ALA A 1 13  ? -15.274 -1.112  -11.158 1.00 16.91 ? 11  ALA A CB  1 
ATOM   75   N N   . VAL A 1 14  ? -15.481 -3.688  -8.938  1.00 16.61 ? 12  VAL A N   1 
ATOM   76   C CA  . VAL A 1 14  ? -16.034 -5.011  -8.648  1.00 17.65 ? 12  VAL A CA  1 
ATOM   77   C C   . VAL A 1 14  ? -17.362 -4.892  -7.894  1.00 18.13 ? 12  VAL A C   1 
ATOM   78   O O   . VAL A 1 14  ? -17.713 -3.812  -7.418  1.00 17.42 ? 12  VAL A O   1 
ATOM   79   C CB  . VAL A 1 14  ? -15.048 -5.892  -7.851  1.00 17.06 ? 12  VAL A CB  1 
ATOM   80   C CG1 . VAL A 1 14  ? -13.836 -6.210  -8.698  1.00 17.41 ? 12  VAL A CG1 1 
ATOM   81   C CG2 . VAL A 1 14  ? -14.629 -5.227  -6.550  1.00 16.47 ? 12  VAL A CG2 1 
ATOM   82   N N   . GLN A 1 15  ? -18.105 -5.993  -7.815  1.00 19.64 ? 13  GLN A N   1 
ATOM   83   C CA  . GLN A 1 15  ? -19.346 -6.007  -7.041  1.00 21.35 ? 13  GLN A CA  1 
ATOM   84   C C   . GLN A 1 15  ? -19.027 -6.420  -5.614  1.00 20.71 ? 13  GLN A C   1 
ATOM   85   O O   . GLN A 1 15  ? -18.042 -7.132  -5.373  1.00 20.41 ? 13  GLN A O   1 
ATOM   86   C CB  . GLN A 1 15  ? -20.426 -6.927  -7.675  1.00 23.39 ? 13  GLN A CB  1 
ATOM   87   C CG  . GLN A 1 15  ? -20.047 -8.406  -7.826  1.00 25.45 ? 13  GLN A CG  1 
ATOM   88   C CD  . GLN A 1 15  ? -21.218 -9.337  -8.186  1.00 26.42 ? 13  GLN A CD  1 
ATOM   89   O OE1 . GLN A 1 15  ? -21.115 -10.161 -9.107  1.00 26.08 ? 13  GLN A OE1 1 
ATOM   90   N NE2 . GLN A 1 15  ? -22.331 -9.214  -7.451  1.00 27.92 ? 13  GLN A NE2 1 
ATOM   91   N N   . THR A 1 16  ? -19.853 -5.962  -4.677  1.00 19.43 ? 14  THR A N   1 
ATOM   92   C CA  . THR A 1 16  ? -19.727 -6.332  -3.274  1.00 19.34 ? 14  THR A CA  1 
ATOM   93   C C   . THR A 1 16  ? -19.437 -7.830  -3.141  1.00 18.45 ? 14  THR A C   1 
ATOM   94   O O   . THR A 1 16  ? -20.064 -8.640  -3.818  1.00 17.73 ? 14  THR A O   1 
ATOM   95   C CB  . THR A 1 16  ? -21.018 -5.957  -2.504  1.00 20.64 ? 14  THR A CB  1 
ATOM   96   O OG1 . THR A 1 16  ? -21.301 -4.571  -2.735  1.00 20.83 ? 14  THR A OG1 1 
ATOM   97   C CG2 . THR A 1 16  ? -20.873 -6.202  -0.984  1.00 21.39 ? 14  THR A CG2 1 
ATOM   98   N N   . GLY A 1 17  ? -18.478 -8.178  -2.282  1.00 17.10 ? 15  GLY A N   1 
ATOM   99   C CA  . GLY A 1 17  ? -18.084 -9.562  -2.068  1.00 16.83 ? 15  GLY A CA  1 
ATOM   100  C C   . GLY A 1 17  ? -16.883 -9.996  -2.906  1.00 17.25 ? 15  GLY A C   1 
ATOM   101  O O   . GLY A 1 17  ? -16.248 -11.022 -2.606  1.00 17.83 ? 15  GLY A O   1 
ATOM   102  N N   . GLY A 1 18  ? -16.572 -9.233  -3.959  1.00 16.22 ? 16  GLY A N   1 
ATOM   103  C CA  . GLY A 1 18  ? -15.479 -9.575  -4.873  1.00 15.85 ? 16  GLY A CA  1 
ATOM   104  C C   . GLY A 1 18  ? -14.082 -9.321  -4.326  1.00 15.55 ? 16  GLY A C   1 
ATOM   105  O O   . GLY A 1 18  ? -13.902 -8.923  -3.169  1.00 14.88 ? 16  GLY A O   1 
ATOM   106  N N   . SER A 1 19  ? -13.082 -9.546  -5.175  1.00 15.02 ? 17  SER A N   1 
ATOM   107  C CA  . SER A 1 19  ? -11.689 -9.373  -4.792  1.00 13.96 ? 17  SER A CA  1 
ATOM   108  C C   . SER A 1 19  ? -10.923 -8.565  -5.815  1.00 13.20 ? 17  SER A C   1 
ATOM   109  O O   . SER A 1 19  ? -11.245 -8.589  -6.999  1.00 12.79 ? 17  SER A O   1 
ATOM   110  C CB  . SER A 1 19  ? -10.998 -10.732 -4.638  1.00 14.58 ? 17  SER A CB  1 
ATOM   111  O OG  . SER A 1 19  ? -11.577 -11.511 -3.609  1.00 15.09 ? 17  SER A OG  1 
ATOM   112  N N   . LEU A 1 20  ? -9.887  -7.869  -5.341  1.00 13.01 ? 18  LEU A N   1 
ATOM   113  C CA  . LEU A 1 20  ? -8.904  -7.188  -6.190  1.00 13.20 ? 18  LEU A CA  1 
ATOM   114  C C   . LEU A 1 20  ? -7.498  -7.359  -5.594  1.00 13.61 ? 18  LEU A C   1 
ATOM   115  O O   . LEU A 1 20  ? -7.356  -7.662  -4.409  1.00 13.44 ? 18  LEU A O   1 
ATOM   116  C CB  . LEU A 1 20  ? -9.224  -5.697  -6.289  1.00 13.49 ? 18  LEU A CB  1 
ATOM   117  C CG  . LEU A 1 20  ? -10.452 -5.212  -7.052  1.00 13.23 ? 18  LEU A CG  1 
ATOM   118  C CD1 . LEU A 1 20  ? -10.665 -3.730  -6.799  1.00 13.67 ? 18  LEU A CD1 1 
ATOM   119  C CD2 . LEU A 1 20  ? -10.308 -5.473  -8.537  1.00 13.18 ? 18  LEU A CD2 1 
ATOM   120  N N   . LYS A 1 21  ? -6.460  -7.157  -6.401  1.00 13.86 ? 19  LYS A N   1 
ATOM   121  C CA  . LYS A 1 21  ? -5.102  -7.147  -5.878  1.00 14.66 ? 19  LYS A CA  1 
ATOM   122  C C   . LYS A 1 21  ? -4.339  -5.902  -6.308  1.00 14.83 ? 19  LYS A C   1 
ATOM   123  O O   . LYS A 1 21  ? -4.245  -5.596  -7.493  1.00 15.06 ? 19  LYS A O   1 
ATOM   124  C CB  . LYS A 1 21  ? -4.338  -8.413  -6.289  1.00 16.60 ? 19  LYS A CB  1 
ATOM   125  C CG  . LYS A 1 21  ? -2.949  -8.511  -5.678  1.00 18.67 ? 19  LYS A CG  1 
ATOM   126  C CD  . LYS A 1 21  ? -2.245  -9.822  -5.999  1.00 21.28 ? 19  LYS A CD  1 
ATOM   127  C CE  . LYS A 1 21  ? -1.580  -9.765  -7.368  1.00 23.51 ? 19  LYS A CE  1 
ATOM   128  N NZ  . LYS A 1 21  ? -0.535  -10.825 -7.554  1.00 26.02 ? 19  LYS A NZ  1 
ATOM   129  N N   . LEU A 1 22  ? -3.784  -5.187  -5.341  1.00 14.32 ? 20  LEU A N   1 
ATOM   130  C CA  . LEU A 1 22  ? -2.977  -4.014  -5.655  1.00 14.12 ? 20  LEU A CA  1 
ATOM   131  C C   . LEU A 1 22  ? -1.514  -4.421  -5.618  1.00 13.98 ? 20  LEU A C   1 
ATOM   132  O O   . LEU A 1 22  ? -1.110  -5.228  -4.788  1.00 13.68 ? 20  LEU A O   1 
ATOM   133  C CB  . LEU A 1 22  ? -3.228  -2.880  -4.649  1.00 14.45 ? 20  LEU A CB  1 
ATOM   134  C CG  . LEU A 1 22  ? -4.687  -2.470  -4.412  1.00 15.02 ? 20  LEU A CG  1 
ATOM   135  C CD1 . LEU A 1 22  ? -4.796  -1.397  -3.342  1.00 15.45 ? 20  LEU A CD1 1 
ATOM   136  C CD2 . LEU A 1 22  ? -5.344  -2.001  -5.691  1.00 14.88 ? 20  LEU A CD2 1 
ATOM   137  N N   . THR A 1 23  ? -0.729  -3.852  -6.524  1.00 12.78 ? 21  THR A N   1 
ATOM   138  C CA  . THR A 1 23  ? 0.683   -4.169  -6.589  1.00 12.58 ? 21  THR A CA  1 
ATOM   139  C C   . THR A 1 23  ? 1.437   -2.844  -6.534  1.00 12.40 ? 21  THR A C   1 
ATOM   140  O O   . THR A 1 23  ? 0.986   -1.847  -7.094  1.00 11.80 ? 21  THR A O   1 
ATOM   141  C CB  . THR A 1 23  ? 1.007   -4.963  -7.872  1.00 12.44 ? 21  THR A CB  1 
ATOM   142  O OG1 . THR A 1 23  ? 0.251   -6.187  -7.870  1.00 12.10 ? 21  THR A OG1 1 
ATOM   143  C CG2 . THR A 1 23  ? 2.514   -5.304  -7.964  1.00 12.96 ? 21  THR A CG2 1 
ATOM   144  N N   . CYS A 1 24  ? 2.574   -2.843  -5.848  1.00 12.34 ? 22  CYS A N   1 
ATOM   145  C CA  . CYS A 1 24  ? 3.436   -1.680  -5.812  1.00 12.95 ? 22  CYS A CA  1 
ATOM   146  C C   . CYS A 1 24  ? 4.878   -2.108  -5.992  1.00 13.13 ? 22  CYS A C   1 
ATOM   147  O O   . CYS A 1 24  ? 5.391   -2.881  -5.182  1.00 13.13 ? 22  CYS A O   1 
ATOM   148  C CB  . CYS A 1 24  ? 3.257   -1.000  -4.480  1.00 13.60 ? 22  CYS A CB  1 
ATOM   149  S SG  . CYS A 1 24  ? 4.264   0.452   -4.169  1.00 14.46 ? 22  CYS A SG  1 
ATOM   150  N N   . LEU A 1 25  ? 5.521   -1.601  -7.048  1.00 13.16 ? 23  LEU A N   1 
ATOM   151  C CA  . LEU A 1 25  ? 6.922   -1.910  -7.336  1.00 13.42 ? 23  LEU A CA  1 
ATOM   152  C C   . LEU A 1 25  ? 7.843   -0.766  -6.931  1.00 13.24 ? 23  LEU A C   1 
ATOM   153  O O   . LEU A 1 25  ? 7.658   0.382   -7.354  1.00 12.44 ? 23  LEU A O   1 
ATOM   154  C CB  . LEU A 1 25  ? 7.130   -2.251  -8.823  1.00 14.29 ? 23  LEU A CB  1 
ATOM   155  C CG  . LEU A 1 25  ? 6.313   -3.400  -9.440  1.00 15.45 ? 23  LEU A CG  1 
ATOM   156  C CD1 . LEU A 1 25  ? 6.583   -3.466  -10.945 1.00 16.47 ? 23  LEU A CD1 1 
ATOM   157  C CD2 . LEU A 1 25  ? 6.588   -4.747  -8.776  1.00 15.32 ? 23  LEU A CD2 1 
ATOM   158  N N   . ALA A 1 26  ? 8.827   -1.090  -6.099  1.00 12.96 ? 24  ALA A N   1 
ATOM   159  C CA  . ALA A 1 26  ? 9.838   -0.127  -5.655  1.00 13.64 ? 24  ALA A CA  1 
ATOM   160  C C   . ALA A 1 26  ? 11.118  -0.234  -6.508  1.00 14.22 ? 24  ALA A C   1 
ATOM   161  O O   . ALA A 1 26  ? 11.528  -1.341  -6.913  1.00 13.74 ? 24  ALA A O   1 
ATOM   162  C CB  . ALA A 1 26  ? 10.169  -0.340  -4.187  1.00 13.17 ? 24  ALA A CB  1 
ATOM   163  N N   . SER A 1 27  ? 11.723  0.921   -6.779  1.00 14.22 ? 25  SER A N   1 
ATOM   164  C CA  . SER A 1 27  ? 12.975  1.012   -7.527  1.00 14.96 ? 25  SER A CA  1 
ATOM   165  C C   . SER A 1 27  ? 13.916  2.004   -6.841  1.00 15.29 ? 25  SER A C   1 
ATOM   166  O O   . SER A 1 27  ? 13.494  2.796   -5.974  1.00 14.50 ? 25  SER A O   1 
ATOM   167  C CB  . SER A 1 27  ? 12.721  1.412   -8.985  1.00 14.97 ? 25  SER A CB  1 
ATOM   168  O OG  . SER A 1 27  ? 11.854  2.520   -9.022  1.00 17.19 ? 25  SER A OG  1 
ATOM   169  N N   . GLY A 1 28  ? 15.190  1.951   -7.222  1.00 14.89 ? 26  GLY A N   1 
ATOM   170  C CA  . GLY A 1 28  ? 16.211  2.751   -6.562  1.00 15.19 ? 26  GLY A CA  1 
ATOM   171  C C   . GLY A 1 28  ? 16.745  2.065   -5.321  1.00 15.20 ? 26  GLY A C   1 
ATOM   172  O O   . GLY A 1 28  ? 17.023  0.865   -5.336  1.00 14.73 ? 26  GLY A O   1 
ATOM   173  N N   . ASN A 1 29  ? 16.876  2.835   -4.243  1.00 15.50 ? 27  ASN A N   1 
ATOM   174  C CA  . ASN A 1 29  ? 17.599  2.404   -3.040  1.00 16.04 ? 27  ASN A CA  1 
ATOM   175  C C   . ASN A 1 29  ? 16.723  1.533   -2.128  1.00 16.03 ? 27  ASN A C   1 
ATOM   176  O O   . ASN A 1 29  ? 16.477  1.872   -0.968  1.00 16.27 ? 27  ASN A O   1 
ATOM   177  C CB  . ASN A 1 29  ? 18.128  3.660   -2.300  1.00 16.96 ? 27  ASN A CB  1 
ATOM   178  C CG  . ASN A 1 29  ? 19.087  3.332   -1.161  1.00 17.01 ? 27  ASN A CG  1 
ATOM   179  O OD1 . ASN A 1 29  ? 19.526  2.191   -1.002  1.00 17.75 ? 27  ASN A OD1 1 
ATOM   180  N ND2 . ASN A 1 29  ? 19.410  4.343   -0.358  1.00 17.19 ? 27  ASN A ND2 1 
ATOM   181  N N   . THR A 1 30  ? 16.258  0.405   -2.662  1.00 15.60 ? 28  THR A N   1 
ATOM   182  C CA  . THR A 1 30  ? 15.251  -0.420  -1.974  1.00 15.74 ? 28  THR A CA  1 
ATOM   183  C C   . THR A 1 30  ? 15.771  -1.105  -0.711  1.00 15.39 ? 28  THR A C   1 
ATOM   184  O O   . THR A 1 30  ? 14.986  -1.463  0.168   1.00 14.27 ? 28  THR A O   1 
ATOM   185  C CB  . THR A 1 30  ? 14.627  -1.486  -2.911  1.00 15.88 ? 28  THR A CB  1 
ATOM   186  O OG1 . THR A 1 30  ? 15.665  -2.278  -3.491  1.00 16.17 ? 28  THR A OG1 1 
ATOM   187  C CG2 . THR A 1 30  ? 13.814  -0.814  -4.024  1.00 15.56 ? 28  THR A CG2 1 
ATOM   188  N N   . ALA A 1 31  ? 17.091  -1.274  -0.618  1.00 15.29 ? 29  ALA A N   1 
ATOM   189  C CA  . ALA A 1 31  ? 17.707  -1.782  0.613   1.00 15.93 ? 29  ALA A CA  1 
ATOM   190  C C   . ALA A 1 31  ? 17.427  -0.887  1.826   1.00 15.42 ? 29  ALA A C   1 
ATOM   191  O O   . ALA A 1 31  ? 17.403  -1.365  2.969   1.00 15.64 ? 29  ALA A O   1 
ATOM   192  C CB  . ALA A 1 31  ? 19.211  -1.995  0.414   1.00 16.48 ? 29  ALA A CB  1 
ATOM   193  N N   . SER A 1 32  ? 17.182  0.403   1.586   1.00 15.45 ? 30  SER A N   1 
ATOM   194  C CA  . SER A 1 32  ? 16.879  1.342   2.675   1.00 15.20 ? 30  SER A CA  1 
ATOM   195  C C   . SER A 1 32  ? 15.446  1.246   3.233   1.00 15.44 ? 30  SER A C   1 
ATOM   196  O O   . SER A 1 32  ? 15.135  1.869   4.251   1.00 15.53 ? 30  SER A O   1 
ATOM   197  C CB  . SER A 1 32  ? 17.178  2.780   2.237   1.00 15.47 ? 30  SER A CB  1 
ATOM   198  O OG  . SER A 1 32  ? 16.208  3.259   1.310   1.00 15.46 ? 30  SER A OG  1 
ATOM   199  N N   . ILE A 1 33  ? 14.575  0.481   2.570   1.00 15.70 ? 31  ILE A N   1 
ATOM   200  C CA  . ILE A 1 33  ? 13.146  0.416   2.948   1.00 16.00 ? 31  ILE A CA  1 
ATOM   201  C C   . ILE A 1 33  ? 12.924  -0.382  4.242   1.00 16.43 ? 31  ILE A C   1 
ATOM   202  O O   . ILE A 1 33  ? 13.281  -1.554  4.317   1.00 15.59 ? 31  ILE A O   1 
ATOM   203  C CB  . ILE A 1 33  ? 12.278  -0.181  1.807   1.00 15.80 ? 31  ILE A CB  1 
ATOM   204  C CG1 . ILE A 1 33  ? 12.323  0.732   0.582   1.00 15.63 ? 31  ILE A CG1 1 
ATOM   205  C CG2 . ILE A 1 33  ? 10.845  -0.393  2.279   1.00 15.41 ? 31  ILE A CG2 1 
ATOM   206  C CD1 . ILE A 1 33  ? 11.629  0.174   -0.649  1.00 15.91 ? 31  ILE A CD1 1 
ATOM   207  N N   . ARG A 1 34  ? 12.338  0.269   5.250   1.00 16.16 ? 32  ARG A N   1 
ATOM   208  C CA  . ARG A 1 34  ? 12.044  -0.362  6.529   0.50 16.52 ? 32  ARG A CA  1 
ATOM   209  C C   . ARG A 1 34  ? 10.617  -0.906  6.595   1.00 17.10 ? 32  ARG A C   1 
ATOM   210  O O   . ARG A 1 34  ? 10.360  -1.888  7.294   1.00 18.87 ? 32  ARG A O   1 
ATOM   211  C CB  . ARG A 1 34  ? 12.310  0.610   7.678   0.50 16.33 ? 32  ARG A CB  1 
ATOM   212  C CG  . ARG A 1 34  ? 13.793  0.775   7.978   0.50 16.70 ? 32  ARG A CG  1 
ATOM   213  C CD  . ARG A 1 34  ? 14.172  2.220   8.283   0.50 16.91 ? 32  ARG A CD  1 
ATOM   214  N NE  . ARG A 1 34  ? 14.045  2.581   9.693   0.50 17.02 ? 32  ARG A NE  1 
ATOM   215  C CZ  . ARG A 1 34  ? 13.159  3.451   10.173  0.50 17.32 ? 32  ARG A CZ  1 
ATOM   216  N NH1 . ARG A 1 34  ? 12.295  4.056   9.358   0.50 17.67 ? 32  ARG A NH1 1 
ATOM   217  N NH2 . ARG A 1 34  ? 13.137  3.721   11.471  0.50 16.97 ? 32  ARG A NH2 1 
ATOM   218  N N   . ALA A 1 35  ? 9.693   -0.279  5.872   1.00 16.18 ? 33  ALA A N   1 
ATOM   219  C CA  . ALA A 1 35  ? 8.303   -0.734  5.817   1.00 15.97 ? 33  ALA A CA  1 
ATOM   220  C C   . ALA A 1 35  ? 7.631   -0.265  4.537   1.00 15.67 ? 33  ALA A C   1 
ATOM   221  O O   . ALA A 1 35  ? 7.938   0.817   4.026   1.00 14.91 ? 33  ALA A O   1 
ATOM   222  C CB  . ALA A 1 35  ? 7.514   -0.212  7.015   1.00 16.52 ? 33  ALA A CB  1 
ATOM   223  N N   . MET A 1 36  ? 6.712   -1.085  4.037   1.00 15.20 ? 34  MET A N   1 
ATOM   224  C CA  . MET A 1 36  ? 5.831   -0.691  2.951   1.00 15.48 ? 34  MET A CA  1 
ATOM   225  C C   . MET A 1 36  ? 4.394   -0.808  3.410   1.00 15.67 ? 34  MET A C   1 
ATOM   226  O O   . MET A 1 36  ? 4.058   -1.673  4.220   1.00 15.36 ? 34  MET A O   1 
ATOM   227  C CB  . MET A 1 36  ? 6.078   -1.529  1.699   1.00 15.81 ? 34  MET A CB  1 
ATOM   228  C CG  . MET A 1 36  ? 7.451   -1.262  1.081   1.00 16.33 ? 34  MET A CG  1 
ATOM   229  S SD  . MET A 1 36  ? 7.633   -2.122  -0.482  1.00 17.46 ? 34  MET A SD  1 
ATOM   230  C CE  . MET A 1 36  ? 6.778   -0.967  -1.570  1.00 16.50 ? 34  MET A CE  1 
ATOM   231  N N   . GLY A 1 37  ? 3.552   0.087   2.906   1.00 15.66 ? 35  GLY A N   1 
ATOM   232  C CA  . GLY A 1 37  ? 2.189   0.210   3.413   1.00 15.27 ? 35  GLY A CA  1 
ATOM   233  C C   . GLY A 1 37  ? 1.185   0.690   2.386   1.00 15.01 ? 35  GLY A C   1 
ATOM   234  O O   . GLY A 1 37  ? 1.549   1.085   1.272   1.00 14.54 ? 35  GLY A O   1 
ATOM   235  N N   . TRP A 1 38  ? -0.083  0.660   2.782   1.00 14.20 ? 36  TRP A N   1 
ATOM   236  C CA  . TRP A 1 38  ? -1.168  1.091   1.936   1.00 13.89 ? 36  TRP A CA  1 
ATOM   237  C C   . TRP A 1 38  ? -2.013  2.047   2.711   1.00 14.34 ? 36  TRP A C   1 
ATOM   238  O O   . TRP A 1 38  ? -2.290  1.832   3.907   1.00 13.36 ? 36  TRP A O   1 
ATOM   239  C CB  . TRP A 1 38  ? -1.987  -0.113  1.463   1.00 13.81 ? 36  TRP A CB  1 
ATOM   240  C CG  . TRP A 1 38  ? -1.217  -1.018  0.512   1.00 13.87 ? 36  TRP A CG  1 
ATOM   241  C CD1 . TRP A 1 38  ? -0.483  -2.168  0.829   1.00 13.47 ? 36  TRP A CD1 1 
ATOM   242  C CD2 . TRP A 1 38  ? -1.051  -0.852  -0.952  1.00 13.59 ? 36  TRP A CD2 1 
ATOM   243  N NE1 . TRP A 1 38  ? 0.096   -2.712  -0.299  1.00 13.63 ? 36  TRP A NE1 1 
ATOM   244  C CE2 . TRP A 1 38  ? -0.218  -1.984  -1.401  1.00 13.46 ? 36  TRP A CE2 1 
ATOM   245  C CE3 . TRP A 1 38  ? -1.509  0.072   -1.895  1.00 13.46 ? 36  TRP A CE3 1 
ATOM   246  C CZ2 . TRP A 1 38  ? 0.132   -2.156  -2.728  1.00 13.18 ? 36  TRP A CZ2 1 
ATOM   247  C CZ3 . TRP A 1 38  ? -1.148  -0.116  -3.232  1.00 13.29 ? 36  TRP A CZ3 1 
ATOM   248  C CH2 . TRP A 1 38  ? -0.342  -1.204  -3.634  1.00 13.58 ? 36  TRP A CH2 1 
ATOM   249  N N   . TYR A 1 39  ? -2.379  3.138   2.035   1.00 14.77 ? 37  TYR A N   1 
ATOM   250  C CA  . TYR A 1 39  ? -3.330  4.142   2.517   1.00 14.68 ? 37  TYR A CA  1 
ATOM   251  C C   . TYR A 1 39  ? -4.469  4.238   1.512   1.00 14.29 ? 37  TYR A C   1 
ATOM   252  O O   . TYR A 1 39  ? -4.347  3.729   0.396   1.00 14.07 ? 37  TYR A O   1 
ATOM   253  C CB  . TYR A 1 39  ? -2.633  5.503   2.645   1.00 15.89 ? 37  TYR A CB  1 
ATOM   254  C CG  . TYR A 1 39  ? -1.630  5.561   3.765   1.00 16.92 ? 37  TYR A CG  1 
ATOM   255  C CD1 . TYR A 1 39  ? -1.889  6.300   4.915   1.00 17.42 ? 37  TYR A CD1 1 
ATOM   256  C CD2 . TYR A 1 39  ? -0.423  4.844   3.687   1.00 17.37 ? 37  TYR A CD2 1 
ATOM   257  C CE1 . TYR A 1 39  ? -0.973  6.333   5.965   1.00 19.02 ? 37  TYR A CE1 1 
ATOM   258  C CE2 . TYR A 1 39  ? 0.494   4.878   4.723   1.00 18.97 ? 37  TYR A CE2 1 
ATOM   259  C CZ  . TYR A 1 39  ? 0.210   5.622   5.857   1.00 18.93 ? 37  TYR A CZ  1 
ATOM   260  O OH  . TYR A 1 39  ? 1.126   5.656   6.875   1.00 22.29 ? 37  TYR A OH  1 
ATOM   261  N N   . ARG A 1 40  ? -5.568  4.888   1.893   1.00 13.61 ? 38  ARG A N   1 
ATOM   262  C CA  . ARG A 1 40  ? -6.674  5.095   0.966   1.00 13.80 ? 38  ARG A CA  1 
ATOM   263  C C   . ARG A 1 40  ? -7.429  6.400   1.235   1.00 13.98 ? 38  ARG A C   1 
ATOM   264  O O   . ARG A 1 40  ? -7.463  6.897   2.356   1.00 14.64 ? 38  ARG A O   1 
ATOM   265  C CB  . ARG A 1 40  ? -7.649  3.915   1.005   1.00 13.60 ? 38  ARG A CB  1 
ATOM   266  C CG  . ARG A 1 40  ? -8.594  3.913   2.205   1.00 13.42 ? 38  ARG A CG  1 
ATOM   267  C CD  . ARG A 1 40  ? -9.563  2.753   2.115   1.00 13.77 ? 38  ARG A CD  1 
ATOM   268  N NE  . ARG A 1 40  ? -10.559 2.766   3.186   1.00 13.74 ? 38  ARG A NE  1 
ATOM   269  C CZ  . ARG A 1 40  ? -11.319 1.721   3.516   1.00 14.03 ? 38  ARG A CZ  1 
ATOM   270  N NH1 . ARG A 1 40  ? -11.180 0.549   2.883   1.00 13.63 ? 38  ARG A NH1 1 
ATOM   271  N NH2 . ARG A 1 40  ? -12.210 1.839   4.501   1.00 13.90 ? 38  ARG A NH2 1 
ATOM   272  N N   . ARG A 1 41  ? -8.032  6.942   0.190   1.00 14.28 ? 39  ARG A N   1 
ATOM   273  C CA  . ARG A 1 41  ? -8.855  8.132   0.314   1.00 14.06 ? 39  ARG A CA  1 
ATOM   274  C C   . ARG A 1 41  ? -10.210 7.772   -0.250  1.00 13.66 ? 39  ARG A C   1 
ATOM   275  O O   . ARG A 1 41  ? -10.358 7.611   -1.452  1.00 13.24 ? 39  ARG A O   1 
ATOM   276  C CB  . ARG A 1 41  ? -8.236  9.312   -0.434  1.00 14.53 ? 39  ARG A CB  1 
ATOM   277  C CG  . ARG A 1 41  ? -9.094  10.574  -0.367  1.00 15.77 ? 39  ARG A CG  1 
ATOM   278  C CD  . ARG A 1 41  ? -8.450  11.745  -1.089  1.00 15.74 ? 39  ARG A CD  1 
ATOM   279  N NE  . ARG A 1 41  ? -8.184  11.464  -2.503  1.00 16.67 ? 39  ARG A NE  1 
ATOM   280  C CZ  . ARG A 1 41  ? -9.080  11.574  -3.480  1.00 16.52 ? 39  ARG A CZ  1 
ATOM   281  N NH1 . ARG A 1 41  ? -10.327 11.941  -3.209  1.00 16.54 ? 39  ARG A NH1 1 
ATOM   282  N NH2 . ARG A 1 41  ? -8.729  11.300  -4.734  1.00 16.22 ? 39  ARG A NH2 1 
ATOM   283  N N   . ALA A 1 42  ? -11.187 7.600   0.637   1.00 13.37 ? 40  ALA A N   1 
ATOM   284  C CA  . ALA A 1 42  ? -12.548 7.328   0.229   1.00 13.18 ? 40  ALA A CA  1 
ATOM   285  C C   . ALA A 1 42  ? -13.160 8.639   -0.283  1.00 13.41 ? 40  ALA A C   1 
ATOM   286  O O   . ALA A 1 42  ? -12.635 9.710   0.025   1.00 13.80 ? 40  ALA A O   1 
ATOM   287  C CB  . ALA A 1 42  ? -13.335 6.765   1.410   1.00 13.40 ? 40  ALA A CB  1 
ATOM   288  N N   . PRO A 1 43  ? -14.275 8.572   -1.041  1.00 13.69 ? 41  PRO A N   1 
ATOM   289  C CA  . PRO A 1 43  ? -14.844 9.782   -1.658  1.00 14.30 ? 41  PRO A CA  1 
ATOM   290  C C   . PRO A 1 43  ? -15.099 10.901  -0.653  1.00 15.45 ? 41  PRO A C   1 
ATOM   291  O O   . PRO A 1 43  ? -15.729 10.671  0.377   1.00 14.95 ? 41  PRO A O   1 
ATOM   292  C CB  . PRO A 1 43  ? -16.171 9.285   -2.229  1.00 14.06 ? 41  PRO A CB  1 
ATOM   293  C CG  . PRO A 1 43  ? -15.896 7.852   -2.550  1.00 13.73 ? 41  PRO A CG  1 
ATOM   294  C CD  . PRO A 1 43  ? -15.041 7.370   -1.415  1.00 13.48 ? 41  PRO A CD  1 
ATOM   295  N N   . GLY A 1 44  ? -14.589 12.092  -0.965  1.00 16.71 ? 42  GLY A N   1 
ATOM   296  C CA  . GLY A 1 44  ? -14.733 13.287  -0.133  1.00 18.31 ? 42  GLY A CA  1 
ATOM   297  C C   . GLY A 1 44  ? -14.133 13.207  1.265   1.00 20.07 ? 42  GLY A C   1 
ATOM   298  O O   . GLY A 1 44  ? -14.444 14.041  2.122   1.00 20.28 ? 42  GLY A O   1 
ATOM   299  N N   . LYS A 1 45  ? -13.276 12.214  1.499   1.00 20.88 ? 43  LYS A N   1 
ATOM   300  C CA  . LYS A 1 45  ? -12.616 12.076  2.788   1.00 22.75 ? 43  LYS A CA  1 
ATOM   301  C C   . LYS A 1 45  ? -11.124 12.354  2.674   1.00 22.95 ? 43  LYS A C   1 
ATOM   302  O O   . LYS A 1 45  ? -10.605 12.600  1.578   1.00 22.13 ? 43  LYS A O   1 
ATOM   303  C CB  . LYS A 1 45  ? -12.832 10.678  3.362   1.00 24.50 ? 43  LYS A CB  1 
ATOM   304  C CG  . LYS A 1 45  ? -14.272 10.320  3.692   1.00 26.76 ? 43  LYS A CG  1 
ATOM   305  C CD  . LYS A 1 45  ? -14.274 8.962   4.366   1.00 29.56 ? 43  LYS A CD  1 
ATOM   306  C CE  . LYS A 1 45  ? -15.664 8.360   4.475   1.00 32.21 ? 43  LYS A CE  1 
ATOM   307  N NZ  . LYS A 1 45  ? -15.569 6.924   4.876   1.00 32.75 ? 43  LYS A NZ  1 
ATOM   308  N N   . GLN A 1 46  ? -10.445 12.313  3.816   1.00 22.62 ? 44  GLN A N   1 
ATOM   309  C CA  . GLN A 1 46  ? -8.996  12.411  3.865   1.00 23.94 ? 44  GLN A CA  1 
ATOM   310  C C   . GLN A 1 46  ? -8.339  11.027  3.789   1.00 23.09 ? 44  GLN A C   1 
ATOM   311  O O   . GLN A 1 46  ? -8.966  10.019  4.114   1.00 21.08 ? 44  GLN A O   1 
ATOM   312  C CB  . GLN A 1 46  ? -8.568  13.110  5.152   1.00 26.33 ? 44  GLN A CB  1 
ATOM   313  C CG  . GLN A 1 46  ? -8.807  14.610  5.130   1.00 28.56 ? 44  GLN A CG  1 
ATOM   314  C CD  . GLN A 1 46  ? -8.574  15.254  6.483   1.00 29.92 ? 44  GLN A CD  1 
ATOM   315  O OE1 . GLN A 1 46  ? -9.108  14.810  7.509   1.00 31.72 ? 44  GLN A OE1 1 
ATOM   316  N NE2 . GLN A 1 46  ? -7.781  16.316  6.490   1.00 29.73 ? 44  GLN A NE2 1 
ATOM   317  N N   . ARG A 1 47  ? -7.081  10.994  3.356   1.00 22.55 ? 45  ARG A N   1 
ATOM   318  C CA  . ARG A 1 47  ? -6.303  9.751   3.300   1.00 23.44 ? 45  ARG A CA  1 
ATOM   319  C C   . ARG A 1 47  ? -6.258  9.054   4.668   1.00 22.86 ? 45  ARG A C   1 
ATOM   320  O O   . ARG A 1 47  ? -6.042  9.702   5.694   1.00 22.21 ? 45  ARG A O   1 
ATOM   321  C CB  . ARG A 1 47  ? -4.887  10.072  2.827   1.00 24.75 ? 45  ARG A CB  1 
ATOM   322  C CG  . ARG A 1 47  ? -3.957  8.890   2.645   1.00 26.34 ? 45  ARG A CG  1 
ATOM   323  C CD  . ARG A 1 47  ? -2.625  9.359   2.054   1.00 28.58 ? 45  ARG A CD  1 
ATOM   324  N NE  . ARG A 1 47  ? -2.816  10.090  0.794   1.00 28.90 ? 45  ARG A NE  1 
ATOM   325  C CZ  . ARG A 1 47  ? -1.843  10.409  -0.058  1.00 29.32 ? 45  ARG A CZ  1 
ATOM   326  N NH1 . ARG A 1 47  ? -0.587  10.072  0.198   1.00 29.27 ? 45  ARG A NH1 1 
ATOM   327  N NH2 . ARG A 1 47  ? -2.125  11.069  -1.176  1.00 29.50 ? 45  ARG A NH2 1 
ATOM   328  N N   . GLU A 1 48  ? -6.466  7.741   4.685   1.00 21.86 ? 46  GLU A N   1 
ATOM   329  C CA  . GLU A 1 48  ? -6.398  6.979   5.929   1.00 21.34 ? 46  GLU A CA  1 
ATOM   330  C C   . GLU A 1 48  ? -5.508  5.734   5.803   1.00 19.69 ? 46  GLU A C   1 
ATOM   331  O O   . GLU A 1 48  ? -5.434  5.119   4.746   1.00 19.99 ? 46  GLU A O   1 
ATOM   332  C CB  . GLU A 1 48  ? -7.809  6.602   6.393   1.00 23.12 ? 46  GLU A CB  1 
ATOM   333  C CG  . GLU A 1 48  ? -8.528  5.613   5.488   1.00 25.60 ? 46  GLU A CG  1 
ATOM   334  C CD  . GLU A 1 48  ? -9.957  5.312   5.933   1.00 28.54 ? 46  GLU A CD  1 
ATOM   335  O OE1 . GLU A 1 48  ? -10.244 5.405   7.150   1.00 29.05 ? 46  GLU A OE1 1 
ATOM   336  O OE2 . GLU A 1 48  ? -10.795 4.966   5.066   1.00 29.34 ? 46  GLU A OE2 1 
ATOM   337  N N   . TRP A 1 49  ? -4.856  5.354   6.892   1.00 17.07 ? 47  TRP A N   1 
ATOM   338  C CA  . TRP A 1 49  ? -4.003  4.172   6.899   1.00 15.87 ? 47  TRP A CA  1 
ATOM   339  C C   . TRP A 1 49  ? -4.792  2.880   6.727   1.00 15.07 ? 47  TRP A C   1 
ATOM   340  O O   . TRP A 1 49  ? -5.845  2.705   7.337   1.00 15.19 ? 47  TRP A O   1 
ATOM   341  C CB  . TRP A 1 49  ? -3.168  4.169   8.174   1.00 15.45 ? 47  TRP A CB  1 
ATOM   342  C CG  . TRP A 1 49  ? -2.332  2.929   8.351   1.00 15.41 ? 47  TRP A CG  1 
ATOM   343  C CD1 . TRP A 1 49  ? -1.213  2.541   7.612   1.00 15.33 ? 47  TRP A CD1 1 
ATOM   344  C CD2 . TRP A 1 49  ? -2.525  1.867   9.343   1.00 15.65 ? 47  TRP A CD2 1 
ATOM   345  N NE1 . TRP A 1 49  ? -0.717  1.349   8.069   1.00 15.52 ? 47  TRP A NE1 1 
ATOM   346  C CE2 . TRP A 1 49  ? -1.460  0.885   9.102   1.00 15.25 ? 47  TRP A CE2 1 
ATOM   347  C CE3 . TRP A 1 49  ? -3.455  1.628   10.358  1.00 15.47 ? 47  TRP A CE3 1 
ATOM   348  C CZ2 . TRP A 1 49  ? -1.341  -0.262  9.856   1.00 15.51 ? 47  TRP A CZ2 1 
ATOM   349  C CZ3 . TRP A 1 49  ? -3.326  0.464   11.110  1.00 15.53 ? 47  TRP A CZ3 1 
ATOM   350  C CH2 . TRP A 1 49  ? -2.290  -0.456  10.871  1.00 15.85 ? 47  TRP A CH2 1 
ATOM   351  N N   . VAL A 1 50  ? -4.297  1.979   5.873   1.00 13.87 ? 48  VAL A N   1 
ATOM   352  C CA  . VAL A 1 50  ? -4.932  0.676   5.617   1.00 13.29 ? 48  VAL A CA  1 
ATOM   353  C C   . VAL A 1 50  ? -4.095  -0.487  6.180   1.00 13.68 ? 48  VAL A C   1 
ATOM   354  O O   . VAL A 1 50  ? -4.617  -1.334  6.910   1.00 13.61 ? 48  VAL A O   1 
ATOM   355  C CB  . VAL A 1 50  ? -5.162  0.414   4.097   1.00 12.98 ? 48  VAL A CB  1 
ATOM   356  C CG1 . VAL A 1 50  ? -5.725  -0.998  3.857   1.00 12.35 ? 48  VAL A CG1 1 
ATOM   357  C CG2 . VAL A 1 50  ? -6.072  1.474   3.478   1.00 12.36 ? 48  VAL A CG2 1 
ATOM   358  N N   . ALA A 1 51  ? -2.816  -0.553  5.799   1.00 13.98 ? 49  ALA A N   1 
ATOM   359  C CA  . ALA A 1 51  ? -1.944  -1.672  6.171   1.00 14.30 ? 49  ALA A CA  1 
ATOM   360  C C   . ALA A 1 51  ? -0.476  -1.312  6.041   1.00 14.94 ? 49  ALA A C   1 
ATOM   361  O O   . ALA A 1 51  ? -0.112  -0.473  5.216   1.00 14.71 ? 49  ALA A O   1 
ATOM   362  C CB  . ALA A 1 51  ? -2.260  -2.914  5.341   1.00 14.26 ? 49  ALA A CB  1 
ATOM   363  N N   . SER A 1 52  ? 0.347   -1.936  6.886   1.00 14.89 ? 50  SER A N   1 
ATOM   364  C CA  . SER A 1 52  ? 1.801   -1.821  6.841   1.00 16.17 ? 50  SER A CA  1 
ATOM   365  C C   . SER A 1 52  ? 2.430   -3.193  7.026   1.00 16.85 ? 50  SER A C   1 
ATOM   366  O O   . SER A 1 52  ? 1.832   -4.077  7.654   1.00 16.82 ? 50  SER A O   1 
ATOM   367  C CB  . SER A 1 52  ? 2.321   -0.896  7.950   1.00 17.11 ? 50  SER A CB  1 
ATOM   368  O OG  . SER A 1 52  ? 1.804   0.421   7.800   1.00 19.24 ? 50  SER A OG  1 
ATOM   369  N N   . LEU A 1 53  ? 3.635   -3.351  6.480   1.00 16.99 ? 51  LEU A N   1 
ATOM   370  C CA  . LEU A 1 53  ? 4.420   -4.555  6.642   1.00 17.63 ? 51  LEU A CA  1 
ATOM   371  C C   . LEU A 1 53  ? 5.887   -4.151  6.767   1.00 18.10 ? 51  LEU A C   1 
ATOM   372  O O   . LEU A 1 53  ? 6.483   -3.648  5.807   1.00 17.70 ? 51  LEU A O   1 
ATOM   373  C CB  . LEU A 1 53  ? 4.258   -5.453  5.417   1.00 17.63 ? 51  LEU A CB  1 
ATOM   374  C CG  . LEU A 1 53  ? 4.340   -6.974  5.563   1.00 18.54 ? 51  LEU A CG  1 
ATOM   375  C CD1 . LEU A 1 53  ? 4.560   -7.594  4.195   1.00 18.07 ? 51  LEU A CD1 1 
ATOM   376  C CD2 . LEU A 1 53  ? 5.387   -7.470  6.543   1.00 19.39 ? 51  LEU A CD2 1 
ATOM   377  N N   . THR A 1 54  ? 6.465   -4.371  7.943   1.00 18.32 ? 52  THR A N   1 
ATOM   378  C CA  . THR A 1 54  ? 7.864   -4.037  8.180   1.00 19.78 ? 52  THR A CA  1 
ATOM   379  C C   . THR A 1 54  ? 8.781   -5.054  7.504   1.00 20.66 ? 52  THR A C   1 
ATOM   380  O O   . THR A 1 54  ? 8.342   -6.149  7.134   1.00 20.46 ? 52  THR A O   1 
ATOM   381  C CB  . THR A 1 54  ? 8.205   -4.010  9.675   1.00 20.18 ? 52  THR A CB  1 
ATOM   382  O OG1 . THR A 1 54  ? 8.139   -5.349  10.190  1.00 20.87 ? 52  THR A OG1 1 
ATOM   383  C CG2 . THR A 1 54  ? 7.240   -3.130  10.429  1.00 19.61 ? 52  THR A CG2 1 
ATOM   384  N N   . THR A 1 55  ? 10.053  -4.683  7.363   1.00 22.29 ? 53  THR A N   1 
ATOM   385  C CA  . THR A 1 55  ? 11.074  -5.523  6.714   1.00 24.41 ? 53  THR A CA  1 
ATOM   386  C C   . THR A 1 55  ? 11.317  -6.853  7.459   1.00 25.57 ? 53  THR A C   1 
ATOM   387  O O   . THR A 1 55  ? 11.642  -7.867  6.842   1.00 25.93 ? 53  THR A O   1 
ATOM   388  C CB  . THR A 1 55  ? 12.387  -4.727  6.507   1.00 25.10 ? 53  THR A CB  1 
ATOM   389  O OG1 . THR A 1 55  ? 12.132  -3.616  5.636   1.00 24.98 ? 53  THR A OG1 1 
ATOM   390  C CG2 . THR A 1 55  ? 13.491  -5.592  5.882   1.00 26.36 ? 53  THR A CG2 1 
ATOM   391  N N   . THR A 1 56  ? 11.116  -6.843  8.772   1.00 27.52 ? 54  THR A N   1 
ATOM   392  C CA  . THR A 1 56  ? 11.209  -8.051  9.590   1.00 29.95 ? 54  THR A CA  1 
ATOM   393  C C   . THR A 1 56  ? 9.925   -8.900  9.615   1.00 31.20 ? 54  THR A C   1 
ATOM   394  O O   . THR A 1 56  ? 9.865   -9.914  10.316  1.00 33.15 ? 54  THR A O   1 
ATOM   395  C CB  . THR A 1 56  ? 11.577  -7.699  11.040  1.00 31.80 ? 54  THR A CB  1 
ATOM   396  O OG1 . THR A 1 56  ? 10.640  -6.732  11.536  1.00 33.17 ? 54  THR A OG1 1 
ATOM   397  C CG2 . THR A 1 56  ? 13.002  -7.121  11.111  1.00 31.76 ? 54  THR A CG2 1 
ATOM   398  N N   . GLY A 1 57  ? 8.896   -8.481  8.882   1.00 30.49 ? 55  GLY A N   1 
ATOM   399  C CA  . GLY A 1 57  ? 7.704   -9.312  8.688   1.00 29.16 ? 55  GLY A CA  1 
ATOM   400  C C   . GLY A 1 57  ? 6.481   -9.056  9.565   1.00 28.42 ? 55  GLY A C   1 
ATOM   401  O O   . GLY A 1 57  ? 5.578   -9.887  9.607   1.00 29.16 ? 55  GLY A O   1 
ATOM   402  N N   . THR A 1 58  ? 6.433   -7.914  10.248  1.00 27.27 ? 56  THR A N   1 
ATOM   403  C CA  . THR A 1 58  ? 5.288   -7.571  11.101  1.00 27.31 ? 56  THR A CA  1 
ATOM   404  C C   . THR A 1 58  ? 4.183   -6.819  10.343  1.00 26.99 ? 56  THR A C   1 
ATOM   405  O O   . THR A 1 58  ? 4.392   -5.698  9.887   1.00 27.05 ? 56  THR A O   1 
ATOM   406  C CB  . THR A 1 58  ? 5.746   -6.756  12.328  1.00 28.13 ? 56  THR A CB  1 
ATOM   407  O OG1 . THR A 1 58  ? 6.675   -7.539  13.088  1.00 29.08 ? 56  THR A OG1 1 
ATOM   408  C CG2 . THR A 1 58  ? 4.549   -6.354  13.218  1.00 28.60 ? 56  THR A CG2 1 
ATOM   409  N N   . ALA A 1 59  ? 3.011   -7.443  10.227  1.00 25.80 ? 57  ALA A N   1 
ATOM   410  C CA  . ALA A 1 59  ? 1.878   -6.871  9.499   1.00 25.01 ? 57  ALA A CA  1 
ATOM   411  C C   . ALA A 1 59  ? 0.847   -6.252  10.447  1.00 24.94 ? 57  ALA A C   1 
ATOM   412  O O   . ALA A 1 59  ? 0.517   -6.827  11.494  1.00 25.91 ? 57  ALA A O   1 
ATOM   413  C CB  . ALA A 1 59  ? 1.227   -7.926  8.618   1.00 23.46 ? 57  ALA A CB  1 
ATOM   414  N N   . ASP A 1 60  ? 0.353   -5.075  10.086  1.00 23.26 ? 58  ASP A N   1 
ATOM   415  C CA  . ASP A 1 60  ? -0.705  -4.396  10.847  1.00 22.42 ? 58  ASP A CA  1 
ATOM   416  C C   . ASP A 1 60  ? -1.743  -3.858  9.877   1.00 20.09 ? 58  ASP A C   1 
ATOM   417  O O   . ASP A 1 60  ? -1.412  -3.516  8.740   1.00 19.30 ? 58  ASP A O   1 
ATOM   418  C CB  . ASP A 1 60  ? -0.133  -3.263  11.707  1.00 24.10 ? 58  ASP A CB  1 
ATOM   419  C CG  . ASP A 1 60  ? 0.745   -3.769  12.849  1.00 28.32 ? 58  ASP A CG  1 
ATOM   420  O OD1 . ASP A 1 60  ? 0.269   -4.604  13.664  1.00 29.56 ? 58  ASP A OD1 1 
ATOM   421  O OD2 . ASP A 1 60  ? 1.919   -3.324  12.944  1.00 29.63 ? 58  ASP A OD2 1 
ATOM   422  N N   . TYR A 1 61  ? -2.993  -3.793  10.330  1.00 18.76 ? 59  TYR A N   1 
ATOM   423  C CA  . TYR A 1 61  ? -4.129  -3.431  9.485   1.00 17.78 ? 59  TYR A CA  1 
ATOM   424  C C   . TYR A 1 61  ? -5.040  -2.438  10.186  1.00 18.30 ? 59  TYR A C   1 
ATOM   425  O O   . TYR A 1 61  ? -5.159  -2.466  11.410  1.00 17.55 ? 59  TYR A O   1 
ATOM   426  C CB  . TYR A 1 61  ? -4.936  -4.686  9.138   1.00 17.55 ? 59  TYR A CB  1 
ATOM   427  C CG  . TYR A 1 61  ? -4.167  -5.712  8.344   1.00 16.71 ? 59  TYR A CG  1 
ATOM   428  C CD1 . TYR A 1 61  ? -4.037  -5.592  6.962   1.00 16.08 ? 59  TYR A CD1 1 
ATOM   429  C CD2 . TYR A 1 61  ? -3.543  -6.789  8.976   1.00 16.65 ? 59  TYR A CD2 1 
ATOM   430  C CE1 . TYR A 1 61  ? -3.331  -6.530  6.221   1.00 15.79 ? 59  TYR A CE1 1 
ATOM   431  C CE2 . TYR A 1 61  ? -2.834  -7.731  8.240   1.00 16.43 ? 59  TYR A CE2 1 
ATOM   432  C CZ  . TYR A 1 61  ? -2.734  -7.598  6.858   1.00 15.68 ? 59  TYR A CZ  1 
ATOM   433  O OH  . TYR A 1 61  ? -2.034  -8.526  6.117   1.00 14.82 ? 59  TYR A OH  1 
ATOM   434  N N   . GLY A 1 62  ? -5.681  -1.553  9.419   1.00 17.65 ? 60  GLY A N   1 
ATOM   435  C CA  . GLY A 1 62  ? -6.672  -0.641  9.986   1.00 17.64 ? 60  GLY A CA  1 
ATOM   436  C C   . GLY A 1 62  ? -7.862  -1.416  10.533  1.00 18.19 ? 60  GLY A C   1 
ATOM   437  O O   . GLY A 1 62  ? -8.088  -2.575  10.149  1.00 16.78 ? 60  GLY A O   1 
ATOM   438  N N   . ASP A 1 63  ? -8.614  -0.779  11.435  1.00 18.92 ? 61  ASP A N   1 
ATOM   439  C CA  . ASP A 1 63  ? -9.768  -1.402  12.110  1.00 20.18 ? 61  ASP A CA  1 
ATOM   440  C C   . ASP A 1 63  ? -10.857 -1.894  11.145  1.00 19.61 ? 61  ASP A C   1 
ATOM   441  O O   . ASP A 1 63  ? -11.513 -2.920  11.376  1.00 19.50 ? 61  ASP A O   1 
ATOM   442  C CB  . ASP A 1 63  ? -10.377 -0.425  13.134  1.00 22.22 ? 61  ASP A CB  1 
ATOM   443  C CG  . ASP A 1 63  ? -9.401  -0.052  14.264  1.00 24.69 ? 61  ASP A CG  1 
ATOM   444  O OD1 . ASP A 1 63  ? -8.618  -0.921  14.730  1.00 25.09 ? 61  ASP A OD1 1 
ATOM   445  O OD2 . ASP A 1 63  ? -9.432  1.122   14.704  1.00 28.11 ? 61  ASP A OD2 1 
ATOM   446  N N   . PHE A 1 64  ? -11.032 -1.166  10.053  1.00 18.42 ? 62  PHE A N   1 
ATOM   447  C CA  . PHE A 1 64  ? -12.040 -1.505  9.065   1.00 17.41 ? 62  PHE A CA  1 
ATOM   448  C C   . PHE A 1 64  ? -11.646 -2.704  8.184   1.00 17.29 ? 62  PHE A C   1 
ATOM   449  O O   . PHE A 1 64  ? -12.483 -3.224  7.443   1.00 16.32 ? 62  PHE A O   1 
ATOM   450  C CB  . PHE A 1 64  ? -12.328 -0.289  8.194   1.00 17.43 ? 62  PHE A CB  1 
ATOM   451  C CG  . PHE A 1 64  ? -11.093 0.292   7.549   1.00 17.64 ? 62  PHE A CG  1 
ATOM   452  C CD1 . PHE A 1 64  ? -10.571 -0.269  6.383   1.00 17.67 ? 62  PHE A CD1 1 
ATOM   453  C CD2 . PHE A 1 64  ? -10.447 1.400   8.110   1.00 17.85 ? 62  PHE A CD2 1 
ATOM   454  C CE1 . PHE A 1 64  ? -9.430  0.264   5.792   1.00 17.31 ? 62  PHE A CE1 1 
ATOM   455  C CE2 . PHE A 1 64  ? -9.306  1.936   7.522   1.00 17.79 ? 62  PHE A CE2 1 
ATOM   456  C CZ  . PHE A 1 64  ? -8.800  1.364   6.362   1.00 17.64 ? 62  PHE A CZ  1 
ATOM   457  N N   . VAL A 1 65  ? -10.387 -3.138  8.258   1.00 16.75 ? 63  VAL A N   1 
ATOM   458  C CA  . VAL A 1 65  ? -9.923  -4.248  7.413   1.00 16.78 ? 63  VAL A CA  1 
ATOM   459  C C   . VAL A 1 65  ? -10.622 -5.555  7.812   1.00 16.90 ? 63  VAL A C   1 
ATOM   460  O O   . VAL A 1 65  ? -11.162 -6.250  6.951   1.00 17.07 ? 63  VAL A O   1 
ATOM   461  C CB  . VAL A 1 65  ? -8.378  -4.400  7.404   1.00 16.37 ? 63  VAL A CB  1 
ATOM   462  C CG1 . VAL A 1 65  ? -7.962  -5.615  6.574   1.00 16.06 ? 63  VAL A CG1 1 
ATOM   463  C CG2 . VAL A 1 65  ? -7.731  -3.143  6.838   1.00 15.78 ? 63  VAL A CG2 1 
ATOM   464  N N   . LYS A 1 66  ? -10.628 -5.859  9.113   1.00 17.27 ? 64  LYS A N   1 
ATOM   465  C CA  . LYS A 1 66  ? -11.371 -7.014  9.660   1.00 17.77 ? 64  LYS A CA  1 
ATOM   466  C C   . LYS A 1 66  ? -11.004 -8.330  8.969   1.00 17.25 ? 64  LYS A C   1 
ATOM   467  O O   . LYS A 1 66  ? -11.882 -9.073  8.538   1.00 17.29 ? 64  LYS A O   1 
ATOM   468  C CB  . LYS A 1 66  ? -12.894 -6.790  9.574   1.00 18.67 ? 64  LYS A CB  1 
ATOM   469  C CG  . LYS A 1 66  ? -13.405 -5.606  10.381  1.00 20.96 ? 64  LYS A CG  1 
ATOM   470  C CD  . LYS A 1 66  ? -14.903 -5.417  10.168  1.00 22.07 ? 64  LYS A CD  1 
ATOM   471  C CE  . LYS A 1 66  ? -15.536 -4.615  11.297  1.00 24.61 ? 64  LYS A CE  1 
ATOM   472  N NZ  . LYS A 1 66  ? -15.026 -3.217  11.298  1.00 27.16 ? 64  LYS A NZ  1 
ATOM   473  N N   . GLY A 1 67  ? -9.706  -8.589  8.849   1.00 16.71 ? 65  GLY A N   1 
ATOM   474  C CA  . GLY A 1 67  ? -9.192  -9.837  8.287   1.00 16.30 ? 65  GLY A CA  1 
ATOM   475  C C   . GLY A 1 67  ? -9.377  -10.052 6.794   1.00 15.77 ? 65  GLY A C   1 
ATOM   476  O O   . GLY A 1 67  ? -9.054  -11.112 6.290   1.00 15.73 ? 65  GLY A O   1 
ATOM   477  N N   . ARG A 1 68  ? -9.909  -9.058  6.086   1.00 15.63 ? 66  ARG A N   1 
ATOM   478  C CA  . ARG A 1 68  ? -10.280 -9.247  4.675   1.00 15.24 ? 66  ARG A CA  1 
ATOM   479  C C   . ARG A 1 68  ? -9.123  -8.978  3.696   1.00 15.26 ? 66  ARG A C   1 
ATOM   480  O O   . ARG A 1 68  ? -9.101  -9.530  2.592   1.00 14.39 ? 66  ARG A O   1 
ATOM   481  C CB  . ARG A 1 68  ? -11.480 -8.372  4.318   1.00 15.58 ? 66  ARG A CB  1 
ATOM   482  C CG  . ARG A 1 68  ? -12.756 -8.637  5.130   1.00 15.98 ? 66  ARG A CG  1 
ATOM   483  C CD  . ARG A 1 68  ? -13.810 -7.583  4.781   1.00 16.42 ? 66  ARG A CD  1 
ATOM   484  N NE  . ARG A 1 68  ? -13.329 -6.216  5.045   1.00 16.90 ? 66  ARG A NE  1 
ATOM   485  C CZ  . ARG A 1 68  ? -13.510 -5.162  4.245   1.00 16.87 ? 66  ARG A CZ  1 
ATOM   486  N NH1 . ARG A 1 68  ? -14.151 -5.287  3.082   1.00 16.61 ? 66  ARG A NH1 1 
ATOM   487  N NH2 . ARG A 1 68  ? -13.010 -3.976  4.597   1.00 16.91 ? 66  ARG A NH2 1 
ATOM   488  N N   . PHE A 1 69  ? -8.191  -8.103  4.083   1.00 15.48 ? 67  PHE A N   1 
ATOM   489  C CA  . PHE A 1 69  ? -7.046  -7.748  3.223   1.00 15.72 ? 67  PHE A CA  1 
ATOM   490  C C   . PHE A 1 69  ? -5.766  -8.407  3.723   1.00 15.80 ? 67  PHE A C   1 
ATOM   491  O O   . PHE A 1 69  ? -5.587  -8.608  4.930   1.00 15.98 ? 67  PHE A O   1 
ATOM   492  C CB  . PHE A 1 69  ? -6.813  -6.227  3.123   1.00 15.20 ? 67  PHE A CB  1 
ATOM   493  C CG  . PHE A 1 69  ? -8.039  -5.413  2.735   1.00 15.60 ? 67  PHE A CG  1 
ATOM   494  C CD1 . PHE A 1 69  ? -9.152  -6.006  2.143   1.00 15.37 ? 67  PHE A CD1 1 
ATOM   495  C CD2 . PHE A 1 69  ? -8.057  -4.020  2.948   1.00 14.99 ? 67  PHE A CD2 1 
ATOM   496  C CE1 . PHE A 1 69  ? -10.262 -5.246  1.785   1.00 15.26 ? 67  PHE A CE1 1 
ATOM   497  C CE2 . PHE A 1 69  ? -9.164  -3.255  2.582   1.00 14.88 ? 67  PHE A CE2 1 
ATOM   498  C CZ  . PHE A 1 69  ? -10.261 -3.866  1.998   1.00 14.64 ? 67  PHE A CZ  1 
ATOM   499  N N   . THR A 1 70  ? -4.870  -8.736  2.797   1.00 15.84 ? 68  THR A N   1 
ATOM   500  C CA  . THR A 1 70  ? -3.586  -9.315  3.178   1.00 15.64 ? 68  THR A CA  1 
ATOM   501  C C   . THR A 1 70  ? -2.480  -8.525  2.488   1.00 15.78 ? 68  THR A C   1 
ATOM   502  O O   . THR A 1 70  ? -2.458  -8.424  1.237   1.00 15.84 ? 68  THR A O   1 
ATOM   503  C CB  . THR A 1 70  ? -3.511  -10.813 2.812   1.00 15.94 ? 68  THR A CB  1 
ATOM   504  O OG1 . THR A 1 70  ? -4.617  -11.510 3.406   1.00 16.43 ? 68  THR A OG1 1 
ATOM   505  C CG2 . THR A 1 70  ? -2.194  -11.444 3.289   1.00 16.28 ? 68  THR A CG2 1 
ATOM   506  N N   . ILE A 1 71  ? -1.584  -7.952  3.297   1.00 14.67 ? 69  ILE A N   1 
ATOM   507  C CA  . ILE A 1 71  ? -0.405  -7.273  2.766   1.00 14.69 ? 69  ILE A CA  1 
ATOM   508  C C   . ILE A 1 71  ? 0.769   -8.248  2.753   1.00 15.81 ? 69  ILE A C   1 
ATOM   509  O O   . ILE A 1 71  ? 0.982   -8.995  3.708   1.00 15.52 ? 69  ILE A O   1 
ATOM   510  C CB  . ILE A 1 71  ? -0.052  -5.964  3.527   1.00 14.13 ? 69  ILE A CB  1 
ATOM   511  C CG1 . ILE A 1 71  ? 1.152   -5.266  2.851   1.00 13.90 ? 69  ILE A CG1 1 
ATOM   512  C CG2 . ILE A 1 71  ? 0.200   -6.232  5.008   1.00 13.81 ? 69  ILE A CG2 1 
ATOM   513  C CD1 . ILE A 1 71  ? 1.522   -3.915  3.419   1.00 13.52 ? 69  ILE A CD1 1 
ATOM   514  N N   . SER A 1 72  ? 1.505   -8.271  1.652   1.00 16.49 ? 70  SER A N   1 
ATOM   515  C CA  . SER A 1 72  ? 2.712   -9.072  1.578   1.00 17.86 ? 70  SER A CA  1 
ATOM   516  C C   . SER A 1 72  ? 3.781   -8.312  0.812   1.00 18.38 ? 70  SER A C   1 
ATOM   517  O O   . SER A 1 72  ? 3.490   -7.348  0.085   1.00 17.16 ? 70  SER A O   1 
ATOM   518  C CB  . SER A 1 72  ? 2.456   -10.456 0.970   1.00 18.84 ? 70  SER A CB  1 
ATOM   519  O OG  . SER A 1 72  ? 1.778   -10.359 -0.258  1.00 20.70 ? 70  SER A OG  1 
ATOM   520  N N   . ARG A 1 73  ? 5.023   -8.732  1.014   1.00 18.54 ? 71  ARG A N   1 
ATOM   521  C CA  . ARG A 1 73  ? 6.155   -8.096  0.357   1.00 19.49 ? 71  ARG A CA  1 
ATOM   522  C C   . ARG A 1 73  ? 7.021   -9.157  -0.269  1.00 20.84 ? 71  ARG A C   1 
ATOM   523  O O   . ARG A 1 73  ? 7.161   -10.257 0.267   1.00 20.87 ? 71  ARG A O   1 
ATOM   524  C CB  . ARG A 1 73  ? 6.958   -7.243  1.335   1.00 17.82 ? 71  ARG A CB  1 
ATOM   525  C CG  . ARG A 1 73  ? 6.430   -5.825  1.490   1.00 17.01 ? 71  ARG A CG  1 
ATOM   526  C CD  . ARG A 1 73  ? 7.133   -5.125  2.634   1.00 16.37 ? 71  ARG A CD  1 
ATOM   527  N NE  . ARG A 1 73  ? 8.524   -4.848  2.283   1.00 15.80 ? 71  ARG A NE  1 
ATOM   528  C CZ  . ARG A 1 73  ? 9.426   -4.352  3.125   1.00 15.28 ? 71  ARG A CZ  1 
ATOM   529  N NH1 . ARG A 1 73  ? 9.086   -4.070  4.372   1.00 14.65 ? 71  ARG A NH1 1 
ATOM   530  N NH2 . ARG A 1 73  ? 10.662  -4.140  2.710   1.00 14.97 ? 71  ARG A NH2 1 
ATOM   531  N N   . ASP A 1 74  ? 7.590   -8.814  -1.411  1.00 22.54 ? 72  ASP A N   1 
ATOM   532  C CA  . ASP A 1 74  ? 8.382   -9.745  -2.188  1.00 25.04 ? 72  ASP A CA  1 
ATOM   533  C C   . ASP A 1 74  ? 9.748   -9.112  -2.423  1.00 25.93 ? 72  ASP A C   1 
ATOM   534  O O   . ASP A 1 74  ? 9.854   -8.094  -3.097  1.00 24.10 ? 72  ASP A O   1 
ATOM   535  C CB  . ASP A 1 74  ? 7.658   -10.041 -3.506  1.00 26.74 ? 72  ASP A CB  1 
ATOM   536  C CG  . ASP A 1 74  ? 8.358   -11.096 -4.344  1.00 29.13 ? 72  ASP A CG  1 
ATOM   537  O OD1 . ASP A 1 74  ? 9.515   -10.883 -4.745  1.00 30.21 ? 72  ASP A OD1 1 
ATOM   538  O OD2 . ASP A 1 74  ? 7.740   -12.136 -4.628  1.00 32.12 ? 72  ASP A OD2 1 
ATOM   539  N N   . ASN A 1 75  ? 10.784  -9.713  -1.837  1.00 28.04 ? 73  ASN A N   1 
ATOM   540  C CA  . ASN A 1 75  ? 12.174  -9.297  -2.054  1.00 30.16 ? 73  ASN A CA  1 
ATOM   541  C C   . ASN A 1 75  ? 12.617  -9.474  -3.506  1.00 28.22 ? 73  ASN A C   1 
ATOM   542  O O   . ASN A 1 75  ? 13.308  -8.619  -4.048  1.00 26.75 ? 73  ASN A O   1 
ATOM   543  C CB  . ASN A 1 75  ? 13.129  -10.083 -1.145  1.00 34.79 ? 73  ASN A CB  1 
ATOM   544  C CG  . ASN A 1 75  ? 12.805  -9.931  0.333   1.00 39.66 ? 73  ASN A CG  1 
ATOM   545  O OD1 . ASN A 1 75  ? 11.649  -10.067 0.766   1.00 43.17 ? 73  ASN A OD1 1 
ATOM   546  N ND2 . ASN A 1 75  ? 13.841  -9.675  1.128   1.00 43.25 ? 73  ASN A ND2 1 
ATOM   547  N N   . ALA A 1 76  ? 12.213  -10.582 -4.129  1.00 26.62 ? 74  ALA A N   1 
ATOM   548  C CA  . ALA A 1 76  ? 12.581  -10.886 -5.528  1.00 27.29 ? 74  ALA A CA  1 
ATOM   549  C C   . ALA A 1 76  ? 12.191  -9.788  -6.544  1.00 27.37 ? 74  ALA A C   1 
ATOM   550  O O   . ALA A 1 76  ? 12.890  -9.559  -7.549  1.00 26.81 ? 74  ALA A O   1 
ATOM   551  C CB  . ALA A 1 76  ? 11.975  -12.222 -5.942  1.00 26.73 ? 74  ALA A CB  1 
ATOM   552  N N   . ASN A 1 77  ? 11.064  -9.133  -6.284  1.00 26.01 ? 75  ASN A N   1 
ATOM   553  C CA  . ASN A 1 77  ? 10.527  -8.114  -7.182  1.00 25.97 ? 75  ASN A CA  1 
ATOM   554  C C   . ASN A 1 77  ? 10.498  -6.730  -6.529  1.00 22.74 ? 75  ASN A C   1 
ATOM   555  O O   . ASN A 1 77  ? 9.978   -5.789  -7.120  1.00 22.01 ? 75  ASN A O   1 
ATOM   556  C CB  . ASN A 1 77  ? 9.108   -8.508  -7.648  1.00 28.89 ? 75  ASN A CB  1 
ATOM   557  C CG  . ASN A 1 77  ? 9.083   -9.839  -8.389  1.00 32.22 ? 75  ASN A CG  1 
ATOM   558  O OD1 . ASN A 1 77  ? 9.417   -9.909  -9.569  1.00 35.72 ? 75  ASN A OD1 1 
ATOM   559  N ND2 . ASN A 1 77  ? 8.678   -10.905 -7.693  1.00 34.39 ? 75  ASN A ND2 1 
ATOM   560  N N   . ASN A 1 78  ? 11.056  -6.622  -5.316  1.00 20.70 ? 76  ASN A N   1 
ATOM   561  C CA  . ASN A 1 78  ? 10.949  -5.412  -4.473  1.00 19.23 ? 76  ASN A CA  1 
ATOM   562  C C   . ASN A 1 78  ? 9.575   -4.790  -4.571  1.00 18.11 ? 76  ASN A C   1 
ATOM   563  O O   . ASN A 1 78  ? 9.424   -3.635  -4.965  1.00 17.48 ? 76  ASN A O   1 
ATOM   564  C CB  . ASN A 1 78  ? 12.026  -4.399  -4.831  1.00 18.90 ? 76  ASN A CB  1 
ATOM   565  C CG  . ASN A 1 78  ? 13.391  -4.901  -4.479  1.00 18.86 ? 76  ASN A CG  1 
ATOM   566  O OD1 . ASN A 1 78  ? 13.733  -4.994  -3.302  1.00 17.47 ? 76  ASN A OD1 1 
ATOM   567  N ND2 . ASN A 1 78  ? 14.168  -5.272  -5.492  1.00 18.56 ? 76  ASN A ND2 1 
ATOM   568  N N   . ALA A 1 79  ? 8.575   -5.596  -4.237  1.00 16.91 ? 77  ALA A N   1 
ATOM   569  C CA  . ALA A 1 79  ? 7.192   -5.246  -4.449  1.00 15.72 ? 77  ALA A CA  1 
ATOM   570  C C   . ALA A 1 79  ? 6.451   -5.415  -3.141  1.00 15.38 ? 77  ALA A C   1 
ATOM   571  O O   . ALA A 1 79  ? 6.881   -6.156  -2.257  1.00 14.62 ? 77  ALA A O   1 
ATOM   572  C CB  . ALA A 1 79  ? 6.584   -6.147  -5.507  1.00 15.80 ? 77  ALA A CB  1 
ATOM   573  N N   . ALA A 1 80  ? 5.352   -4.688  -3.026  1.00 14.78 ? 78  ALA A N   1 
ATOM   574  C CA  . ALA A 1 80  ? 4.381   -4.890  -1.959  1.00 14.77 ? 78  ALA A CA  1 
ATOM   575  C C   . ALA A 1 80  ? 3.057   -5.137  -2.679  1.00 14.86 ? 78  ALA A C   1 
ATOM   576  O O   . ALA A 1 80  ? 2.843   -4.644  -3.787  1.00 14.41 ? 78  ALA A O   1 
ATOM   577  C CB  . ALA A 1 80  ? 4.292   -3.674  -1.060  1.00 14.24 ? 78  ALA A CB  1 
ATOM   578  N N   . THR A 1 81  ? 2.196   -5.928  -2.055  1.00 15.52 ? 79  THR A N   1 
ATOM   579  C CA  . THR A 1 81  ? 0.923   -6.299  -2.625  1.00 16.15 ? 79  THR A CA  1 
ATOM   580  C C   . THR A 1 81  ? -0.143  -6.195  -1.540  1.00 15.11 ? 79  THR A C   1 
ATOM   581  O O   . THR A 1 81  ? 0.133   -6.420  -0.362  1.00 13.94 ? 79  THR A O   1 
ATOM   582  C CB  . THR A 1 81  ? 0.991   -7.743  -3.169  1.00 18.59 ? 79  THR A CB  1 
ATOM   583  O OG1 . THR A 1 81  ? 1.903   -7.797  -4.282  1.00 22.96 ? 79  THR A OG1 1 
ATOM   584  C CG2 . THR A 1 81  ? -0.360  -8.200  -3.651  1.00 19.98 ? 79  THR A CG2 1 
ATOM   585  N N   . LEU A 1 82  ? -1.359  -5.835  -1.952  1.00 14.42 ? 80  LEU A N   1 
ATOM   586  C CA  . LEU A 1 82  ? -2.526  -5.918  -1.089  1.00 14.01 ? 80  LEU A CA  1 
ATOM   587  C C   . LEU A 1 82  ? -3.595  -6.780  -1.759  1.00 13.99 ? 80  LEU A C   1 
ATOM   588  O O   . LEU A 1 82  ? -4.199  -6.371  -2.768  1.00 13.22 ? 80  LEU A O   1 
ATOM   589  C CB  . LEU A 1 82  ? -3.074  -4.522  -0.762  1.00 13.84 ? 80  LEU A CB  1 
ATOM   590  C CG  . LEU A 1 82  ? -4.138  -4.439  0.354   1.00 14.08 ? 80  LEU A CG  1 
ATOM   591  C CD1 . LEU A 1 82  ? -3.552  -4.697  1.742   1.00 13.45 ? 80  LEU A CD1 1 
ATOM   592  C CD2 . LEU A 1 82  ? -4.880  -3.104  0.308   1.00 14.11 ? 80  LEU A CD2 1 
ATOM   593  N N   . GLN A 1 83  ? -3.801  -7.975  -1.206  1.00 14.24 ? 81  GLN A N   1 
ATOM   594  C CA  . GLN A 1 83  ? -4.887  -8.849  -1.630  1.00 15.70 ? 81  GLN A CA  1 
ATOM   595  C C   . GLN A 1 83  ? -6.162  -8.446  -0.897  1.00 15.50 ? 81  GLN A C   1 
ATOM   596  O O   . GLN A 1 83  ? -6.224  -8.533  0.325   1.00 15.11 ? 81  GLN A O   1 
ATOM   597  C CB  . GLN A 1 83  ? -4.564  -10.325 -1.342  1.00 17.47 ? 81  GLN A CB  1 
ATOM   598  C CG  . GLN A 1 83  ? -5.667  -11.298 -1.764  1.00 19.42 ? 81  GLN A CG  1 
ATOM   599  C CD  . GLN A 1 83  ? -6.037  -11.172 -3.242  1.00 21.80 ? 81  GLN A CD  1 
ATOM   600  O OE1 . GLN A 1 83  ? -5.163  -10.953 -4.095  1.00 24.23 ? 81  GLN A OE1 1 
ATOM   601  N NE2 . GLN A 1 83  ? -7.331  -11.323 -3.557  1.00 22.25 ? 81  GLN A NE2 1 
ATOM   602  N N   . MET A 1 84  ? -7.174  -8.019  -1.650  1.00 15.14 ? 82  MET A N   1 
ATOM   603  C CA  . MET A 1 84  ? -8.391  -7.481  -1.066  1.00 15.99 ? 82  MET A CA  1 
ATOM   604  C C   . MET A 1 84  ? -9.555  -8.391  -1.394  1.00 16.17 ? 82  MET A C   1 
ATOM   605  O O   . MET A 1 84  ? -9.989  -8.437  -2.542  1.00 15.17 ? 82  MET A O   1 
ATOM   606  C CB  . MET A 1 84  ? -8.686  -6.074  -1.607  1.00 16.22 ? 82  MET A CB  1 
ATOM   607  C CG  . MET A 1 84  ? -7.616  -5.021  -1.332  1.00 17.45 ? 82  MET A CG  1 
ATOM   608  S SD  . MET A 1 84  ? -8.111  -3.369  -1.904  1.00 19.81 ? 82  MET A SD  1 
ATOM   609  C CE  . MET A 1 84  ? -7.842  -3.529  -3.641  1.00 18.22 ? 82  MET A CE  1 
ATOM   610  N N   . ASP A 1 85  ? -10.055 -9.098  -0.381  1.00 16.32 ? 83  ASP A N   1 
ATOM   611  C CA  . ASP A 1 85  ? -11.242 -9.948  -0.523  1.00 16.48 ? 83  ASP A CA  1 
ATOM   612  C C   . ASP A 1 85  ? -12.433 -9.352  0.205   1.00 16.04 ? 83  ASP A C   1 
ATOM   613  O O   . ASP A 1 85  ? -12.280 -8.418  1.011   1.00 16.04 ? 83  ASP A O   1 
ATOM   614  C CB  . ASP A 1 85  ? -10.977 -11.357 0.031   1.00 17.44 ? 83  ASP A CB  1 
ATOM   615  C CG  . ASP A 1 85  ? -9.848  -12.063 -0.688  1.00 18.63 ? 83  ASP A CG  1 
ATOM   616  O OD1 . ASP A 1 85  ? -9.800  -12.035 -1.938  1.00 19.76 ? 83  ASP A OD1 1 
ATOM   617  O OD2 . ASP A 1 85  ? -8.991  -12.642 -0.002  1.00 19.85 ? 83  ASP A OD2 1 
ATOM   618  N N   . SER A 1 86  ? -13.616 -9.901  -0.077  1.00 15.35 ? 84  SER A N   1 
ATOM   619  C CA  . SER A 1 86  ? -14.854 -9.532  0.609   1.00 15.33 ? 84  SER A CA  1 
ATOM   620  C C   . SER A 1 86  ? -15.052 -8.025  0.606   1.00 15.06 ? 84  SER A C   1 
ATOM   621  O O   . SER A 1 86  ? -15.389 -7.424  1.625   1.00 14.90 ? 84  SER A O   1 
ATOM   622  C CB  . SER A 1 86  ? -14.882 -10.095 2.038   1.00 15.32 ? 84  SER A CB  1 
ATOM   623  O OG  . SER A 1 86  ? -14.688 -11.504 2.032   1.00 15.99 ? 84  SER A OG  1 
ATOM   624  N N   . LEU A 1 87  ? -14.824 -7.424  -0.558  1.00 15.39 ? 85  LEU A N   1 
ATOM   625  C CA  . LEU A 1 87  ? -14.903 -5.970  -0.712  1.00 15.83 ? 85  LEU A CA  1 
ATOM   626  C C   . LEU A 1 87  ? -16.332 -5.470  -0.538  1.00 16.66 ? 85  LEU A C   1 
ATOM   627  O O   . LEU A 1 87  ? -17.284 -6.168  -0.858  1.00 16.13 ? 85  LEU A O   1 
ATOM   628  C CB  . LEU A 1 87  ? -14.316 -5.542  -2.066  1.00 15.30 ? 85  LEU A CB  1 
ATOM   629  C CG  . LEU A 1 87  ? -12.783 -5.610  -2.171  1.00 14.96 ? 85  LEU A CG  1 
ATOM   630  C CD1 . LEU A 1 87  ? -12.332 -5.513  -3.616  1.00 15.00 ? 85  LEU A CD1 1 
ATOM   631  C CD2 . LEU A 1 87  ? -12.128 -4.511  -1.342  1.00 15.37 ? 85  LEU A CD2 1 
ATOM   632  N N   . LYS A 1 88  ? -16.465 -4.262  0.003   1.00 18.18 ? 86  LYS A N   1 
ATOM   633  C CA  . LYS A 1 88  ? -17.762 -3.626  0.218   1.00 18.31 ? 86  LYS A CA  1 
ATOM   634  C C   . LYS A 1 88  ? -17.731 -2.219  -0.379  1.00 17.92 ? 86  LYS A C   1 
ATOM   635  O O   . LYS A 1 88  ? -16.645 -1.656  -0.556  1.00 17.20 ? 86  LYS A O   1 
ATOM   636  C CB  . LYS A 1 88  ? -18.071 -3.559  1.712   1.00 19.92 ? 86  LYS A CB  1 
ATOM   637  C CG  . LYS A 1 88  ? -18.036 -4.914  2.401   1.00 21.79 ? 86  LYS A CG  1 
ATOM   638  C CD  . LYS A 1 88  ? -18.110 -4.773  3.906   1.00 22.63 ? 86  LYS A CD  1 
ATOM   639  C CE  . LYS A 1 88  ? -17.178 -3.704  4.436   1.00 24.14 ? 86  LYS A CE  1 
ATOM   640  N NZ  . LYS A 1 88  ? -17.496 -3.451  5.873   1.00 25.87 ? 86  LYS A NZ  1 
ATOM   641  N N   . PRO A 1 89  ? -18.910 -1.636  -0.679  1.00 17.50 ? 87  PRO A N   1 
ATOM   642  C CA  . PRO A 1 89  ? -18.941 -0.268  -1.218  1.00 17.86 ? 87  PRO A CA  1 
ATOM   643  C C   . PRO A 1 89  ? -18.088 0.722   -0.402  1.00 17.80 ? 87  PRO A C   1 
ATOM   644  O O   . PRO A 1 89  ? -17.476 1.631   -0.964  1.00 17.40 ? 87  PRO A O   1 
ATOM   645  C CB  . PRO A 1 89  ? -20.428 0.103   -1.142  1.00 17.90 ? 87  PRO A CB  1 
ATOM   646  C CG  . PRO A 1 89  ? -21.134 -1.213  -1.277  1.00 18.79 ? 87  PRO A CG  1 
ATOM   647  C CD  . PRO A 1 89  ? -20.267 -2.198  -0.532  1.00 18.11 ? 87  PRO A CD  1 
ATOM   648  N N   . GLU A 1 90  ? -18.044 0.504   0.909   1.00 18.58 ? 88  GLU A N   1 
ATOM   649  C CA  . GLU A 1 90  ? -17.268 1.297   1.860   1.00 19.59 ? 88  GLU A CA  1 
ATOM   650  C C   . GLU A 1 90  ? -15.756 1.268   1.582   1.00 17.39 ? 88  GLU A C   1 
ATOM   651  O O   . GLU A 1 90  ? -15.013 2.122   2.065   1.00 16.53 ? 88  GLU A O   1 
ATOM   652  C CB  . GLU A 1 90  ? -17.534 0.733   3.252   1.00 23.55 ? 88  GLU A CB  1 
ATOM   653  C CG  . GLU A 1 90  ? -17.333 1.688   4.412   1.00 28.48 ? 88  GLU A CG  1 
ATOM   654  C CD  . GLU A 1 90  ? -17.448 0.966   5.749   1.00 33.18 ? 88  GLU A CD  1 
ATOM   655  O OE1 . GLU A 1 90  ? -17.345 1.636   6.802   1.00 37.14 ? 88  GLU A OE1 1 
ATOM   656  O OE2 . GLU A 1 90  ? -17.625 -0.282  5.749   1.00 37.09 ? 88  GLU A OE2 1 
ATOM   657  N N   . ASP A 1 91  ? -15.306 0.283   0.809   1.00 15.35 ? 89  ASP A N   1 
ATOM   658  C CA  . ASP A 1 91  ? -13.894 0.192   0.429   1.00 13.85 ? 89  ASP A CA  1 
ATOM   659  C C   . ASP A 1 91  ? -13.567 1.007   -0.827  1.00 13.04 ? 89  ASP A C   1 
ATOM   660  O O   . ASP A 1 91  ? -12.386 1.141   -1.201  1.00 12.37 ? 89  ASP A O   1 
ATOM   661  C CB  . ASP A 1 91  ? -13.478 -1.275  0.251   1.00 13.92 ? 89  ASP A CB  1 
ATOM   662  C CG  . ASP A 1 91  ? -13.627 -2.092  1.543   1.00 13.95 ? 89  ASP A CG  1 
ATOM   663  O OD1 . ASP A 1 91  ? -13.133 -1.621  2.587   1.00 14.26 ? 89  ASP A OD1 1 
ATOM   664  O OD2 . ASP A 1 91  ? -14.221 -3.192  1.511   1.00 12.85 ? 89  ASP A OD2 1 
ATOM   665  N N   . THR A 1 92  ? -14.600 1.533   -1.494  1.00 11.85 ? 90  THR A N   1 
ATOM   666  C CA  . THR A 1 92  ? -14.399 2.443   -2.623  1.00 11.47 ? 90  THR A CA  1 
ATOM   667  C C   . THR A 1 92  ? -13.447 3.578   -2.204  1.00 11.26 ? 90  THR A C   1 
ATOM   668  O O   . THR A 1 92  ? -13.677 4.253   -1.201  1.00 10.78 ? 90  THR A O   1 
ATOM   669  C CB  . THR A 1 92  ? -15.744 2.993   -3.144  1.00 11.79 ? 90  THR A CB  1 
ATOM   670  O OG1 . THR A 1 92  ? -16.544 1.893   -3.634  1.00 11.83 ? 90  THR A OG1 1 
ATOM   671  C CG2 . THR A 1 92  ? -15.530 4.024   -4.243  1.00 11.65 ? 90  THR A CG2 1 
ATOM   672  N N   . ALA A 1 93  ? -12.353 3.754   -2.946  1.00 10.99 ? 91  ALA A N   1 
ATOM   673  C CA  . ALA A 1 93  ? -11.331 4.740   -2.565  1.00 11.09 ? 91  ALA A CA  1 
ATOM   674  C C   . ALA A 1 93  ? -10.211 4.764   -3.578  1.00 11.26 ? 91  ALA A C   1 
ATOM   675  O O   . ALA A 1 93  ? -10.114 3.873   -4.421  1.00 11.61 ? 91  ALA A O   1 
ATOM   676  C CB  . ALA A 1 93  ? -10.744 4.409   -1.186  1.00 10.90 ? 91  ALA A CB  1 
ATOM   677  N N   . VAL A 1 94  ? -9.352  5.781   -3.486  1.00 11.23 ? 92  VAL A N   1 
ATOM   678  C CA  . VAL A 1 94  ? -8.065  5.739   -4.178  1.00 11.59 ? 92  VAL A CA  1 
ATOM   679  C C   . VAL A 1 94  ? -7.025  5.180   -3.185  1.00 11.77 ? 92  VAL A C   1 
ATOM   680  O O   . VAL A 1 94  ? -6.829  5.745   -2.100  1.00 11.46 ? 92  VAL A O   1 
ATOM   681  C CB  . VAL A 1 94  ? -7.653  7.127   -4.725  1.00 11.70 ? 92  VAL A CB  1 
ATOM   682  C CG1 . VAL A 1 94  ? -6.270  7.058   -5.367  1.00 12.21 ? 92  VAL A CG1 1 
ATOM   683  C CG2 . VAL A 1 94  ? -8.674  7.610   -5.743  1.00 11.25 ? 92  VAL A CG2 1 
ATOM   684  N N   . TYR A 1 95  ? -6.389  4.064   -3.543  1.00 11.80 ? 93  TYR A N   1 
ATOM   685  C CA  . TYR A 1 95  ? -5.390  3.450   -2.676  1.00 12.09 ? 93  TYR A CA  1 
ATOM   686  C C   . TYR A 1 95  ? -3.955  3.855   -3.069  1.00 13.06 ? 93  TYR A C   1 
ATOM   687  O O   . TYR A 1 95  ? -3.561  3.756   -4.248  1.00 13.57 ? 93  TYR A O   1 
ATOM   688  C CB  . TYR A 1 95  ? -5.548  1.926   -2.689  1.00 11.79 ? 93  TYR A CB  1 
ATOM   689  C CG  . TYR A 1 95  ? -6.808  1.429   -2.008  1.00 11.30 ? 93  TYR A CG  1 
ATOM   690  C CD1 . TYR A 1 95  ? -8.065  1.588   -2.611  1.00 11.28 ? 93  TYR A CD1 1 
ATOM   691  C CD2 . TYR A 1 95  ? -6.750  0.806   -0.760  1.00 11.28 ? 93  TYR A CD2 1 
ATOM   692  C CE1 . TYR A 1 95  ? -9.224  1.134   -1.995  1.00 11.19 ? 93  TYR A CE1 1 
ATOM   693  C CE2 . TYR A 1 95  ? -7.905  0.341   -0.135  1.00 11.19 ? 93  TYR A CE2 1 
ATOM   694  C CZ  . TYR A 1 95  ? -9.139  0.517   -0.756  1.00 11.44 ? 93  TYR A CZ  1 
ATOM   695  O OH  . TYR A 1 95  ? -10.294 0.076   -0.142  1.00 11.38 ? 93  TYR A OH  1 
ATOM   696  N N   . TYR A 1 96  ? -3.187  4.312   -2.079  1.00 13.04 ? 94  TYR A N   1 
ATOM   697  C CA  . TYR A 1 96  ? -1.822  4.791   -2.287  1.00 13.51 ? 94  TYR A CA  1 
ATOM   698  C C   . TYR A 1 96  ? -0.808  3.859   -1.623  1.00 13.69 ? 94  TYR A C   1 
ATOM   699  O O   . TYR A 1 96  ? -0.963  3.481   -0.450  1.00 12.94 ? 94  TYR A O   1 
ATOM   700  C CB  . TYR A 1 96  ? -1.656  6.206   -1.713  1.00 14.35 ? 94  TYR A CB  1 
ATOM   701  C CG  . TYR A 1 96  ? -2.682  7.201   -2.218  1.00 15.69 ? 94  TYR A CG  1 
ATOM   702  C CD1 . TYR A 1 96  ? -3.854  7.440   -1.492  1.00 16.09 ? 94  TYR A CD1 1 
ATOM   703  C CD2 . TYR A 1 96  ? -2.491  7.902   -3.420  1.00 16.09 ? 94  TYR A CD2 1 
ATOM   704  C CE1 . TYR A 1 96  ? -4.804  8.337   -1.941  1.00 16.87 ? 94  TYR A CE1 1 
ATOM   705  C CE2 . TYR A 1 96  ? -3.447  8.815   -3.883  1.00 16.87 ? 94  TYR A CE2 1 
ATOM   706  C CZ  . TYR A 1 96  ? -4.595  9.027   -3.126  1.00 17.00 ? 94  TYR A CZ  1 
ATOM   707  O OH  . TYR A 1 96  ? -5.560  9.921   -3.528  1.00 18.61 ? 94  TYR A OH  1 
ATOM   708  N N   . CYS A 1 97  ? 0.214   3.484   -2.384  1.00 13.19 ? 95  CYS A N   1 
ATOM   709  C CA  . CYS A 1 97  ? 1.332   2.715   -1.849  1.00 14.26 ? 95  CYS A CA  1 
ATOM   710  C C   . CYS A 1 97  ? 2.335   3.669   -1.217  1.00 14.29 ? 95  CYS A C   1 
ATOM   711  O O   . CYS A 1 97  ? 2.573   4.758   -1.728  1.00 13.48 ? 95  CYS A O   1 
ATOM   712  C CB  . CYS A 1 97  ? 2.028   1.950   -2.970  1.00 14.14 ? 95  CYS A CB  1 
ATOM   713  S SG  . CYS A 1 97  ? 3.489   1.043   -2.422  1.00 16.44 ? 95  CYS A SG  1 
ATOM   714  N N   . ASN A 1 98  ? 2.935   3.259   -0.107  1.00 14.88 ? 96  ASN A N   1 
ATOM   715  C CA  . ASN A 1 98  ? 4.012   4.041   0.461   1.00 15.44 ? 96  ASN A CA  1 
ATOM   716  C C   . ASN A 1 98  ? 5.178   3.186   0.954   1.00 15.90 ? 96  ASN A C   1 
ATOM   717  O O   . ASN A 1 98  ? 5.003   2.000   1.274   1.00 15.34 ? 96  ASN A O   1 
ATOM   718  C CB  . ASN A 1 98  ? 3.490   4.999   1.548   1.00 17.16 ? 96  ASN A CB  1 
ATOM   719  C CG  . ASN A 1 98  ? 3.733   4.494   2.957   1.00 18.83 ? 96  ASN A CG  1 
ATOM   720  O OD1 . ASN A 1 98  ? 3.336   3.390   3.323   1.00 19.69 ? 96  ASN A OD1 1 
ATOM   721  N ND2 . ASN A 1 98  ? 4.373   5.319   3.764   1.00 20.49 ? 96  ASN A ND2 1 
ATOM   722  N N   . ALA A 1 99  ? 6.362   3.799   1.015   1.00 15.88 ? 97  ALA A N   1 
ATOM   723  C CA  . ALA A 1 99  ? 7.566   3.164   1.577   1.00 15.84 ? 97  ALA A CA  1 
ATOM   724  C C   . ALA A 1 99  ? 8.236   4.120   2.556   1.00 16.24 ? 97  ALA A C   1 
ATOM   725  O O   . ALA A 1 99  ? 8.417   5.307   2.255   1.00 15.57 ? 97  ALA A O   1 
ATOM   726  C CB  . ALA A 1 99  ? 8.528   2.775   0.471   1.00 15.09 ? 97  ALA A CB  1 
ATOM   727  N N   . ASP A 1 100 ? 8.571   3.594   3.733   1.00 17.72 ? 98  ASP A N   1 
ATOM   728  C CA  . ASP A 1 100 ? 9.283   4.327   4.790   1.00 19.73 ? 98  ASP A CA  1 
ATOM   729  C C   . ASP A 1 100 ? 10.666  3.724   4.981   1.00 18.70 ? 98  ASP A C   1 
ATOM   730  O O   . ASP A 1 100 ? 10.823  2.499   4.968   1.00 18.26 ? 98  ASP A O   1 
ATOM   731  C CB  . ASP A 1 100 ? 8.526   4.231   6.125   1.00 23.41 ? 98  ASP A CB  1 
ATOM   732  C CG  . ASP A 1 100 ? 7.392   5.225   6.228   1.00 28.04 ? 98  ASP A CG  1 
ATOM   733  O OD1 . ASP A 1 100 ? 7.605   6.426   5.940   1.00 32.35 ? 98  ASP A OD1 1 
ATOM   734  O OD2 . ASP A 1 100 ? 6.276   4.814   6.617   1.00 31.97 ? 98  ASP A OD2 1 
ATOM   735  N N   . GLY A 1 101 ? 11.664  4.574   5.170   1.00 17.24 ? 99  GLY A N   1 
ATOM   736  C CA  . GLY A 1 101 ? 12.997  4.076   5.447   1.00 17.30 ? 99  GLY A CA  1 
ATOM   737  C C   . GLY A 1 101 ? 13.919  5.162   5.948   1.00 17.09 ? 99  GLY A C   1 
ATOM   738  O O   . GLY A 1 101 ? 13.480  6.266   6.236   1.00 16.03 ? 99  GLY A O   1 
ATOM   739  N N   . ARG A 1 102 ? 15.207  4.830   6.025   1.00 17.64 ? 100 ARG A N   1 
ATOM   740  C CA  . ARG A 1 102 ? 16.248  5.767   6.402   1.00 18.57 ? 100 ARG A CA  1 
ATOM   741  C C   . ARG A 1 102 ? 17.293  5.794   5.314   1.00 17.23 ? 100 ARG A C   1 
ATOM   742  O O   . ARG A 1 102 ? 17.789  4.748   4.895   1.00 17.14 ? 100 ARG A O   1 
ATOM   743  C CB  . ARG A 1 102 ? 16.912  5.340   7.714   1.00 20.83 ? 100 ARG A CB  1 
ATOM   744  C CG  . ARG A 1 102 ? 16.262  5.918   8.950   1.00 23.52 ? 100 ARG A CG  1 
ATOM   745  C CD  . ARG A 1 102 ? 17.073  5.558   10.190  1.00 24.67 ? 100 ARG A CD  1 
ATOM   746  N NE  . ARG A 1 102 ? 16.999  4.131   10.467  1.00 25.24 ? 100 ARG A NE  1 
ATOM   747  C CZ  . ARG A 1 102 ? 17.217  3.573   11.650  1.00 26.46 ? 100 ARG A CZ  1 
ATOM   748  N NH1 . ARG A 1 102 ? 17.553  4.317   12.696  1.00 27.53 ? 100 ARG A NH1 1 
ATOM   749  N NH2 . ARG A 1 102 ? 17.111  2.258   11.779  1.00 27.50 ? 100 ARG A NH2 1 
ATOM   750  N N   . ARG A 1 103 ? 17.622  6.991   4.859   1.00 16.90 ? 101 ARG A N   1 
ATOM   751  C CA  . ARG A 1 103 ? 18.681  7.171   3.876   1.00 17.15 ? 101 ARG A CA  1 
ATOM   752  C C   . ARG A 1 103 ? 19.723  8.170   4.370   1.00 16.23 ? 101 ARG A C   1 
ATOM   753  O O   . ARG A 1 103 ? 19.411  9.071   5.152   1.00 15.65 ? 101 ARG A O   1 
ATOM   754  C CB  . ARG A 1 103 ? 18.094  7.618   2.540   1.00 17.82 ? 101 ARG A CB  1 
ATOM   755  C CG  . ARG A 1 103 ? 17.300  8.917   2.614   1.00 19.13 ? 101 ARG A CG  1 
ATOM   756  C CD  . ARG A 1 103 ? 16.830  9.351   1.232   1.00 21.31 ? 101 ARG A CD  1 
ATOM   757  N NE  . ARG A 1 103 ? 17.942  9.360   0.276   1.00 23.55 ? 101 ARG A NE  1 
ATOM   758  C CZ  . ARG A 1 103 ? 18.743  10.403  0.035   1.00 24.34 ? 101 ARG A CZ  1 
ATOM   759  N NH1 . ARG A 1 103 ? 18.572  11.570  0.666   1.00 24.03 ? 101 ARG A NH1 1 
ATOM   760  N NH2 . ARG A 1 103 ? 19.723  10.281  -0.857  1.00 24.78 ? 101 ARG A NH2 1 
ATOM   761  N N   . PHE A 1 104 ? 20.955  7.997   3.902   1.00 15.88 ? 102 PHE A N   1 
ATOM   762  C CA  . PHE A 1 104 ? 22.040  8.910   4.208   1.00 16.75 ? 102 PHE A CA  1 
ATOM   763  C C   . PHE A 1 104 ? 22.114  9.976   3.108   1.00 17.41 ? 102 PHE A C   1 
ATOM   764  O O   . PHE A 1 104 ? 22.324  9.638   1.945   1.00 16.57 ? 102 PHE A O   1 
ATOM   765  C CB  . PHE A 1 104 ? 23.372  8.143   4.313   1.00 16.30 ? 102 PHE A CB  1 
ATOM   766  C CG  . PHE A 1 104 ? 24.495  8.955   4.905   1.00 16.09 ? 102 PHE A CG  1 
ATOM   767  C CD1 . PHE A 1 104 ? 24.456  9.348   6.241   1.00 15.77 ? 102 PHE A CD1 1 
ATOM   768  C CD2 . PHE A 1 104 ? 25.592  9.329   4.132   1.00 16.53 ? 102 PHE A CD2 1 
ATOM   769  C CE1 . PHE A 1 104 ? 25.479  10.108  6.795   1.00 15.74 ? 102 PHE A CE1 1 
ATOM   770  C CE2 . PHE A 1 104 ? 26.628  10.088  4.688   1.00 16.73 ? 102 PHE A CE2 1 
ATOM   771  C CZ  . PHE A 1 104 ? 26.561  10.479  6.029   1.00 15.98 ? 102 PHE A CZ  1 
ATOM   772  N N   . ASP A 1 105 ? 21.944  11.247  3.482   1.00 18.68 ? 103 ASP A N   1 
ATOM   773  C CA  . ASP A 1 105 ? 21.945  12.361  2.520   1.00 19.99 ? 103 ASP A CA  1 
ATOM   774  C C   . ASP A 1 105 ? 23.355  12.904  2.218   1.00 20.48 ? 103 ASP A C   1 
ATOM   775  O O   . ASP A 1 105 ? 23.513  13.973  1.631   1.00 21.29 ? 103 ASP A O   1 
ATOM   776  C CB  . ASP A 1 105 ? 21.007  13.493  2.985   1.00 20.85 ? 103 ASP A CB  1 
ATOM   777  C CG  . ASP A 1 105 ? 21.568  14.308  4.154   1.00 21.51 ? 103 ASP A CG  1 
ATOM   778  O OD1 . ASP A 1 105 ? 20.799  15.128  4.715   1.00 21.71 ? 103 ASP A OD1 1 
ATOM   779  O OD2 . ASP A 1 105 ? 22.756  14.140  4.514   1.00 21.23 ? 103 ASP A OD2 1 
ATOM   780  N N   . GLY A 1 106 ? 24.373  12.173  2.653   1.00 20.55 ? 104 GLY A N   1 
ATOM   781  C CA  . GLY A 1 106 ? 25.746  12.589  2.447   1.00 19.86 ? 104 GLY A CA  1 
ATOM   782  C C   . GLY A 1 106 ? 26.317  13.276  3.669   1.00 19.92 ? 104 GLY A C   1 
ATOM   783  O O   . GLY A 1 106 ? 27.524  13.455  3.753   1.00 19.57 ? 104 GLY A O   1 
ATOM   784  N N   . ALA A 1 107 ? 25.456  13.660  4.615   1.00 19.92 ? 105 ALA A N   1 
ATOM   785  C CA  . ALA A 1 107 ? 25.914  14.246  5.876   1.00 20.06 ? 105 ALA A CA  1 
ATOM   786  C C   . ALA A 1 107 ? 25.270  13.623  7.127   1.00 20.32 ? 105 ALA A C   1 
ATOM   787  O O   . ALA A 1 107 ? 25.950  13.430  8.140   1.00 19.46 ? 105 ALA A O   1 
ATOM   788  C CB  . ALA A 1 107 ? 25.717  15.760  5.872   1.00 20.19 ? 105 ALA A CB  1 
ATOM   789  N N   . ARG A 1 108 ? 23.975  13.308  7.041   1.00 20.65 ? 106 ARG A N   1 
ATOM   790  C CA  . ARG A 1 108 ? 23.215  12.732  8.157   1.00 21.07 ? 106 ARG A CA  1 
ATOM   791  C C   . ARG A 1 108 ? 22.218  11.668  7.677   1.00 20.03 ? 106 ARG A C   1 
ATOM   792  O O   . ARG A 1 108 ? 21.799  11.665  6.515   1.00 18.29 ? 106 ARG A O   1 
ATOM   793  C CB  . ARG A 1 108 ? 22.445  13.826  8.893   1.00 23.47 ? 106 ARG A CB  1 
ATOM   794  C CG  . ARG A 1 108 ? 21.376  14.492  8.038   1.00 25.86 ? 106 ARG A CG  1 
ATOM   795  C CD  . ARG A 1 108 ? 20.484  15.445  8.816   1.00 29.77 ? 106 ARG A CD  1 
ATOM   796  N NE  . ARG A 1 108 ? 19.564  14.740  9.707   1.00 33.45 ? 106 ARG A NE  1 
ATOM   797  C CZ  . ARG A 1 108 ? 18.285  15.074  9.899   1.00 35.49 ? 106 ARG A CZ  1 
ATOM   798  N NH1 . ARG A 1 108 ? 17.527  14.367  10.735  1.00 34.38 ? 106 ARG A NH1 1 
ATOM   799  N NH2 . ARG A 1 108 ? 17.753  16.101  9.246   1.00 36.59 ? 106 ARG A NH2 1 
ATOM   800  N N   . TRP A 1 109 ? 21.839  10.771  8.584   1.00 18.62 ? 107 TRP A N   1 
ATOM   801  C CA  . TRP A 1 109 ? 20.752  9.847   8.311   1.00 18.34 ? 107 TRP A CA  1 
ATOM   802  C C   . TRP A 1 109 ? 19.455  10.592  8.412   1.00 19.93 ? 107 TRP A C   1 
ATOM   803  O O   . TRP A 1 109 ? 19.251  11.395  9.326   1.00 19.34 ? 107 TRP A O   1 
ATOM   804  C CB  . TRP A 1 109 ? 20.791  8.658   9.259   1.00 16.75 ? 107 TRP A CB  1 
ATOM   805  C CG  . TRP A 1 109 ? 22.000  7.813   9.005   1.00 16.28 ? 107 TRP A CG  1 
ATOM   806  C CD1 . TRP A 1 109 ? 23.240  7.877   9.644   1.00 16.00 ? 107 TRP A CD1 1 
ATOM   807  C CD2 . TRP A 1 109 ? 22.158  6.795   7.965   1.00 15.39 ? 107 TRP A CD2 1 
ATOM   808  N NE1 . TRP A 1 109 ? 24.120  6.984   9.087   1.00 15.74 ? 107 TRP A NE1 1 
ATOM   809  C CE2 . TRP A 1 109 ? 23.531  6.300   8.077   1.00 15.60 ? 107 TRP A CE2 1 
ATOM   810  C CE3 . TRP A 1 109 ? 21.330  6.274   6.980   1.00 15.55 ? 107 TRP A CE3 1 
ATOM   811  C CZ2 . TRP A 1 109 ? 24.031  5.316   7.234   1.00 15.42 ? 107 TRP A CZ2 1 
ATOM   812  C CZ3 . TRP A 1 109 ? 21.838  5.271   6.145   1.00 15.79 ? 107 TRP A CZ3 1 
ATOM   813  C CH2 . TRP A 1 109 ? 23.161  4.803   6.273   1.00 15.22 ? 107 TRP A CH2 1 
ATOM   814  N N   . ARG A 1 110 ? 18.573  10.340  7.454   1.00 20.97 ? 108 ARG A N   1 
ATOM   815  C CA  . ARG A 1 110 ? 17.289  11.008  7.387   1.00 22.61 ? 108 ARG A CA  1 
ATOM   816  C C   . ARG A 1 110 ? 16.194  10.004  7.099   1.00 22.09 ? 108 ARG A C   1 
ATOM   817  O O   . ARG A 1 110 ? 16.370  9.085   6.298   1.00 20.55 ? 108 ARG A O   1 
ATOM   818  C CB  . ARG A 1 110 ? 17.309  12.068  6.290   1.00 25.93 ? 108 ARG A CB  1 
ATOM   819  C CG  . ARG A 1 110 ? 17.944  13.367  6.745   1.00 29.61 ? 108 ARG A CG  1 
ATOM   820  C CD  . ARG A 1 110 ? 17.614  14.508  5.810   1.00 34.28 ? 108 ARG A CD  1 
ATOM   821  N NE  . ARG A 1 110 ? 18.133  15.770  6.337   1.00 39.82 ? 108 ARG A NE  1 
ATOM   822  C CZ  . ARG A 1 110 ? 18.448  16.823  5.589   1.00 42.37 ? 108 ARG A CZ  1 
ATOM   823  N NH1 . ARG A 1 110 ? 18.303  16.764  4.267   1.00 45.77 ? 108 ARG A NH1 1 
ATOM   824  N NH2 . ARG A 1 110 ? 18.921  17.929  6.161   1.00 42.55 ? 108 ARG A NH2 1 
ATOM   825  N N   . GLU A 1 111 ? 15.071  10.179  7.775   1.00 21.58 ? 109 GLU A N   1 
ATOM   826  C CA  . GLU A 1 111 ? 13.906  9.370   7.526   1.00 22.90 ? 109 GLU A CA  1 
ATOM   827  C C   . GLU A 1 111 ? 13.230  9.884   6.251   1.00 20.90 ? 109 GLU A C   1 
ATOM   828  O O   . GLU A 1 111 ? 13.226  11.084  5.971   1.00 20.05 ? 109 GLU A O   1 
ATOM   829  C CB  . GLU A 1 111 ? 12.970  9.440   8.730   1.00 26.80 ? 109 GLU A CB  1 
ATOM   830  C CG  . GLU A 1 111 ? 11.964  8.310   8.798   1.00 31.41 ? 109 GLU A CG  1 
ATOM   831  C CD  . GLU A 1 111 ? 11.307  8.242   10.158  1.00 36.68 ? 109 GLU A CD  1 
ATOM   832  O OE1 . GLU A 1 111 ? 12.053  8.129   11.158  1.00 40.01 ? 109 GLU A OE1 1 
ATOM   833  O OE2 . GLU A 1 111 ? 10.055  8.305   10.230  1.00 39.28 ? 109 GLU A OE2 1 
ATOM   834  N N   . TYR A 1 112 ? 12.709  8.974   5.443   1.00 18.92 ? 110 TYR A N   1 
ATOM   835  C CA  . TYR A 1 112 ? 12.010  9.388   4.232   1.00 18.25 ? 110 TYR A CA  1 
ATOM   836  C C   . TYR A 1 112 ? 10.705  8.635   4.108   1.00 18.24 ? 110 TYR A C   1 
ATOM   837  O O   . TYR A 1 112 ? 10.523  7.569   4.704   1.00 17.09 ? 110 TYR A O   1 
ATOM   838  C CB  . TYR A 1 112 ? 12.882  9.192   2.970   1.00 16.86 ? 110 TYR A CB  1 
ATOM   839  C CG  . TYR A 1 112 ? 13.049  7.748   2.558   1.00 16.03 ? 110 TYR A CG  1 
ATOM   840  C CD1 . TYR A 1 112 ? 12.055  7.087   1.828   1.00 15.90 ? 110 TYR A CD1 1 
ATOM   841  C CD2 . TYR A 1 112 ? 14.198  7.030   2.912   1.00 15.71 ? 110 TYR A CD2 1 
ATOM   842  C CE1 . TYR A 1 112 ? 12.196  5.746   1.464   1.00 15.23 ? 110 TYR A CE1 1 
ATOM   843  C CE2 . TYR A 1 112 ? 14.353  5.697   2.548   1.00 15.10 ? 110 TYR A CE2 1 
ATOM   844  C CZ  . TYR A 1 112 ? 13.350  5.060   1.820   1.00 14.86 ? 110 TYR A CZ  1 
ATOM   845  O OH  . TYR A 1 112 ? 13.495  3.740   1.459   1.00 14.25 ? 110 TYR A OH  1 
ATOM   846  N N   . GLU A 1 113 ? 9.798   9.218   3.332   1.00 19.19 ? 111 GLU A N   1 
ATOM   847  C CA  . GLU A 1 113 ? 8.578   8.552   2.944   1.00 20.33 ? 111 GLU A CA  1 
ATOM   848  C C   . GLU A 1 113 ? 8.348   8.743   1.453   1.00 18.98 ? 111 GLU A C   1 
ATOM   849  O O   . GLU A 1 113 ? 8.388   9.870   0.961   1.00 19.70 ? 111 GLU A O   1 
ATOM   850  C CB  . GLU A 1 113 ? 7.390   9.041   3.762   1.00 23.11 ? 111 GLU A CB  1 
ATOM   851  C CG  . GLU A 1 113 ? 6.211   8.098   3.633   1.00 27.66 ? 111 GLU A CG  1 
ATOM   852  C CD  . GLU A 1 113 ? 5.143   8.307   4.683   1.00 31.14 ? 111 GLU A CD  1 
ATOM   853  O OE1 . GLU A 1 113 ? 4.557   9.414   4.738   1.00 34.30 ? 111 GLU A OE1 1 
ATOM   854  O OE2 . GLU A 1 113 ? 4.875   7.350   5.445   1.00 34.38 ? 111 GLU A OE2 1 
ATOM   855  N N   . SER A 1 114 ? 8.141   7.642   0.736   1.00 16.85 ? 112 SER A N   1 
ATOM   856  C CA  . SER A 1 114 ? 7.852   7.701   -0.686  1.00 16.68 ? 112 SER A CA  1 
ATOM   857  C C   . SER A 1 114 ? 6.424   7.282   -0.939  1.00 15.49 ? 112 SER A C   1 
ATOM   858  O O   . SER A 1 114 ? 5.888   6.451   -0.216  1.00 14.40 ? 112 SER A O   1 
ATOM   859  C CB  . SER A 1 114 ? 8.789   6.780   -1.475  1.00 16.90 ? 112 SER A CB  1 
ATOM   860  O OG  . SER A 1 114 ? 10.128  7.197   -1.334  1.00 19.04 ? 112 SER A OG  1 
ATOM   861  N N   . TRP A 1 115 ? 5.828   7.821   -1.996  1.00 15.01 ? 113 TRP A N   1 
ATOM   862  C CA  . TRP A 1 115 ? 4.439   7.499   -2.337  1.00 15.23 ? 113 TRP A CA  1 
ATOM   863  C C   . TRP A 1 115 ? 4.274   7.104   -3.784  1.00 15.58 ? 113 TRP A C   1 
ATOM   864  O O   . TRP A 1 115 ? 4.975   7.618   -4.655  1.00 15.33 ? 113 TRP A O   1 
ATOM   865  C CB  . TRP A 1 115 ? 3.562   8.706   -2.050  1.00 15.35 ? 113 TRP A CB  1 
ATOM   866  C CG  . TRP A 1 115 ? 3.458   9.048   -0.584  1.00 15.66 ? 113 TRP A CG  1 
ATOM   867  C CD1 . TRP A 1 115 ? 4.214   9.979   0.140   1.00 16.04 ? 113 TRP A CD1 1 
ATOM   868  C CD2 . TRP A 1 115 ? 2.506   8.491   0.380   1.00 15.87 ? 113 TRP A CD2 1 
ATOM   869  N NE1 . TRP A 1 115 ? 3.813   10.020  1.457   1.00 15.92 ? 113 TRP A NE1 1 
ATOM   870  C CE2 . TRP A 1 115 ? 2.793   9.147   1.671   1.00 16.11 ? 113 TRP A CE2 1 
ATOM   871  C CE3 . TRP A 1 115 ? 1.492   7.536   0.316   1.00 15.59 ? 113 TRP A CE3 1 
ATOM   872  C CZ2 . TRP A 1 115 ? 2.069   8.851   2.825   1.00 16.28 ? 113 TRP A CZ2 1 
ATOM   873  C CZ3 . TRP A 1 115 ? 0.777   7.249   1.489   1.00 16.30 ? 113 TRP A CZ3 1 
ATOM   874  C CH2 . TRP A 1 115 ? 1.056   7.895   2.709   1.00 16.27 ? 113 TRP A CH2 1 
ATOM   875  N N   . GLY A 1 116 ? 3.348   6.191   -4.052  1.00 15.36 ? 114 GLY A N   1 
ATOM   876  C CA  . GLY A 1 116 ? 2.879   5.960   -5.412  1.00 16.30 ? 114 GLY A CA  1 
ATOM   877  C C   . GLY A 1 116 ? 1.824   6.996   -5.794  1.00 17.08 ? 114 GLY A C   1 
ATOM   878  O O   . GLY A 1 116 ? 1.457   7.846   -4.980  1.00 15.94 ? 114 GLY A O   1 
ATOM   879  N N   . GLN A 1 117 ? 1.330   6.925   -7.028  1.00 18.20 ? 115 GLN A N   1 
ATOM   880  C CA  . GLN A 1 117 ? 0.373   7.922   -7.517  1.00 19.81 ? 115 GLN A CA  1 
ATOM   881  C C   . GLN A 1 117 ? -1.093  7.579   -7.240  1.00 18.89 ? 115 GLN A C   1 
ATOM   882  O O   . GLN A 1 117 ? -1.970  8.373   -7.553  1.00 19.46 ? 115 GLN A O   1 
ATOM   883  C CB  . GLN A 1 117 ? 0.557   8.171   -9.015  1.00 21.71 ? 115 GLN A CB  1 
ATOM   884  C CG  . GLN A 1 117 ? 1.984   8.467   -9.421  1.00 25.36 ? 115 GLN A CG  1 
ATOM   885  C CD  . GLN A 1 117 ? 2.347   9.927   -9.260  1.00 29.01 ? 115 GLN A CD  1 
ATOM   886  O OE1 . GLN A 1 117 ? 2.383   10.466  -8.145  1.00 30.05 ? 115 GLN A OE1 1 
ATOM   887  N NE2 . GLN A 1 117 ? 2.641   10.578  -10.385 1.00 31.43 ? 115 GLN A NE2 1 
ATOM   888  N N   . GLY A 1 118 ? -1.362  6.411   -6.675  1.00 17.31 ? 116 GLY A N   1 
ATOM   889  C CA  . GLY A 1 118 ? -2.740  6.056   -6.333  1.00 16.53 ? 116 GLY A CA  1 
ATOM   890  C C   . GLY A 1 118 ? -3.393  5.163   -7.369  1.00 16.26 ? 116 GLY A C   1 
ATOM   891  O O   . GLY A 1 118 ? -3.233  5.370   -8.581  1.00 16.81 ? 116 GLY A O   1 
ATOM   892  N N   . THR A 1 119 ? -4.122  4.160   -6.888  1.00 15.38 ? 117 THR A N   1 
ATOM   893  C CA  . THR A 1 119 ? -4.840  3.205   -7.746  1.00 14.74 ? 117 THR A CA  1 
ATOM   894  C C   . THR A 1 119 ? -6.333  3.258   -7.388  1.00 14.32 ? 117 THR A C   1 
ATOM   895  O O   . THR A 1 119 ? -6.683  3.100   -6.214  1.00 12.69 ? 117 THR A O   1 
ATOM   896  C CB  . THR A 1 119 ? -4.307  1.764   -7.517  1.00 15.08 ? 117 THR A CB  1 
ATOM   897  O OG1 . THR A 1 119 ? -2.931  1.681   -7.909  1.00 15.61 ? 117 THR A OG1 1 
ATOM   898  C CG2 . THR A 1 119 ? -5.099  0.749   -8.319  1.00 15.28 ? 117 THR A CG2 1 
ATOM   899  N N   . GLN A 1 120 ? -7.197  3.484   -8.391  1.00 14.31 ? 118 GLN A N   1 
ATOM   900  C CA  . GLN A 1 120 ? -8.645  3.612   -8.158  1.00 14.86 ? 118 GLN A CA  1 
ATOM   901  C C   . GLN A 1 120 ? -9.302  2.256   -7.879  1.00 14.55 ? 118 GLN A C   1 
ATOM   902  O O   . GLN A 1 120 ? -9.050  1.269   -8.579  1.00 14.11 ? 118 GLN A O   1 
ATOM   903  C CB  . GLN A 1 120 ? -9.374  4.288   -9.335  1.00 16.40 ? 118 GLN A CB  1 
ATOM   904  C CG  . GLN A 1 120 ? -8.546  5.292   -10.121 1.00 18.61 ? 118 GLN A CG  1 
ATOM   905  C CD  . GLN A 1 120 ? -9.292  5.919   -11.300 1.00 19.14 ? 118 GLN A CD  1 
ATOM   906  O OE1 . GLN A 1 120 ? -10.183 5.318   -11.907 1.00 20.20 ? 118 GLN A OE1 1 
ATOM   907  N NE2 . GLN A 1 120 ? -8.911  7.131   -11.630 1.00 19.25 ? 118 GLN A NE2 1 
ATOM   908  N N   . VAL A 1 121 ? -10.136 2.214   -6.845  1.00 14.12 ? 119 VAL A N   1 
ATOM   909  C CA  . VAL A 1 121 ? -10.929 1.025   -6.527  1.00 13.69 ? 119 VAL A CA  1 
ATOM   910  C C   . VAL A 1 121 ? -12.387 1.438   -6.352  1.00 13.97 ? 119 VAL A C   1 
ATOM   911  O O   . VAL A 1 121 ? -12.686 2.372   -5.604  1.00 13.24 ? 119 VAL A O   1 
ATOM   912  C CB  . VAL A 1 121 ? -10.415 0.297   -5.262  1.00 13.66 ? 119 VAL A CB  1 
ATOM   913  C CG1 . VAL A 1 121 ? -11.443 -0.700  -4.716  1.00 13.01 ? 119 VAL A CG1 1 
ATOM   914  C CG2 . VAL A 1 121 ? -9.085  -0.403  -5.550  1.00 13.97 ? 119 VAL A CG2 1 
ATOM   915  N N   . THR A 1 122 ? -13.282 0.761   -7.072  1.00 14.41 ? 120 THR A N   1 
ATOM   916  C CA  . THR A 1 122 ? -14.716 0.995   -6.925  1.00 15.00 ? 120 THR A CA  1 
ATOM   917  C C   . THR A 1 122 ? -15.419 -0.321  -6.594  1.00 15.37 ? 120 THR A C   1 
ATOM   918  O O   . THR A 1 122 ? -15.185 -1.337  -7.236  1.00 15.41 ? 120 THR A O   1 
ATOM   919  C CB  . THR A 1 122 ? -15.313 1.625   -8.195  1.00 14.78 ? 120 THR A CB  1 
ATOM   920  O OG1 . THR A 1 122 ? -14.605 2.834   -8.498  1.00 14.63 ? 120 THR A OG1 1 
ATOM   921  C CG2 . THR A 1 122 ? -16.789 1.937   -8.010  1.00 14.07 ? 120 THR A CG2 1 
ATOM   922  N N   . ILE A 1 123 ? -16.260 -0.298  -5.568  1.00 16.41 ? 121 ILE A N   1 
ATOM   923  C CA  . ILE A 1 123 ? -17.060 -1.459  -5.206  1.00 17.56 ? 121 ILE A CA  1 
ATOM   924  C C   . ILE A 1 123 ? -18.512 -1.024  -5.103  1.00 18.89 ? 121 ILE A C   1 
ATOM   925  O O   . ILE A 1 123 ? -18.832 -0.132  -4.334  1.00 18.49 ? 121 ILE A O   1 
ATOM   926  C CB  . ILE A 1 123 ? -16.589 -2.060  -3.866  1.00 18.25 ? 121 ILE A CB  1 
ATOM   927  C CG1 . ILE A 1 123 ? -15.068 -2.189  -3.898  1.00 18.62 ? 121 ILE A CG1 1 
ATOM   928  C CG2 . ILE A 1 123 ? -17.245 -3.421  -3.604  1.00 18.23 ? 121 ILE A CG2 1 
ATOM   929  C CD1 . ILE A 1 123 ? -14.419 -2.157  -2.550  1.00 20.80 ? 121 ILE A CD1 1 
ATOM   930  N N   . SER A 1 124 ? -19.387 -1.656  -5.881  1.00 21.20 ? 122 SER A N   1 
ATOM   931  C CA  . SER A 1 124 ? -20.794 -1.284  -5.858  1.00 24.22 ? 122 SER A CA  1 
ATOM   932  C C   . SER A 1 124 ? -21.697 -2.456  -5.519  1.00 26.74 ? 122 SER A C   1 
ATOM   933  O O   . SER A 1 124 ? -21.389 -3.618  -5.830  1.00 27.64 ? 122 SER A O   1 
ATOM   934  C CB  . SER A 1 124 ? -21.215 -0.630  -7.175  1.00 23.23 ? 122 SER A CB  1 
ATOM   935  O OG  . SER A 1 124 ? -20.836 -1.442  -8.251  1.00 24.71 ? 122 SER A OG  1 
ATOM   936  N N   . SER A 1 125 ? -22.822 -2.124  -4.891  1.00 30.40 ? 123 SER A N   1 
ATOM   937  C CA  . SER A 1 125 ? -23.762 -3.102  -4.358  1.00 33.76 ? 123 SER A CA  1 
ATOM   938  C C   . SER A 1 125 ? -24.426 -3.946  -5.452  1.00 36.25 ? 123 SER A C   1 
ATOM   939  O O   . SER A 1 125 ? -24.133 -3.788  -6.651  1.00 34.70 ? 123 SER A O   1 
ATOM   940  C CB  . SER A 1 125 ? -24.822 -2.393  -3.489  1.00 35.78 ? 123 SER A CB  1 
ATOM   941  O OG  . SER A 1 125 ? -25.859 -1.831  -4.286  1.00 37.57 ? 123 SER A OG  1 
HETATM 942  O O   . HOH B 2 .   ? 10.531  -3.434  -8.456  1.00 13.95 ? 201 HOH A O   1 
HETATM 943  O O   . HOH B 2 .   ? -0.783  -9.953  -0.449  1.00 20.15 ? 202 HOH A O   1 
HETATM 944  O O   . HOH B 2 .   ? -7.074  -11.191 1.702   1.00 17.13 ? 203 HOH A O   1 
HETATM 945  O O   . HOH B 2 .   ? -13.622 12.210  -4.091  1.00 2.00  ? 204 HOH A O   1 
HETATM 946  O O   . HOH B 2 .   ? -1.122  -10.654 7.455   1.00 19.31 ? 205 HOH A O   1 
HETATM 947  O O   . HOH B 2 .   ? 9.530   -5.393  -0.593  1.00 26.60 ? 206 HOH A O   1 
HETATM 948  O O   . HOH B 2 .   ? -18.219 -12.573 -4.773  1.00 13.35 ? 207 HOH A O   1 
HETATM 949  O O   . HOH B 2 .   ? -5.965  3.713   -11.226 1.00 7.67  ? 208 HOH A O   1 
HETATM 950  O O   . HOH B 2 .   ? -7.017  -6.363  -9.109  1.00 12.51 ? 209 HOH A O   1 
HETATM 951  O O   . HOH B 2 .   ? -15.757 4.568   0.285   1.00 17.30 ? 210 HOH A O   1 
HETATM 952  O O   . HOH B 2 .   ? 7.117   10.595  -2.946  1.00 3.39  ? 211 HOH A O   1 
HETATM 953  O O   . HOH B 2 .   ? 10.539  12.104  2.362   1.00 11.19 ? 212 HOH A O   1 
HETATM 954  O O   . HOH B 2 .   ? -5.775  13.593  2.673   1.00 19.32 ? 213 HOH A O   1 
HETATM 955  O O   . HOH B 2 .   ? -10.611 7.818   3.445   1.00 15.21 ? 214 HOH A O   1 
HETATM 956  O O   . HOH B 2 .   ? -2.193  -6.423  -8.986  1.00 12.76 ? 215 HOH A O   1 
HETATM 957  O O   . HOH B 2 .   ? -4.962  7.077   9.423   1.00 16.64 ? 216 HOH A O   1 
HETATM 958  O O   . HOH B 2 .   ? -11.534 13.191  -1.089  1.00 17.40 ? 217 HOH A O   1 
HETATM 959  O O   . HOH B 2 .   ? 9.237   1.626   -9.218  1.00 10.46 ? 218 HOH A O   1 
HETATM 960  O O   . HOH B 2 .   ? 23.359  11.330  11.276  1.00 16.58 ? 219 HOH A O   1 
HETATM 961  O O   . HOH B 2 .   ? 14.950  12.649  9.762   1.00 19.72 ? 220 HOH A O   1 
HETATM 962  O O   . HOH B 2 .   ? 13.263  -5.403  -8.184  1.00 23.72 ? 221 HOH A O   1 
HETATM 963  O O   . HOH B 2 .   ? 14.321  -2.359  -8.046  0.50 8.07  ? 222 HOH A O   1 
HETATM 964  O O   . HOH B 2 .   ? -7.153  -7.303  10.123  1.00 4.62  ? 223 HOH A O   1 
HETATM 965  O O   . HOH B 2 .   ? -5.063  -11.290 8.954   1.00 38.73 ? 224 HOH A O   1 
HETATM 966  O O   . HOH B 2 .   ? -6.432  -8.787  7.447   1.00 16.28 ? 225 HOH A O   1 
HETATM 967  O O   . HOH B 2 .   ? -3.197  -5.901  12.997  1.00 28.73 ? 226 HOH A O   1 
HETATM 968  O O   . HOH B 2 .   ? 18.944  4.972   -6.295  1.00 19.63 ? 227 HOH A O   1 
HETATM 969  O O   . HOH B 2 .   ? -18.742 4.951   -1.380  1.00 34.48 ? 228 HOH A O   1 
HETATM 970  O O   . HOH B 2 .   ? -11.817 12.319  6.558   1.00 23.52 ? 229 HOH A O   1 
HETATM 971  O O   . HOH B 2 .   ? -7.387  2.021   12.079  1.00 17.69 ? 230 HOH A O   1 
HETATM 972  O O   . HOH B 2 .   ? 2.401   -10.086 11.701  1.00 26.80 ? 231 HOH A O   1 
HETATM 973  O O   . HOH B 2 .   ? 4.101   -9.317  -2.612  1.00 16.45 ? 232 HOH A O   1 
HETATM 974  O O   . HOH B 2 .   ? -12.309 -12.433 3.739   1.00 16.86 ? 233 HOH A O   1 
HETATM 975  O O   . HOH B 2 .   ? -18.666 -4.233  -11.144 1.00 40.82 ? 234 HOH A O   1 
HETATM 976  O O   . HOH B 2 .   ? -6.753  3.781   9.621   1.00 21.91 ? 235 HOH A O   1 
HETATM 977  O O   . HOH B 2 .   ? 5.196   -11.160 2.826   1.00 16.11 ? 236 HOH A O   1 
HETATM 978  O O   . HOH B 2 .   ? -8.806  -4.993  11.301  1.00 18.67 ? 237 HOH A O   1 
HETATM 979  O O   . HOH B 2 .   ? 10.217  -12.387 -0.348  1.00 23.78 ? 238 HOH A O   1 
HETATM 980  O O   . HOH B 2 .   ? 7.325   -10.513 4.949   1.00 18.98 ? 239 HOH A O   1 
HETATM 981  O O   . HOH B 2 .   ? -15.291 -3.091  7.326   1.00 26.20 ? 240 HOH A O   1 
HETATM 982  O O   . HOH B 2 .   ? -13.874 3.302   7.249   1.00 34.80 ? 241 HOH A O   1 
HETATM 983  O O   . HOH B 2 .   ? -12.425 2.093   11.330  1.00 35.22 ? 242 HOH A O   1 
HETATM 984  O O   . HOH B 2 .   ? -16.969 8.641   1.497   1.00 28.22 ? 243 HOH A O   1 
HETATM 985  O O   . HOH B 2 .   ? 4.793   11.866  3.714   1.00 18.86 ? 244 HOH A O   1 
HETATM 986  O O   . HOH B 2 .   ? -19.060 -10.239 -5.802  1.00 21.07 ? 245 HOH A O   1 
HETATM 987  O O   . HOH B 2 .   ? 0.720   10.550  -3.089  1.00 41.73 ? 246 HOH A O   1 
HETATM 988  O O   . HOH B 2 .   ? 2.054   5.125   -9.238  1.00 8.55  ? 247 HOH A O   1 
HETATM 989  O O   . HOH B 2 .   ? 2.801   -1.975  -10.417 1.00 20.28 ? 248 HOH A O   1 
HETATM 990  O O   . HOH B 2 .   ? -2.829  2.072   -10.471 1.00 21.52 ? 249 HOH A O   1 
HETATM 991  O O   . HOH B 2 .   ? 17.874  6.903   -1.489  1.00 7.97  ? 250 HOH A O   1 
HETATM 992  O O   . HOH B 2 .   ? -13.894 -0.354  4.723   1.00 20.08 ? 251 HOH A O   1 
HETATM 993  O O   . HOH B 2 .   ? -23.437 -3.998  -1.060  1.00 25.48 ? 252 HOH A O   1 
HETATM 994  O O   . HOH B 2 .   ? 3.522   -3.191  10.636  1.00 30.49 ? 253 HOH A O   1 
HETATM 995  O O   . HOH B 2 .   ? 19.800  14.286  -0.612  1.00 26.45 ? 254 HOH A O   1 
HETATM 996  O O   . HOH B 2 .   ? -0.713  4.524   -10.384 1.00 31.68 ? 255 HOH A O   1 
HETATM 997  O O   . HOH B 2 .   ? -2.045  11.096  -7.587  1.00 33.02 ? 256 HOH A O   1 
HETATM 998  O O   . HOH B 2 .   ? -20.313 -0.781  2.826   1.00 14.28 ? 257 HOH A O   1 
HETATM 999  O O   . HOH B 2 .   ? -16.550 6.055   2.616   1.00 41.13 ? 258 HOH A O   1 
HETATM 1000 O O   . HOH B 2 .   ? -7.754  -13.043 4.628   1.00 36.24 ? 259 HOH A O   1 
# 
